data_2CXH
# 
_entry.id   2CXH 
# 
_audit_conform.dict_name       mmcif_pdbx.dic 
_audit_conform.dict_version    5.398 
_audit_conform.dict_location   http://mmcif.pdb.org/dictionaries/ascii/mmcif_pdbx.dic 
# 
loop_
_database_2.database_id 
_database_2.database_code 
_database_2.pdbx_database_accession 
_database_2.pdbx_DOI 
PDB   2CXH         pdb_00002cxh 10.2210/pdb2cxh/pdb 
RCSB  RCSB024735   ?            ?                   
WWPDB D_1000024735 ?            ?                   
# 
loop_
_pdbx_audit_revision_history.ordinal 
_pdbx_audit_revision_history.data_content_type 
_pdbx_audit_revision_history.major_revision 
_pdbx_audit_revision_history.minor_revision 
_pdbx_audit_revision_history.revision_date 
1 'Structure model' 1 0 2005-12-29 
2 'Structure model' 1 1 2008-04-30 
3 'Structure model' 1 2 2011-07-13 
4 'Structure model' 1 3 2024-11-13 
# 
_pdbx_audit_revision_details.ordinal             1 
_pdbx_audit_revision_details.revision_ordinal    1 
_pdbx_audit_revision_details.data_content_type   'Structure model' 
_pdbx_audit_revision_details.provider            repository 
_pdbx_audit_revision_details.type                'Initial release' 
_pdbx_audit_revision_details.description         ? 
_pdbx_audit_revision_details.details             ? 
# 
loop_
_pdbx_audit_revision_group.ordinal 
_pdbx_audit_revision_group.revision_ordinal 
_pdbx_audit_revision_group.data_content_type 
_pdbx_audit_revision_group.group 
1 2 'Structure model' 'Version format compliance' 
2 3 'Structure model' 'Source and taxonomy'       
3 3 'Structure model' 'Version format compliance' 
4 4 'Structure model' 'Data collection'           
5 4 'Structure model' 'Database references'       
6 4 'Structure model' 'Derived calculations'      
7 4 'Structure model' 'Structure summary'         
# 
loop_
_pdbx_audit_revision_category.ordinal 
_pdbx_audit_revision_category.revision_ordinal 
_pdbx_audit_revision_category.data_content_type 
_pdbx_audit_revision_category.category 
1 4 'Structure model' chem_comp_atom            
2 4 'Structure model' chem_comp_bond            
3 4 'Structure model' database_2                
4 4 'Structure model' pdbx_entry_details        
5 4 'Structure model' pdbx_modification_feature 
6 4 'Structure model' struct_conn               
7 4 'Structure model' struct_ref_seq_dif        
# 
loop_
_pdbx_audit_revision_item.ordinal 
_pdbx_audit_revision_item.revision_ordinal 
_pdbx_audit_revision_item.data_content_type 
_pdbx_audit_revision_item.item 
1 4 'Structure model' '_database_2.pdbx_DOI'                
2 4 'Structure model' '_database_2.pdbx_database_accession' 
3 4 'Structure model' '_struct_conn.pdbx_leaving_atom_flag' 
4 4 'Structure model' '_struct_ref_seq_dif.details'         
# 
_pdbx_database_status.status_code                     REL 
_pdbx_database_status.entry_id                        2CXH 
_pdbx_database_status.recvd_initial_deposition_date   2005-06-29 
_pdbx_database_status.deposit_site                    PDBJ 
_pdbx_database_status.process_site                    PDBJ 
_pdbx_database_status.status_code_sf                  REL 
_pdbx_database_status.status_code_mr                  ? 
_pdbx_database_status.SG_entry                        Y 
_pdbx_database_status.pdb_format_compatible           Y 
_pdbx_database_status.status_code_cs                  ? 
_pdbx_database_status.status_code_nmr_data            ? 
_pdbx_database_status.methods_development_category    ? 
# 
_pdbx_database_related.db_name        TargetDB 
_pdbx_database_related.db_id          ape001001443.1 
_pdbx_database_related.details        . 
_pdbx_database_related.content_type   unspecified 
# 
loop_
_audit_author.name 
_audit_author.pdbx_ordinal 
'Kawazoe, M.'                                            1 
'Takemoto, C.'                                           2 
'Hanawa-Suetsugu, K.'                                    3 
'Kaminishi, T.'                                          4 
'Terada, T.'                                             5 
'Shirouzu, M.'                                           6 
'Yokoyama, S.'                                           7 
'RIKEN Structural Genomics/Proteomics Initiative (RSGI)' 8 
# 
_citation.id                        primary 
_citation.title                     'Crystal structure of probable ribosomal biogenesis protein from Aeropyrum pernix K1' 
_citation.journal_abbrev            'To be Published' 
_citation.journal_volume            ? 
_citation.page_first                ? 
_citation.page_last                 ? 
_citation.year                      ? 
_citation.journal_id_ASTM           ? 
_citation.country                   ? 
_citation.journal_id_ISSN           ? 
_citation.journal_id_CSD            0353 
_citation.book_publisher            ? 
_citation.pdbx_database_id_PubMed   ? 
_citation.pdbx_database_id_DOI      ? 
# 
loop_
_citation_author.citation_id 
_citation_author.name 
_citation_author.ordinal 
_citation_author.identifier_ORCID 
primary 'Kawazoe, M.'         1 ? 
primary 'Takemoto, C.'        2 ? 
primary 'Hanawa-Suetsugu, K.' 3 ? 
primary 'Kaminishi, T.'       4 ? 
primary 'Terada, T.'          5 ? 
primary 'Shirouzu, M.'        6 ? 
primary 'Yokoyama, S.'        7 ? 
# 
loop_
_entity.id 
_entity.type 
_entity.src_method 
_entity.pdbx_description 
_entity.formula_weight 
_entity.pdbx_number_of_molecules 
_entity.pdbx_ec 
_entity.pdbx_mutation 
_entity.pdbx_fragment 
_entity.details 
1 polymer man 'Probable brix-domain ribosomal biogenesis protein' 23774.678 1   ? ? ? ? 
2 water   nat water                                               18.015    150 ? ? ? ? 
# 
_entity_poly.entity_id                      1 
_entity_poly.type                           'polypeptide(L)' 
_entity_poly.nstd_linkage                   no 
_entity_poly.nstd_monomer                   yes 
_entity_poly.pdbx_seq_one_letter_code       
;(MSE)GSSHHHHHHSSGLVPAGSH(MSE)LGGKGRPSGVGGYRILVTTSRRPSPRIRSFVKDLSATIPGAFRFTRGHYS
(MSE)EELAREAIIRGADRIVVVGERRGNPGIIRVYAVEGPERPDNIVSFIVKGVSLSRERRWGLPSLRGGEVLVARPLD
SGVAVEFADAFVIAFHARLKPPEAAGYVEAVIESLDARTVAVTFRYGGAPVGP(MSE)LRLGKPAE(MSE)VKRGRRV
;
_entity_poly.pdbx_seq_one_letter_code_can   
;MGSSHHHHHHSSGLVPAGSHMLGGKGRPSGVGGYRILVTTSRRPSPRIRSFVKDLSATIPGAFRFTRGHYSMEELAREAI
IRGADRIVVVGERRGNPGIIRVYAVEGPERPDNIVSFIVKGVSLSRERRWGLPSLRGGEVLVARPLDSGVAVEFADAFVI
AFHARLKPPEAAGYVEAVIESLDARTVAVTFRYGGAPVGPMLRLGKPAEMVKRGRRV
;
_entity_poly.pdbx_strand_id                 A 
_entity_poly.pdbx_target_identifier         ape001001443.1 
# 
_pdbx_entity_nonpoly.entity_id   2 
_pdbx_entity_nonpoly.name        water 
_pdbx_entity_nonpoly.comp_id     HOH 
# 
loop_
_entity_poly_seq.entity_id 
_entity_poly_seq.num 
_entity_poly_seq.mon_id 
_entity_poly_seq.hetero 
1 1   MSE n 
1 2   GLY n 
1 3   SER n 
1 4   SER n 
1 5   HIS n 
1 6   HIS n 
1 7   HIS n 
1 8   HIS n 
1 9   HIS n 
1 10  HIS n 
1 11  SER n 
1 12  SER n 
1 13  GLY n 
1 14  LEU n 
1 15  VAL n 
1 16  PRO n 
1 17  ALA n 
1 18  GLY n 
1 19  SER n 
1 20  HIS n 
1 21  MSE n 
1 22  LEU n 
1 23  GLY n 
1 24  GLY n 
1 25  LYS n 
1 26  GLY n 
1 27  ARG n 
1 28  PRO n 
1 29  SER n 
1 30  GLY n 
1 31  VAL n 
1 32  GLY n 
1 33  GLY n 
1 34  TYR n 
1 35  ARG n 
1 36  ILE n 
1 37  LEU n 
1 38  VAL n 
1 39  THR n 
1 40  THR n 
1 41  SER n 
1 42  ARG n 
1 43  ARG n 
1 44  PRO n 
1 45  SER n 
1 46  PRO n 
1 47  ARG n 
1 48  ILE n 
1 49  ARG n 
1 50  SER n 
1 51  PHE n 
1 52  VAL n 
1 53  LYS n 
1 54  ASP n 
1 55  LEU n 
1 56  SER n 
1 57  ALA n 
1 58  THR n 
1 59  ILE n 
1 60  PRO n 
1 61  GLY n 
1 62  ALA n 
1 63  PHE n 
1 64  ARG n 
1 65  PHE n 
1 66  THR n 
1 67  ARG n 
1 68  GLY n 
1 69  HIS n 
1 70  TYR n 
1 71  SER n 
1 72  MSE n 
1 73  GLU n 
1 74  GLU n 
1 75  LEU n 
1 76  ALA n 
1 77  ARG n 
1 78  GLU n 
1 79  ALA n 
1 80  ILE n 
1 81  ILE n 
1 82  ARG n 
1 83  GLY n 
1 84  ALA n 
1 85  ASP n 
1 86  ARG n 
1 87  ILE n 
1 88  VAL n 
1 89  VAL n 
1 90  VAL n 
1 91  GLY n 
1 92  GLU n 
1 93  ARG n 
1 94  ARG n 
1 95  GLY n 
1 96  ASN n 
1 97  PRO n 
1 98  GLY n 
1 99  ILE n 
1 100 ILE n 
1 101 ARG n 
1 102 VAL n 
1 103 TYR n 
1 104 ALA n 
1 105 VAL n 
1 106 GLU n 
1 107 GLY n 
1 108 PRO n 
1 109 GLU n 
1 110 ARG n 
1 111 PRO n 
1 112 ASP n 
1 113 ASN n 
1 114 ILE n 
1 115 VAL n 
1 116 SER n 
1 117 PHE n 
1 118 ILE n 
1 119 VAL n 
1 120 LYS n 
1 121 GLY n 
1 122 VAL n 
1 123 SER n 
1 124 LEU n 
1 125 SER n 
1 126 ARG n 
1 127 GLU n 
1 128 ARG n 
1 129 ARG n 
1 130 TRP n 
1 131 GLY n 
1 132 LEU n 
1 133 PRO n 
1 134 SER n 
1 135 LEU n 
1 136 ARG n 
1 137 GLY n 
1 138 GLY n 
1 139 GLU n 
1 140 VAL n 
1 141 LEU n 
1 142 VAL n 
1 143 ALA n 
1 144 ARG n 
1 145 PRO n 
1 146 LEU n 
1 147 ASP n 
1 148 SER n 
1 149 GLY n 
1 150 VAL n 
1 151 ALA n 
1 152 VAL n 
1 153 GLU n 
1 154 PHE n 
1 155 ALA n 
1 156 ASP n 
1 157 ALA n 
1 158 PHE n 
1 159 VAL n 
1 160 ILE n 
1 161 ALA n 
1 162 PHE n 
1 163 HIS n 
1 164 ALA n 
1 165 ARG n 
1 166 LEU n 
1 167 LYS n 
1 168 PRO n 
1 169 PRO n 
1 170 GLU n 
1 171 ALA n 
1 172 ALA n 
1 173 GLY n 
1 174 TYR n 
1 175 VAL n 
1 176 GLU n 
1 177 ALA n 
1 178 VAL n 
1 179 ILE n 
1 180 GLU n 
1 181 SER n 
1 182 LEU n 
1 183 ASP n 
1 184 ALA n 
1 185 ARG n 
1 186 THR n 
1 187 VAL n 
1 188 ALA n 
1 189 VAL n 
1 190 THR n 
1 191 PHE n 
1 192 ARG n 
1 193 TYR n 
1 194 GLY n 
1 195 GLY n 
1 196 ALA n 
1 197 PRO n 
1 198 VAL n 
1 199 GLY n 
1 200 PRO n 
1 201 MSE n 
1 202 LEU n 
1 203 ARG n 
1 204 LEU n 
1 205 GLY n 
1 206 LYS n 
1 207 PRO n 
1 208 ALA n 
1 209 GLU n 
1 210 MSE n 
1 211 VAL n 
1 212 LYS n 
1 213 ARG n 
1 214 GLY n 
1 215 ARG n 
1 216 ARG n 
1 217 VAL n 
# 
_entity_src_gen.entity_id                          1 
_entity_src_gen.pdbx_src_id                        1 
_entity_src_gen.pdbx_alt_source_flag               sample 
_entity_src_gen.pdbx_seq_type                      ? 
_entity_src_gen.pdbx_beg_seq_num                   ? 
_entity_src_gen.pdbx_end_seq_num                   ? 
_entity_src_gen.gene_src_common_name               ? 
_entity_src_gen.gene_src_genus                     Aeropyrum 
_entity_src_gen.pdbx_gene_src_gene                 APE1443 
_entity_src_gen.gene_src_species                   'Aeropyrum pernix' 
_entity_src_gen.gene_src_strain                    K1 
_entity_src_gen.gene_src_tissue                    ? 
_entity_src_gen.gene_src_tissue_fraction           ? 
_entity_src_gen.gene_src_details                   ? 
_entity_src_gen.pdbx_gene_src_fragment             ? 
_entity_src_gen.pdbx_gene_src_scientific_name      'Aeropyrum pernix' 
_entity_src_gen.pdbx_gene_src_ncbi_taxonomy_id     272557 
_entity_src_gen.pdbx_gene_src_variant              ? 
_entity_src_gen.pdbx_gene_src_cell_line            ? 
_entity_src_gen.pdbx_gene_src_atcc                 ? 
_entity_src_gen.pdbx_gene_src_organ                ? 
_entity_src_gen.pdbx_gene_src_organelle            ? 
_entity_src_gen.pdbx_gene_src_cell                 ? 
_entity_src_gen.pdbx_gene_src_cellular_location    ? 
_entity_src_gen.host_org_common_name               ? 
_entity_src_gen.pdbx_host_org_scientific_name      'Escherichia coli' 
_entity_src_gen.pdbx_host_org_ncbi_taxonomy_id     562 
_entity_src_gen.host_org_genus                     Escherichia 
_entity_src_gen.pdbx_host_org_gene                 ? 
_entity_src_gen.pdbx_host_org_organ                ? 
_entity_src_gen.host_org_species                   ? 
_entity_src_gen.pdbx_host_org_tissue               ? 
_entity_src_gen.pdbx_host_org_tissue_fraction      ? 
_entity_src_gen.pdbx_host_org_strain               'B834 (DE3) pRARE' 
_entity_src_gen.pdbx_host_org_variant              ? 
_entity_src_gen.pdbx_host_org_cell_line            ? 
_entity_src_gen.pdbx_host_org_atcc                 ? 
_entity_src_gen.pdbx_host_org_culture_collection   ? 
_entity_src_gen.pdbx_host_org_cell                 ? 
_entity_src_gen.pdbx_host_org_organelle            ? 
_entity_src_gen.pdbx_host_org_cellular_location    ? 
_entity_src_gen.pdbx_host_org_vector_type          PLASMID 
_entity_src_gen.pdbx_host_org_vector               ? 
_entity_src_gen.host_org_details                   ? 
_entity_src_gen.expression_system_id               ? 
_entity_src_gen.plasmid_name                       pET15b 
_entity_src_gen.plasmid_details                    ? 
_entity_src_gen.pdbx_description                   ? 
# 
loop_
_chem_comp.id 
_chem_comp.type 
_chem_comp.mon_nstd_flag 
_chem_comp.name 
_chem_comp.pdbx_synonyms 
_chem_comp.formula 
_chem_comp.formula_weight 
ALA 'L-peptide linking' y ALANINE          ? 'C3 H7 N O2'     89.093  
ARG 'L-peptide linking' y ARGININE         ? 'C6 H15 N4 O2 1' 175.209 
ASN 'L-peptide linking' y ASPARAGINE       ? 'C4 H8 N2 O3'    132.118 
ASP 'L-peptide linking' y 'ASPARTIC ACID'  ? 'C4 H7 N O4'     133.103 
GLU 'L-peptide linking' y 'GLUTAMIC ACID'  ? 'C5 H9 N O4'     147.129 
GLY 'peptide linking'   y GLYCINE          ? 'C2 H5 N O2'     75.067  
HIS 'L-peptide linking' y HISTIDINE        ? 'C6 H10 N3 O2 1' 156.162 
HOH non-polymer         . WATER            ? 'H2 O'           18.015  
ILE 'L-peptide linking' y ISOLEUCINE       ? 'C6 H13 N O2'    131.173 
LEU 'L-peptide linking' y LEUCINE          ? 'C6 H13 N O2'    131.173 
LYS 'L-peptide linking' y LYSINE           ? 'C6 H15 N2 O2 1' 147.195 
MET 'L-peptide linking' y METHIONINE       ? 'C5 H11 N O2 S'  149.211 
MSE 'L-peptide linking' n SELENOMETHIONINE ? 'C5 H11 N O2 Se' 196.106 
PHE 'L-peptide linking' y PHENYLALANINE    ? 'C9 H11 N O2'    165.189 
PRO 'L-peptide linking' y PROLINE          ? 'C5 H9 N O2'     115.130 
SER 'L-peptide linking' y SERINE           ? 'C3 H7 N O3'     105.093 
THR 'L-peptide linking' y THREONINE        ? 'C4 H9 N O3'     119.119 
TRP 'L-peptide linking' y TRYPTOPHAN       ? 'C11 H12 N2 O2'  204.225 
TYR 'L-peptide linking' y TYROSINE         ? 'C9 H11 N O3'    181.189 
VAL 'L-peptide linking' y VALINE           ? 'C5 H11 N O2'    117.146 
# 
loop_
_pdbx_poly_seq_scheme.asym_id 
_pdbx_poly_seq_scheme.entity_id 
_pdbx_poly_seq_scheme.seq_id 
_pdbx_poly_seq_scheme.mon_id 
_pdbx_poly_seq_scheme.ndb_seq_num 
_pdbx_poly_seq_scheme.pdb_seq_num 
_pdbx_poly_seq_scheme.auth_seq_num 
_pdbx_poly_seq_scheme.pdb_mon_id 
_pdbx_poly_seq_scheme.auth_mon_id 
_pdbx_poly_seq_scheme.pdb_strand_id 
_pdbx_poly_seq_scheme.pdb_ins_code 
_pdbx_poly_seq_scheme.hetero 
A 1 1   MSE 1   -19 ?   ?   ?   A . n 
A 1 2   GLY 2   -18 ?   ?   ?   A . n 
A 1 3   SER 3   -17 ?   ?   ?   A . n 
A 1 4   SER 4   -16 ?   ?   ?   A . n 
A 1 5   HIS 5   -15 ?   ?   ?   A . n 
A 1 6   HIS 6   -14 ?   ?   ?   A . n 
A 1 7   HIS 7   -13 ?   ?   ?   A . n 
A 1 8   HIS 8   -12 ?   ?   ?   A . n 
A 1 9   HIS 9   -11 ?   ?   ?   A . n 
A 1 10  HIS 10  -10 ?   ?   ?   A . n 
A 1 11  SER 11  -9  ?   ?   ?   A . n 
A 1 12  SER 12  -8  ?   ?   ?   A . n 
A 1 13  GLY 13  -7  ?   ?   ?   A . n 
A 1 14  LEU 14  -6  ?   ?   ?   A . n 
A 1 15  VAL 15  -5  ?   ?   ?   A . n 
A 1 16  PRO 16  -4  ?   ?   ?   A . n 
A 1 17  ALA 17  -3  ?   ?   ?   A . n 
A 1 18  GLY 18  -2  ?   ?   ?   A . n 
A 1 19  SER 19  -1  ?   ?   ?   A . n 
A 1 20  HIS 20  0   ?   ?   ?   A . n 
A 1 21  MSE 21  1   ?   ?   ?   A . n 
A 1 22  LEU 22  2   ?   ?   ?   A . n 
A 1 23  GLY 23  3   ?   ?   ?   A . n 
A 1 24  GLY 24  4   ?   ?   ?   A . n 
A 1 25  LYS 25  5   ?   ?   ?   A . n 
A 1 26  GLY 26  6   ?   ?   ?   A . n 
A 1 27  ARG 27  7   ?   ?   ?   A . n 
A 1 28  PRO 28  8   ?   ?   ?   A . n 
A 1 29  SER 29  9   ?   ?   ?   A . n 
A 1 30  GLY 30  10  ?   ?   ?   A . n 
A 1 31  VAL 31  11  ?   ?   ?   A . n 
A 1 32  GLY 32  12  ?   ?   ?   A . n 
A 1 33  GLY 33  13  13  GLY GLY A . n 
A 1 34  TYR 34  14  14  TYR TYR A . n 
A 1 35  ARG 35  15  15  ARG ARG A . n 
A 1 36  ILE 36  16  16  ILE ILE A . n 
A 1 37  LEU 37  17  17  LEU LEU A . n 
A 1 38  VAL 38  18  18  VAL VAL A . n 
A 1 39  THR 39  19  19  THR THR A . n 
A 1 40  THR 40  20  20  THR THR A . n 
A 1 41  SER 41  21  21  SER SER A . n 
A 1 42  ARG 42  22  22  ARG ARG A . n 
A 1 43  ARG 43  23  23  ARG ARG A . n 
A 1 44  PRO 44  24  24  PRO PRO A . n 
A 1 45  SER 45  25  25  SER SER A . n 
A 1 46  PRO 46  26  26  PRO PRO A . n 
A 1 47  ARG 47  27  27  ARG ARG A . n 
A 1 48  ILE 48  28  28  ILE ILE A . n 
A 1 49  ARG 49  29  29  ARG ARG A . n 
A 1 50  SER 50  30  30  SER SER A . n 
A 1 51  PHE 51  31  31  PHE PHE A . n 
A 1 52  VAL 52  32  32  VAL VAL A . n 
A 1 53  LYS 53  33  33  LYS LYS A . n 
A 1 54  ASP 54  34  34  ASP ASP A . n 
A 1 55  LEU 55  35  35  LEU LEU A . n 
A 1 56  SER 56  36  36  SER SER A . n 
A 1 57  ALA 57  37  37  ALA ALA A . n 
A 1 58  THR 58  38  38  THR THR A . n 
A 1 59  ILE 59  39  39  ILE ILE A . n 
A 1 60  PRO 60  40  40  PRO PRO A . n 
A 1 61  GLY 61  41  41  GLY GLY A . n 
A 1 62  ALA 62  42  42  ALA ALA A . n 
A 1 63  PHE 63  43  43  PHE PHE A . n 
A 1 64  ARG 64  44  44  ARG ARG A . n 
A 1 65  PHE 65  45  45  PHE PHE A . n 
A 1 66  THR 66  46  46  THR THR A . n 
A 1 67  ARG 67  47  47  ARG ARG A . n 
A 1 68  GLY 68  48  48  GLY GLY A . n 
A 1 69  HIS 69  49  49  HIS HIS A . n 
A 1 70  TYR 70  50  50  TYR TYR A . n 
A 1 71  SER 71  51  51  SER SER A . n 
A 1 72  MSE 72  52  52  MSE MSE A . n 
A 1 73  GLU 73  53  53  GLU GLU A . n 
A 1 74  GLU 74  54  54  GLU GLU A . n 
A 1 75  LEU 75  55  55  LEU LEU A . n 
A 1 76  ALA 76  56  56  ALA ALA A . n 
A 1 77  ARG 77  57  57  ARG ARG A . n 
A 1 78  GLU 78  58  58  GLU GLU A . n 
A 1 79  ALA 79  59  59  ALA ALA A . n 
A 1 80  ILE 80  60  60  ILE ILE A . n 
A 1 81  ILE 81  61  61  ILE ILE A . n 
A 1 82  ARG 82  62  62  ARG ARG A . n 
A 1 83  GLY 83  63  63  GLY GLY A . n 
A 1 84  ALA 84  64  64  ALA ALA A . n 
A 1 85  ASP 85  65  65  ASP ASP A . n 
A 1 86  ARG 86  66  66  ARG ARG A . n 
A 1 87  ILE 87  67  67  ILE ILE A . n 
A 1 88  VAL 88  68  68  VAL VAL A . n 
A 1 89  VAL 89  69  69  VAL VAL A . n 
A 1 90  VAL 90  70  70  VAL VAL A . n 
A 1 91  GLY 91  71  71  GLY GLY A . n 
A 1 92  GLU 92  72  72  GLU GLU A . n 
A 1 93  ARG 93  73  73  ARG ARG A . n 
A 1 94  ARG 94  74  74  ARG ARG A . n 
A 1 95  GLY 95  75  75  GLY GLY A . n 
A 1 96  ASN 96  76  76  ASN ASN A . n 
A 1 97  PRO 97  77  77  PRO PRO A . n 
A 1 98  GLY 98  78  78  GLY GLY A . n 
A 1 99  ILE 99  79  79  ILE ILE A . n 
A 1 100 ILE 100 80  80  ILE ILE A . n 
A 1 101 ARG 101 81  81  ARG ARG A . n 
A 1 102 VAL 102 82  82  VAL VAL A . n 
A 1 103 TYR 103 83  83  TYR TYR A . n 
A 1 104 ALA 104 84  84  ALA ALA A . n 
A 1 105 VAL 105 85  85  VAL VAL A . n 
A 1 106 GLU 106 86  86  GLU GLU A . n 
A 1 107 GLY 107 87  87  GLY GLY A . n 
A 1 108 PRO 108 88  88  PRO PRO A . n 
A 1 109 GLU 109 89  89  GLU GLU A . n 
A 1 110 ARG 110 90  90  ARG ARG A . n 
A 1 111 PRO 111 91  91  PRO PRO A . n 
A 1 112 ASP 112 92  92  ASP ASP A . n 
A 1 113 ASN 113 93  93  ASN ASN A . n 
A 1 114 ILE 114 94  94  ILE ILE A . n 
A 1 115 VAL 115 95  95  VAL VAL A . n 
A 1 116 SER 116 96  96  SER SER A . n 
A 1 117 PHE 117 97  97  PHE PHE A . n 
A 1 118 ILE 118 98  98  ILE ILE A . n 
A 1 119 VAL 119 99  99  VAL VAL A . n 
A 1 120 LYS 120 100 100 LYS LYS A . n 
A 1 121 GLY 121 101 101 GLY GLY A . n 
A 1 122 VAL 122 102 102 VAL VAL A . n 
A 1 123 SER 123 103 103 SER SER A . n 
A 1 124 LEU 124 104 104 LEU LEU A . n 
A 1 125 SER 125 105 105 SER SER A . n 
A 1 126 ARG 126 106 106 ARG ARG A . n 
A 1 127 GLU 127 107 107 GLU GLU A . n 
A 1 128 ARG 128 108 108 ARG ARG A . n 
A 1 129 ARG 129 109 109 ARG ARG A . n 
A 1 130 TRP 130 110 110 TRP TRP A . n 
A 1 131 GLY 131 111 111 GLY GLY A . n 
A 1 132 LEU 132 112 112 LEU LEU A . n 
A 1 133 PRO 133 113 113 PRO PRO A . n 
A 1 134 SER 134 114 114 SER SER A . n 
A 1 135 LEU 135 115 115 LEU LEU A . n 
A 1 136 ARG 136 116 116 ARG ARG A . n 
A 1 137 GLY 137 117 117 GLY GLY A . n 
A 1 138 GLY 138 118 118 GLY GLY A . n 
A 1 139 GLU 139 119 119 GLU GLU A . n 
A 1 140 VAL 140 120 120 VAL VAL A . n 
A 1 141 LEU 141 121 121 LEU LEU A . n 
A 1 142 VAL 142 122 122 VAL VAL A . n 
A 1 143 ALA 143 123 123 ALA ALA A . n 
A 1 144 ARG 144 124 124 ARG ARG A . n 
A 1 145 PRO 145 125 125 PRO PRO A . n 
A 1 146 LEU 146 126 126 LEU LEU A . n 
A 1 147 ASP 147 127 127 ASP ASP A . n 
A 1 148 SER 148 128 128 SER SER A . n 
A 1 149 GLY 149 129 129 GLY GLY A . n 
A 1 150 VAL 150 130 130 VAL VAL A . n 
A 1 151 ALA 151 131 131 ALA ALA A . n 
A 1 152 VAL 152 132 132 VAL VAL A . n 
A 1 153 GLU 153 133 133 GLU GLU A . n 
A 1 154 PHE 154 134 134 PHE PHE A . n 
A 1 155 ALA 155 135 135 ALA ALA A . n 
A 1 156 ASP 156 136 136 ASP ASP A . n 
A 1 157 ALA 157 137 137 ALA ALA A . n 
A 1 158 PHE 158 138 138 PHE PHE A . n 
A 1 159 VAL 159 139 139 VAL VAL A . n 
A 1 160 ILE 160 140 140 ILE ILE A . n 
A 1 161 ALA 161 141 141 ALA ALA A . n 
A 1 162 PHE 162 142 142 PHE PHE A . n 
A 1 163 HIS 163 143 143 HIS HIS A . n 
A 1 164 ALA 164 144 144 ALA ALA A . n 
A 1 165 ARG 165 145 145 ARG ARG A . n 
A 1 166 LEU 166 146 146 LEU LEU A . n 
A 1 167 LYS 167 147 147 LYS LYS A . n 
A 1 168 PRO 168 148 148 PRO PRO A . n 
A 1 169 PRO 169 149 149 PRO PRO A . n 
A 1 170 GLU 170 150 150 GLU GLU A . n 
A 1 171 ALA 171 151 151 ALA ALA A . n 
A 1 172 ALA 172 152 152 ALA ALA A . n 
A 1 173 GLY 173 153 153 GLY GLY A . n 
A 1 174 TYR 174 154 154 TYR TYR A . n 
A 1 175 VAL 175 155 155 VAL VAL A . n 
A 1 176 GLU 176 156 156 GLU GLU A . n 
A 1 177 ALA 177 157 157 ALA ALA A . n 
A 1 178 VAL 178 158 158 VAL VAL A . n 
A 1 179 ILE 179 159 159 ILE ILE A . n 
A 1 180 GLU 180 160 160 GLU GLU A . n 
A 1 181 SER 181 161 161 SER SER A . n 
A 1 182 LEU 182 162 162 LEU LEU A . n 
A 1 183 ASP 183 163 163 ASP ASP A . n 
A 1 184 ALA 184 164 164 ALA ALA A . n 
A 1 185 ARG 185 165 165 ARG ARG A . n 
A 1 186 THR 186 166 166 THR THR A . n 
A 1 187 VAL 187 167 167 VAL VAL A . n 
A 1 188 ALA 188 168 168 ALA ALA A . n 
A 1 189 VAL 189 169 169 VAL VAL A . n 
A 1 190 THR 190 170 170 THR THR A . n 
A 1 191 PHE 191 171 171 PHE PHE A . n 
A 1 192 ARG 192 172 172 ARG ARG A . n 
A 1 193 TYR 193 173 173 TYR TYR A . n 
A 1 194 GLY 194 174 174 GLY GLY A . n 
A 1 195 GLY 195 175 175 GLY GLY A . n 
A 1 196 ALA 196 176 176 ALA ALA A . n 
A 1 197 PRO 197 177 177 PRO PRO A . n 
A 1 198 VAL 198 178 178 VAL VAL A . n 
A 1 199 GLY 199 179 179 GLY GLY A . n 
A 1 200 PRO 200 180 180 PRO PRO A . n 
A 1 201 MSE 201 181 181 MSE MSE A . n 
A 1 202 LEU 202 182 182 LEU LEU A . n 
A 1 203 ARG 203 183 183 ARG ARG A . n 
A 1 204 LEU 204 184 184 LEU LEU A . n 
A 1 205 GLY 205 185 185 GLY GLY A . n 
A 1 206 LYS 206 186 186 LYS LYS A . n 
A 1 207 PRO 207 187 187 PRO PRO A . n 
A 1 208 ALA 208 188 188 ALA ALA A . n 
A 1 209 GLU 209 189 189 GLU GLU A . n 
A 1 210 MSE 210 190 190 MSE MSE A . n 
A 1 211 VAL 211 191 191 VAL VAL A . n 
A 1 212 LYS 212 192 192 LYS LYS A . n 
A 1 213 ARG 213 193 ?   ?   ?   A . n 
A 1 214 GLY 214 194 ?   ?   ?   A . n 
A 1 215 ARG 215 195 ?   ?   ?   A . n 
A 1 216 ARG 216 196 ?   ?   ?   A . n 
A 1 217 VAL 217 197 ?   ?   ?   A . n 
# 
loop_
_pdbx_nonpoly_scheme.asym_id 
_pdbx_nonpoly_scheme.entity_id 
_pdbx_nonpoly_scheme.mon_id 
_pdbx_nonpoly_scheme.ndb_seq_num 
_pdbx_nonpoly_scheme.pdb_seq_num 
_pdbx_nonpoly_scheme.auth_seq_num 
_pdbx_nonpoly_scheme.pdb_mon_id 
_pdbx_nonpoly_scheme.auth_mon_id 
_pdbx_nonpoly_scheme.pdb_strand_id 
_pdbx_nonpoly_scheme.pdb_ins_code 
B 2 HOH 1   201 201 HOH HOH A . 
B 2 HOH 2   202 202 HOH HOH A . 
B 2 HOH 3   203 203 HOH HOH A . 
B 2 HOH 4   204 204 HOH HOH A . 
B 2 HOH 5   205 205 HOH HOH A . 
B 2 HOH 6   206 206 HOH HOH A . 
B 2 HOH 7   207 207 HOH HOH A . 
B 2 HOH 8   208 208 HOH HOH A . 
B 2 HOH 9   209 209 HOH HOH A . 
B 2 HOH 10  210 210 HOH HOH A . 
B 2 HOH 11  211 211 HOH HOH A . 
B 2 HOH 12  212 212 HOH HOH A . 
B 2 HOH 13  213 213 HOH HOH A . 
B 2 HOH 14  214 214 HOH HOH A . 
B 2 HOH 15  215 215 HOH HOH A . 
B 2 HOH 16  216 216 HOH HOH A . 
B 2 HOH 17  217 217 HOH HOH A . 
B 2 HOH 18  218 218 HOH HOH A . 
B 2 HOH 19  219 219 HOH HOH A . 
B 2 HOH 20  220 220 HOH HOH A . 
B 2 HOH 21  221 221 HOH HOH A . 
B 2 HOH 22  222 222 HOH HOH A . 
B 2 HOH 23  223 223 HOH HOH A . 
B 2 HOH 24  224 224 HOH HOH A . 
B 2 HOH 25  225 225 HOH HOH A . 
B 2 HOH 26  226 226 HOH HOH A . 
B 2 HOH 27  227 227 HOH HOH A . 
B 2 HOH 28  228 228 HOH HOH A . 
B 2 HOH 29  229 229 HOH HOH A . 
B 2 HOH 30  230 230 HOH HOH A . 
B 2 HOH 31  231 231 HOH HOH A . 
B 2 HOH 32  232 232 HOH HOH A . 
B 2 HOH 33  233 233 HOH HOH A . 
B 2 HOH 34  234 234 HOH HOH A . 
B 2 HOH 35  235 235 HOH HOH A . 
B 2 HOH 36  236 236 HOH HOH A . 
B 2 HOH 37  237 237 HOH HOH A . 
B 2 HOH 38  238 238 HOH HOH A . 
B 2 HOH 39  239 239 HOH HOH A . 
B 2 HOH 40  240 240 HOH HOH A . 
B 2 HOH 41  241 241 HOH HOH A . 
B 2 HOH 42  242 242 HOH HOH A . 
B 2 HOH 43  243 243 HOH HOH A . 
B 2 HOH 44  244 244 HOH HOH A . 
B 2 HOH 45  245 245 HOH HOH A . 
B 2 HOH 46  246 246 HOH HOH A . 
B 2 HOH 47  247 247 HOH HOH A . 
B 2 HOH 48  248 248 HOH HOH A . 
B 2 HOH 49  249 249 HOH HOH A . 
B 2 HOH 50  250 250 HOH HOH A . 
B 2 HOH 51  251 251 HOH HOH A . 
B 2 HOH 52  252 252 HOH HOH A . 
B 2 HOH 53  253 253 HOH HOH A . 
B 2 HOH 54  254 254 HOH HOH A . 
B 2 HOH 55  255 255 HOH HOH A . 
B 2 HOH 56  256 256 HOH HOH A . 
B 2 HOH 57  257 257 HOH HOH A . 
B 2 HOH 58  258 258 HOH HOH A . 
B 2 HOH 59  259 259 HOH HOH A . 
B 2 HOH 60  260 260 HOH HOH A . 
B 2 HOH 61  261 261 HOH HOH A . 
B 2 HOH 62  262 262 HOH HOH A . 
B 2 HOH 63  263 263 HOH HOH A . 
B 2 HOH 64  264 264 HOH HOH A . 
B 2 HOH 65  265 265 HOH HOH A . 
B 2 HOH 66  266 266 HOH HOH A . 
B 2 HOH 67  267 267 HOH HOH A . 
B 2 HOH 68  268 268 HOH HOH A . 
B 2 HOH 69  269 269 HOH HOH A . 
B 2 HOH 70  270 270 HOH HOH A . 
B 2 HOH 71  271 271 HOH HOH A . 
B 2 HOH 72  272 272 HOH HOH A . 
B 2 HOH 73  273 273 HOH HOH A . 
B 2 HOH 74  274 274 HOH HOH A . 
B 2 HOH 75  275 275 HOH HOH A . 
B 2 HOH 76  276 276 HOH HOH A . 
B 2 HOH 77  277 277 HOH HOH A . 
B 2 HOH 78  278 278 HOH HOH A . 
B 2 HOH 79  279 279 HOH HOH A . 
B 2 HOH 80  280 280 HOH HOH A . 
B 2 HOH 81  281 281 HOH HOH A . 
B 2 HOH 82  282 282 HOH HOH A . 
B 2 HOH 83  283 283 HOH HOH A . 
B 2 HOH 84  284 284 HOH HOH A . 
B 2 HOH 85  285 285 HOH HOH A . 
B 2 HOH 86  286 286 HOH HOH A . 
B 2 HOH 87  287 287 HOH HOH A . 
B 2 HOH 88  288 288 HOH HOH A . 
B 2 HOH 89  289 289 HOH HOH A . 
B 2 HOH 90  290 290 HOH HOH A . 
B 2 HOH 91  291 291 HOH HOH A . 
B 2 HOH 92  292 292 HOH HOH A . 
B 2 HOH 93  293 293 HOH HOH A . 
B 2 HOH 94  294 294 HOH HOH A . 
B 2 HOH 95  295 295 HOH HOH A . 
B 2 HOH 96  296 296 HOH HOH A . 
B 2 HOH 97  297 297 HOH HOH A . 
B 2 HOH 98  298 298 HOH HOH A . 
B 2 HOH 99  299 299 HOH HOH A . 
B 2 HOH 100 300 300 HOH HOH A . 
B 2 HOH 101 301 301 HOH HOH A . 
B 2 HOH 102 302 302 HOH HOH A . 
B 2 HOH 103 303 303 HOH HOH A . 
B 2 HOH 104 304 304 HOH HOH A . 
B 2 HOH 105 305 305 HOH HOH A . 
B 2 HOH 106 306 306 HOH HOH A . 
B 2 HOH 107 307 307 HOH HOH A . 
B 2 HOH 108 308 308 HOH HOH A . 
B 2 HOH 109 309 309 HOH HOH A . 
B 2 HOH 110 310 310 HOH HOH A . 
B 2 HOH 111 311 311 HOH HOH A . 
B 2 HOH 112 312 312 HOH HOH A . 
B 2 HOH 113 313 313 HOH HOH A . 
B 2 HOH 114 314 314 HOH HOH A . 
B 2 HOH 115 315 315 HOH HOH A . 
B 2 HOH 116 316 316 HOH HOH A . 
B 2 HOH 117 317 317 HOH HOH A . 
B 2 HOH 118 318 318 HOH HOH A . 
B 2 HOH 119 319 319 HOH HOH A . 
B 2 HOH 120 320 320 HOH HOH A . 
B 2 HOH 121 321 321 HOH HOH A . 
B 2 HOH 122 322 322 HOH HOH A . 
B 2 HOH 123 323 323 HOH HOH A . 
B 2 HOH 124 324 324 HOH HOH A . 
B 2 HOH 125 325 325 HOH HOH A . 
B 2 HOH 126 326 326 HOH HOH A . 
B 2 HOH 127 327 327 HOH HOH A . 
B 2 HOH 128 328 328 HOH HOH A . 
B 2 HOH 129 329 329 HOH HOH A . 
B 2 HOH 130 330 330 HOH HOH A . 
B 2 HOH 131 331 331 HOH HOH A . 
B 2 HOH 132 332 332 HOH HOH A . 
B 2 HOH 133 333 333 HOH HOH A . 
B 2 HOH 134 334 334 HOH HOH A . 
B 2 HOH 135 335 335 HOH HOH A . 
B 2 HOH 136 336 336 HOH HOH A . 
B 2 HOH 137 337 337 HOH HOH A . 
B 2 HOH 138 338 338 HOH HOH A . 
B 2 HOH 139 339 339 HOH HOH A . 
B 2 HOH 140 340 340 HOH HOH A . 
B 2 HOH 141 341 341 HOH HOH A . 
B 2 HOH 142 342 342 HOH HOH A . 
B 2 HOH 143 343 343 HOH HOH A . 
B 2 HOH 144 344 344 HOH HOH A . 
B 2 HOH 145 345 345 HOH HOH A . 
B 2 HOH 146 346 346 HOH HOH A . 
B 2 HOH 147 347 347 HOH HOH A . 
B 2 HOH 148 348 348 HOH HOH A . 
B 2 HOH 149 349 349 HOH HOH A . 
B 2 HOH 150 350 350 HOH HOH A . 
# 
loop_
_software.name 
_software.classification 
_software.version 
_software.citation_id 
_software.pdbx_ordinal 
CNS       refinement       1.1 ? 1 
HKL-2000  'data reduction' .   ? 2 
SCALEPACK 'data scaling'   .   ? 3 
SOLVE     phasing          .   ? 4 
# 
_cell.entry_id           2CXH 
_cell.length_a           36.171 
_cell.length_b           47.364 
_cell.length_c           124.675 
_cell.angle_alpha        90.00 
_cell.angle_beta         90.00 
_cell.angle_gamma        90.00 
_cell.Z_PDB              4 
_cell.pdbx_unique_axis   ? 
_cell.length_a_esd       ? 
_cell.length_b_esd       ? 
_cell.length_c_esd       ? 
_cell.angle_alpha_esd    ? 
_cell.angle_beta_esd     ? 
_cell.angle_gamma_esd    ? 
# 
_symmetry.entry_id                         2CXH 
_symmetry.space_group_name_H-M             'P 21 21 21' 
_symmetry.pdbx_full_space_group_name_H-M   ? 
_symmetry.cell_setting                     ? 
_symmetry.Int_Tables_number                19 
_symmetry.space_group_name_Hall            ? 
# 
_exptl.entry_id          2CXH 
_exptl.method            'X-RAY DIFFRACTION' 
_exptl.crystals_number   1 
# 
_exptl_crystal.id                    1 
_exptl_crystal.density_meas          ? 
_exptl_crystal.density_Matthews      2.266920 
_exptl_crystal.density_percent_sol   45.741364 
_exptl_crystal.description           ? 
_exptl_crystal.F_000                 ? 
_exptl_crystal.preparation           ? 
# 
_exptl_crystal_grow.crystal_id      1 
_exptl_crystal_grow.method          'VAPOR DIFFUSION, SITTING DROP' 
_exptl_crystal_grow.temp            293 
_exptl_crystal_grow.temp_details    ? 
_exptl_crystal_grow.pH              ? 
_exptl_crystal_grow.pdbx_details    
;0.01M Tris-HCl pH 8.0, 0.15M NaCl, 0.001M DTT, 0.05M tri-sodium citrate pH 5.6, 10% v/v 2-propanol, 10% w/v polyethylene glycol 4000, VAPOR DIFFUSION, SITTING DROP, temperature 293K
;
_exptl_crystal_grow.pdbx_pH_range   . 
# 
_diffrn.id                     1 
_diffrn.ambient_temp           100 
_diffrn.ambient_temp_details   ? 
_diffrn.crystal_id             1 
# 
_diffrn_detector.diffrn_id              1 
_diffrn_detector.detector               CCD 
_diffrn_detector.type                   'ADSC QUANTUM 210' 
_diffrn_detector.pdbx_collection_date   2005-04-15 
_diffrn_detector.details                mirrors 
# 
_diffrn_radiation.diffrn_id                        1 
_diffrn_radiation.wavelength_id                    1 
_diffrn_radiation.pdbx_monochromatic_or_laue_m_l   M 
_diffrn_radiation.monochromator                    'Si 111 CHANNEL' 
_diffrn_radiation.pdbx_diffrn_protocol             'SINGLE WAVELENGTH' 
_diffrn_radiation.pdbx_scattering_type             x-ray 
# 
_diffrn_radiation_wavelength.id           1 
_diffrn_radiation_wavelength.wavelength   0.97920 
_diffrn_radiation_wavelength.wt           1.0 
# 
_diffrn_source.diffrn_id                   1 
_diffrn_source.source                      SYNCHROTRON 
_diffrn_source.type                        'PHOTON FACTORY BEAMLINE AR-NW12A' 
_diffrn_source.pdbx_synchrotron_site       'Photon Factory' 
_diffrn_source.pdbx_synchrotron_beamline   AR-NW12A 
_diffrn_source.pdbx_wavelength             ? 
_diffrn_source.pdbx_wavelength_list        0.97920 
# 
_reflns.entry_id                     2CXH 
_reflns.observed_criterion_sigma_I   -3 
_reflns.observed_criterion_sigma_F   ? 
_reflns.d_resolution_low             37.796 
_reflns.d_resolution_high            1.697 
_reflns.number_obs                   22973 
_reflns.number_all                   ? 
_reflns.percent_possible_obs         93.6 
_reflns.pdbx_Rmerge_I_obs            ? 
_reflns.pdbx_Rsym_value              0.09 
_reflns.pdbx_netI_over_sigmaI        23.616 
_reflns.B_iso_Wilson_estimate        11.0 
_reflns.pdbx_redundancy              8.36835 
_reflns.R_free_details               ? 
_reflns.limit_h_max                  ? 
_reflns.limit_h_min                  ? 
_reflns.limit_k_max                  ? 
_reflns.limit_k_min                  ? 
_reflns.limit_l_max                  ? 
_reflns.limit_l_min                  ? 
_reflns.observed_criterion_F_max     ? 
_reflns.observed_criterion_F_min     ? 
_reflns.pdbx_chi_squared             ? 
_reflns.pdbx_scaling_rejects         ? 
_reflns.pdbx_ordinal                 1 
_reflns.pdbx_diffrn_id               1 
# 
_reflns_shell.d_res_high             1.70 
_reflns_shell.d_res_low              1.76 
_reflns_shell.percent_possible_all   95.4 
_reflns_shell.Rmerge_I_obs           ? 
_reflns_shell.pdbx_Rsym_value        0.608 
_reflns_shell.meanI_over_sigI_obs    2.5 
_reflns_shell.pdbx_redundancy        8.1 
_reflns_shell.percent_possible_obs   ? 
_reflns_shell.number_unique_all      22973 
_reflns_shell.number_measured_all    ? 
_reflns_shell.number_measured_obs    ? 
_reflns_shell.number_unique_obs      ? 
_reflns_shell.pdbx_chi_squared       ? 
_reflns_shell.pdbx_ordinal           1 
_reflns_shell.pdbx_diffrn_id         1 
# 
_refine.entry_id                                 2CXH 
_refine.ls_number_reflns_obs                     19230 
_refine.ls_number_reflns_all                     ? 
_refine.pdbx_ls_sigma_I                          ? 
_refine.pdbx_ls_sigma_F                          0.0 
_refine.pdbx_data_cutoff_high_absF               1210188.93 
_refine.pdbx_data_cutoff_low_absF                0.000000 
_refine.pdbx_data_cutoff_high_rms_absF           ? 
_refine.ls_d_res_low                             37.71 
_refine.ls_d_res_high                            1.80 
_refine.ls_percent_reflns_obs                    93.3 
_refine.ls_R_factor_obs                          0.184 
_refine.ls_R_factor_all                          ? 
_refine.ls_R_factor_R_work                       0.184 
_refine.ls_R_factor_R_free                       0.209 
_refine.ls_R_factor_R_free_error                 0.007 
_refine.ls_R_factor_R_free_error_details         ? 
_refine.ls_percent_reflns_R_free                 4.8 
_refine.ls_number_reflns_R_free                  920 
_refine.ls_number_parameters                     ? 
_refine.ls_number_restraints                     ? 
_refine.occupancy_min                            ? 
_refine.occupancy_max                            ? 
_refine.correlation_coeff_Fo_to_Fc               ? 
_refine.correlation_coeff_Fo_to_Fc_free          ? 
_refine.B_iso_mean                               19.9 
_refine.aniso_B[1][1]                            -2.10 
_refine.aniso_B[2][2]                            3.25 
_refine.aniso_B[3][3]                            -1.15 
_refine.aniso_B[1][2]                            0.00 
_refine.aniso_B[1][3]                            0.00 
_refine.aniso_B[2][3]                            0.00 
_refine.solvent_model_details                    'FLAT MODEL' 
_refine.solvent_model_param_ksol                 0.36566 
_refine.solvent_model_param_bsol                 38.244 
_refine.pdbx_solvent_vdw_probe_radii             ? 
_refine.pdbx_solvent_ion_probe_radii             ? 
_refine.pdbx_solvent_shrinkage_radii             ? 
_refine.pdbx_ls_cross_valid_method               THROUGHOUT 
_refine.details                                  ? 
_refine.pdbx_starting_model                      ? 
_refine.pdbx_method_to_determine_struct          SAD 
_refine.pdbx_isotropic_thermal_model             RESTRAINED 
_refine.pdbx_stereochemistry_target_values       ? 
_refine.pdbx_stereochem_target_val_spec_case     ? 
_refine.pdbx_R_Free_selection_details            RANDOM 
_refine.pdbx_overall_ESU_R                       ? 
_refine.pdbx_overall_ESU_R_Free                  ? 
_refine.overall_SU_ML                            ? 
_refine.overall_SU_B                             ? 
_refine.ls_redundancy_reflns_obs                 ? 
_refine.B_iso_min                                ? 
_refine.B_iso_max                                ? 
_refine.overall_SU_R_Cruickshank_DPI             ? 
_refine.overall_SU_R_free                        ? 
_refine.ls_wR_factor_R_free                      ? 
_refine.ls_wR_factor_R_work                      ? 
_refine.overall_FOM_free_R_set                   ? 
_refine.overall_FOM_work_R_set                   ? 
_refine.pdbx_refine_id                           'X-RAY DIFFRACTION' 
_refine.pdbx_diffrn_id                           1 
_refine.pdbx_TLS_residual_ADP_flag               ? 
_refine.pdbx_overall_phase_error                 ? 
_refine.pdbx_overall_SU_R_free_Cruickshank_DPI   ? 
_refine.pdbx_overall_SU_R_Blow_DPI               ? 
_refine.pdbx_overall_SU_R_free_Blow_DPI          ? 
# 
_refine_analyze.entry_id                        2CXH 
_refine_analyze.Luzzati_coordinate_error_obs    0.20 
_refine_analyze.Luzzati_sigma_a_obs             0.06 
_refine_analyze.Luzzati_d_res_low_obs           5.00 
_refine_analyze.Luzzati_coordinate_error_free   0.22 
_refine_analyze.Luzzati_sigma_a_free            0.08 
_refine_analyze.Luzzati_d_res_low_free          ? 
_refine_analyze.number_disordered_residues      ? 
_refine_analyze.occupancy_sum_hydrogen          ? 
_refine_analyze.occupancy_sum_non_hydrogen      ? 
_refine_analyze.pdbx_Luzzati_d_res_high_obs     ? 
_refine_analyze.pdbx_refine_id                  'X-RAY DIFFRACTION' 
# 
_refine_hist.pdbx_refine_id                   'X-RAY DIFFRACTION' 
_refine_hist.cycle_id                         LAST 
_refine_hist.pdbx_number_atoms_protein        1390 
_refine_hist.pdbx_number_atoms_nucleic_acid   0 
_refine_hist.pdbx_number_atoms_ligand         0 
_refine_hist.number_atoms_solvent             150 
_refine_hist.number_atoms_total               1540 
_refine_hist.d_res_high                       1.80 
_refine_hist.d_res_low                        37.71 
# 
loop_
_refine_ls_restr.type 
_refine_ls_restr.dev_ideal 
_refine_ls_restr.dev_ideal_target 
_refine_ls_restr.weight 
_refine_ls_restr.number 
_refine_ls_restr.pdbx_refine_id 
_refine_ls_restr.pdbx_restraint_function 
c_bond_d                0.005 ?    ? ? 'X-RAY DIFFRACTION' ? 
c_bond_d_na             ?     ?    ? ? 'X-RAY DIFFRACTION' ? 
c_bond_d_prot           ?     ?    ? ? 'X-RAY DIFFRACTION' ? 
c_angle_d               ?     ?    ? ? 'X-RAY DIFFRACTION' ? 
c_angle_d_na            ?     ?    ? ? 'X-RAY DIFFRACTION' ? 
c_angle_d_prot          ?     ?    ? ? 'X-RAY DIFFRACTION' ? 
c_angle_deg             1.3   ?    ? ? 'X-RAY DIFFRACTION' ? 
c_angle_deg_na          ?     ?    ? ? 'X-RAY DIFFRACTION' ? 
c_angle_deg_prot        ?     ?    ? ? 'X-RAY DIFFRACTION' ? 
c_dihedral_angle_d      23.8  ?    ? ? 'X-RAY DIFFRACTION' ? 
c_dihedral_angle_d_na   ?     ?    ? ? 'X-RAY DIFFRACTION' ? 
c_dihedral_angle_d_prot ?     ?    ? ? 'X-RAY DIFFRACTION' ? 
c_improper_angle_d      0.91  ?    ? ? 'X-RAY DIFFRACTION' ? 
c_improper_angle_d_na   ?     ?    ? ? 'X-RAY DIFFRACTION' ? 
c_improper_angle_d_prot ?     ?    ? ? 'X-RAY DIFFRACTION' ? 
c_mcbond_it             1.32  1.50 ? ? 'X-RAY DIFFRACTION' ? 
c_mcangle_it            2.07  2.00 ? ? 'X-RAY DIFFRACTION' ? 
c_scbond_it             2.38  2.00 ? ? 'X-RAY DIFFRACTION' ? 
c_scangle_it            3.59  2.50 ? ? 'X-RAY DIFFRACTION' ? 
# 
_refine_ls_shell.pdbx_total_number_of_bins_used   6 
_refine_ls_shell.d_res_high                       1.80 
_refine_ls_shell.d_res_low                        1.91 
_refine_ls_shell.number_reflns_R_work             3066 
_refine_ls_shell.R_factor_R_work                  0.203 
_refine_ls_shell.percent_reflns_obs               95.3 
_refine_ls_shell.R_factor_R_free                  0.214 
_refine_ls_shell.R_factor_R_free_error            0.018 
_refine_ls_shell.percent_reflns_R_free            4.5 
_refine_ls_shell.number_reflns_R_free             146 
_refine_ls_shell.number_reflns_obs                ? 
_refine_ls_shell.redundancy_reflns_obs            ? 
_refine_ls_shell.number_reflns_all                ? 
_refine_ls_shell.R_factor_all                     ? 
_refine_ls_shell.pdbx_refine_id                   'X-RAY DIFFRACTION' 
# 
loop_
_pdbx_xplor_file.serial_no 
_pdbx_xplor_file.param_file 
_pdbx_xplor_file.topol_file 
_pdbx_xplor_file.pdbx_refine_id 
1 protein_rep.param protein.top 'X-RAY DIFFRACTION' 
2 water_rep.param   water.top   'X-RAY DIFFRACTION' 
3 ion.param         ion.top     'X-RAY DIFFRACTION' 
# 
_struct.entry_id                  2CXH 
_struct.title                     'Crystal structure of probable ribosomal biogenesis protein from Aeropyrum pernix K1' 
_struct.pdbx_model_details        ? 
_struct.pdbx_CASP_flag            ? 
_struct.pdbx_model_type_details   ? 
# 
_struct_keywords.entry_id        2CXH 
_struct_keywords.pdbx_keywords   'RNA BINDING PROTEIN' 
_struct_keywords.text            
;BRIX domain, 18S rRNA, IMP4, U3 snoRNP, ribosomal biogenesis, RNA-binding, Structural Genomics, NPPSFA, National Project on Protein Structural and Functional Analyses, RIKEN Structural Genomics/Proteomics Initiative, RSGI, RNA BINDING PROTEIN
;
# 
loop_
_struct_asym.id 
_struct_asym.pdbx_blank_PDB_chainid_flag 
_struct_asym.pdbx_modified 
_struct_asym.entity_id 
_struct_asym.details 
A N N 1 ? 
B N N 2 ? 
# 
_struct_ref.id                         1 
_struct_ref.db_name                    UNP 
_struct_ref.db_code                    BRIX_AERPE 
_struct_ref.pdbx_db_accession          Q9YC08 
_struct_ref.entity_id                  1 
_struct_ref.pdbx_seq_one_letter_code   
;MLGGKGRPSGVGGYRILVTTSRRPSPRIRSFVKDLSATIPGAFRFTRGHYSMEELAREAIIRGADRIVVVGERRGNPGII
RVYAVEGPERPDNIVSFIVKGVSLSRERRWGLPSLRGGEVLVARPLDSGVAVEFADAFVIAFHARLKPPEAAGYVEAVIE
SLDARTVAVTFRYGGAPVGPMLRLGKPAEMVKRGRRV
;
_struct_ref.pdbx_align_begin           1 
_struct_ref.pdbx_db_isoform            ? 
# 
_struct_ref_seq.align_id                      1 
_struct_ref_seq.ref_id                        1 
_struct_ref_seq.pdbx_PDB_id_code              2CXH 
_struct_ref_seq.pdbx_strand_id                A 
_struct_ref_seq.seq_align_beg                 21 
_struct_ref_seq.pdbx_seq_align_beg_ins_code   ? 
_struct_ref_seq.seq_align_end                 217 
_struct_ref_seq.pdbx_seq_align_end_ins_code   ? 
_struct_ref_seq.pdbx_db_accession             Q9YC08 
_struct_ref_seq.db_align_beg                  1 
_struct_ref_seq.pdbx_db_align_beg_ins_code    ? 
_struct_ref_seq.db_align_end                  197 
_struct_ref_seq.pdbx_db_align_end_ins_code    ? 
_struct_ref_seq.pdbx_auth_seq_align_beg       1 
_struct_ref_seq.pdbx_auth_seq_align_end       197 
# 
loop_
_struct_ref_seq_dif.align_id 
_struct_ref_seq_dif.pdbx_pdb_id_code 
_struct_ref_seq_dif.mon_id 
_struct_ref_seq_dif.pdbx_pdb_strand_id 
_struct_ref_seq_dif.seq_num 
_struct_ref_seq_dif.pdbx_pdb_ins_code 
_struct_ref_seq_dif.pdbx_seq_db_name 
_struct_ref_seq_dif.pdbx_seq_db_accession_code 
_struct_ref_seq_dif.db_mon_id 
_struct_ref_seq_dif.pdbx_seq_db_seq_num 
_struct_ref_seq_dif.details 
_struct_ref_seq_dif.pdbx_auth_seq_num 
_struct_ref_seq_dif.pdbx_ordinal 
1 2CXH MSE A 1   ? UNP Q9YC08 ?   ?   'cloning artifact' -19 1  
1 2CXH GLY A 2   ? UNP Q9YC08 ?   ?   'cloning artifact' -18 2  
1 2CXH SER A 3   ? UNP Q9YC08 ?   ?   'cloning artifact' -17 3  
1 2CXH SER A 4   ? UNP Q9YC08 ?   ?   'cloning artifact' -16 4  
1 2CXH HIS A 5   ? UNP Q9YC08 ?   ?   'cloning artifact' -15 5  
1 2CXH HIS A 6   ? UNP Q9YC08 ?   ?   'cloning artifact' -14 6  
1 2CXH HIS A 7   ? UNP Q9YC08 ?   ?   'cloning artifact' -13 7  
1 2CXH HIS A 8   ? UNP Q9YC08 ?   ?   'cloning artifact' -12 8  
1 2CXH HIS A 9   ? UNP Q9YC08 ?   ?   'cloning artifact' -11 9  
1 2CXH HIS A 10  ? UNP Q9YC08 ?   ?   'cloning artifact' -10 10 
1 2CXH SER A 11  ? UNP Q9YC08 ?   ?   'cloning artifact' -9  11 
1 2CXH SER A 12  ? UNP Q9YC08 ?   ?   'cloning artifact' -8  12 
1 2CXH GLY A 13  ? UNP Q9YC08 ?   ?   'cloning artifact' -7  13 
1 2CXH LEU A 14  ? UNP Q9YC08 ?   ?   'cloning artifact' -6  14 
1 2CXH VAL A 15  ? UNP Q9YC08 ?   ?   'cloning artifact' -5  15 
1 2CXH PRO A 16  ? UNP Q9YC08 ?   ?   'cloning artifact' -4  16 
1 2CXH ALA A 17  ? UNP Q9YC08 ?   ?   'cloning artifact' -3  17 
1 2CXH GLY A 18  ? UNP Q9YC08 ?   ?   'cloning artifact' -2  18 
1 2CXH SER A 19  ? UNP Q9YC08 ?   ?   'cloning artifact' -1  19 
1 2CXH HIS A 20  ? UNP Q9YC08 ?   ?   'cloning artifact' 0   20 
1 2CXH MSE A 21  ? UNP Q9YC08 MET 1   'modified residue' 1   21 
1 2CXH MSE A 72  ? UNP Q9YC08 MET 52  'modified residue' 52  22 
1 2CXH MSE A 201 ? UNP Q9YC08 MET 181 'modified residue' 181 23 
1 2CXH MSE A 210 ? UNP Q9YC08 MET 190 'modified residue' 190 24 
# 
_pdbx_struct_assembly.id                   1 
_pdbx_struct_assembly.details              author_defined_assembly 
_pdbx_struct_assembly.method_details       ? 
_pdbx_struct_assembly.oligomeric_details   monomeric 
_pdbx_struct_assembly.oligomeric_count     1 
# 
_pdbx_struct_assembly_gen.assembly_id       1 
_pdbx_struct_assembly_gen.oper_expression   1 
_pdbx_struct_assembly_gen.asym_id_list      A,B 
# 
_pdbx_struct_oper_list.id                   1 
_pdbx_struct_oper_list.type                 'identity operation' 
_pdbx_struct_oper_list.name                 1_555 
_pdbx_struct_oper_list.symmetry_operation   x,y,z 
_pdbx_struct_oper_list.matrix[1][1]         1.0000000000 
_pdbx_struct_oper_list.matrix[1][2]         0.0000000000 
_pdbx_struct_oper_list.matrix[1][3]         0.0000000000 
_pdbx_struct_oper_list.vector[1]            0.0000000000 
_pdbx_struct_oper_list.matrix[2][1]         0.0000000000 
_pdbx_struct_oper_list.matrix[2][2]         1.0000000000 
_pdbx_struct_oper_list.matrix[2][3]         0.0000000000 
_pdbx_struct_oper_list.vector[2]            0.0000000000 
_pdbx_struct_oper_list.matrix[3][1]         0.0000000000 
_pdbx_struct_oper_list.matrix[3][2]         0.0000000000 
_pdbx_struct_oper_list.matrix[3][3]         1.0000000000 
_pdbx_struct_oper_list.vector[3]            0.0000000000 
# 
_struct_biol.id                    1 
_struct_biol.pdbx_parent_biol_id   ? 
_struct_biol.details               ? 
# 
loop_
_struct_conf.conf_type_id 
_struct_conf.id 
_struct_conf.pdbx_PDB_helix_id 
_struct_conf.beg_label_comp_id 
_struct_conf.beg_label_asym_id 
_struct_conf.beg_label_seq_id 
_struct_conf.pdbx_beg_PDB_ins_code 
_struct_conf.end_label_comp_id 
_struct_conf.end_label_asym_id 
_struct_conf.end_label_seq_id 
_struct_conf.pdbx_end_PDB_ins_code 
_struct_conf.beg_auth_comp_id 
_struct_conf.beg_auth_asym_id 
_struct_conf.beg_auth_seq_id 
_struct_conf.end_auth_comp_id 
_struct_conf.end_auth_asym_id 
_struct_conf.end_auth_seq_id 
_struct_conf.pdbx_PDB_helix_class 
_struct_conf.details 
_struct_conf.pdbx_PDB_helix_length 
HELX_P HELX_P1 1 SER A 45  ? ALA A 57  ? SER A 25  ALA A 37  1 ? 13 
HELX_P HELX_P2 2 SER A 71  ? ARG A 82  ? SER A 51  ARG A 62  1 ? 12 
HELX_P HELX_P3 3 LEU A 124 ? ARG A 129 ? LEU A 104 ARG A 109 1 ? 6  
HELX_P HELX_P4 4 VAL A 150 ? HIS A 163 ? VAL A 130 HIS A 143 1 ? 14 
# 
_struct_conf_type.id          HELX_P 
_struct_conf_type.criteria    ? 
_struct_conf_type.reference   ? 
# 
loop_
_struct_conn.id 
_struct_conn.conn_type_id 
_struct_conn.pdbx_leaving_atom_flag 
_struct_conn.pdbx_PDB_id 
_struct_conn.ptnr1_label_asym_id 
_struct_conn.ptnr1_label_comp_id 
_struct_conn.ptnr1_label_seq_id 
_struct_conn.ptnr1_label_atom_id 
_struct_conn.pdbx_ptnr1_label_alt_id 
_struct_conn.pdbx_ptnr1_PDB_ins_code 
_struct_conn.pdbx_ptnr1_standard_comp_id 
_struct_conn.ptnr1_symmetry 
_struct_conn.ptnr2_label_asym_id 
_struct_conn.ptnr2_label_comp_id 
_struct_conn.ptnr2_label_seq_id 
_struct_conn.ptnr2_label_atom_id 
_struct_conn.pdbx_ptnr2_label_alt_id 
_struct_conn.pdbx_ptnr2_PDB_ins_code 
_struct_conn.ptnr1_auth_asym_id 
_struct_conn.ptnr1_auth_comp_id 
_struct_conn.ptnr1_auth_seq_id 
_struct_conn.ptnr2_auth_asym_id 
_struct_conn.ptnr2_auth_comp_id 
_struct_conn.ptnr2_auth_seq_id 
_struct_conn.ptnr2_symmetry 
_struct_conn.pdbx_ptnr3_label_atom_id 
_struct_conn.pdbx_ptnr3_label_seq_id 
_struct_conn.pdbx_ptnr3_label_comp_id 
_struct_conn.pdbx_ptnr3_label_asym_id 
_struct_conn.pdbx_ptnr3_label_alt_id 
_struct_conn.pdbx_ptnr3_PDB_ins_code 
_struct_conn.details 
_struct_conn.pdbx_dist_value 
_struct_conn.pdbx_value_order 
_struct_conn.pdbx_role 
covale1 covale both ? A SER 71  C ? ? ? 1_555 A MSE 72  N ? ? A SER 51  A MSE 52  1_555 ? ? ? ? ? ? ? 1.329 ? ? 
covale2 covale both ? A MSE 72  C ? ? ? 1_555 A GLU 73  N ? ? A MSE 52  A GLU 53  1_555 ? ? ? ? ? ? ? 1.329 ? ? 
covale3 covale both ? A PRO 200 C ? ? ? 1_555 A MSE 201 N ? ? A PRO 180 A MSE 181 1_555 ? ? ? ? ? ? ? 1.329 ? ? 
covale4 covale both ? A MSE 201 C ? ? ? 1_555 A LEU 202 N ? ? A MSE 181 A LEU 182 1_555 ? ? ? ? ? ? ? 1.326 ? ? 
covale5 covale both ? A GLU 209 C ? ? ? 1_555 A MSE 210 N ? ? A GLU 189 A MSE 190 1_555 ? ? ? ? ? ? ? 1.329 ? ? 
covale6 covale both ? A MSE 210 C ? ? ? 1_555 A VAL 211 N ? ? A MSE 190 A VAL 191 1_555 ? ? ? ? ? ? ? 1.328 ? ? 
# 
_struct_conn_type.id          covale 
_struct_conn_type.criteria    ? 
_struct_conn_type.reference   ? 
# 
loop_
_pdbx_modification_feature.ordinal 
_pdbx_modification_feature.label_comp_id 
_pdbx_modification_feature.label_asym_id 
_pdbx_modification_feature.label_seq_id 
_pdbx_modification_feature.label_alt_id 
_pdbx_modification_feature.modified_residue_label_comp_id 
_pdbx_modification_feature.modified_residue_label_asym_id 
_pdbx_modification_feature.modified_residue_label_seq_id 
_pdbx_modification_feature.modified_residue_label_alt_id 
_pdbx_modification_feature.auth_comp_id 
_pdbx_modification_feature.auth_asym_id 
_pdbx_modification_feature.auth_seq_id 
_pdbx_modification_feature.PDB_ins_code 
_pdbx_modification_feature.symmetry 
_pdbx_modification_feature.modified_residue_auth_comp_id 
_pdbx_modification_feature.modified_residue_auth_asym_id 
_pdbx_modification_feature.modified_residue_auth_seq_id 
_pdbx_modification_feature.modified_residue_PDB_ins_code 
_pdbx_modification_feature.modified_residue_symmetry 
_pdbx_modification_feature.comp_id_linking_atom 
_pdbx_modification_feature.modified_residue_id_linking_atom 
_pdbx_modification_feature.modified_residue_id 
_pdbx_modification_feature.ref_pcm_id 
_pdbx_modification_feature.ref_comp_id 
_pdbx_modification_feature.type 
_pdbx_modification_feature.category 
1 MSE A 72  ? . . . . MSE A 52  ? 1_555 . . . . . . . MET 1 MSE Selenomethionine 'Named protein modification' 
2 MSE A 201 ? . . . . MSE A 181 ? 1_555 . . . . . . . MET 1 MSE Selenomethionine 'Named protein modification' 
3 MSE A 210 ? . . . . MSE A 190 ? 1_555 . . . . . . . MET 1 MSE Selenomethionine 'Named protein modification' 
# 
_struct_sheet.id               A 
_struct_sheet.type             ? 
_struct_sheet.number_strands   9 
_struct_sheet.details          ? 
# 
loop_
_struct_sheet_order.sheet_id 
_struct_sheet_order.range_id_1 
_struct_sheet_order.range_id_2 
_struct_sheet_order.offset 
_struct_sheet_order.sense 
A 1 2 ? parallel      
A 2 3 ? parallel      
A 3 4 ? anti-parallel 
A 4 5 ? anti-parallel 
A 5 6 ? anti-parallel 
A 6 7 ? anti-parallel 
A 7 8 ? anti-parallel 
A 8 9 ? parallel      
# 
loop_
_struct_sheet_range.sheet_id 
_struct_sheet_range.id 
_struct_sheet_range.beg_label_comp_id 
_struct_sheet_range.beg_label_asym_id 
_struct_sheet_range.beg_label_seq_id 
_struct_sheet_range.pdbx_beg_PDB_ins_code 
_struct_sheet_range.end_label_comp_id 
_struct_sheet_range.end_label_asym_id 
_struct_sheet_range.end_label_seq_id 
_struct_sheet_range.pdbx_end_PDB_ins_code 
_struct_sheet_range.beg_auth_comp_id 
_struct_sheet_range.beg_auth_asym_id 
_struct_sheet_range.beg_auth_seq_id 
_struct_sheet_range.end_auth_comp_id 
_struct_sheet_range.end_auth_asym_id 
_struct_sheet_range.end_auth_seq_id 
A 1 ALA A 62  ? ARG A 64  ? ALA A 42  ARG A 44  
A 2 ARG A 35  ? THR A 40  ? ARG A 15  THR A 20  
A 3 ALA A 84  ? ARG A 93  ? ALA A 64  ARG A 73  
A 4 ASN A 96  ? ALA A 104 ? ASN A 76  ALA A 84  
A 5 ASP A 112 ? SER A 123 ? ASP A 92  SER A 103 
A 6 PRO A 197 ? GLY A 205 ? PRO A 177 GLY A 185 
A 7 THR A 186 ? ARG A 192 ? THR A 166 ARG A 172 
A 8 TYR A 174 ? ASP A 183 ? TYR A 154 ASP A 163 
A 9 VAL A 140 ? PRO A 145 ? VAL A 120 PRO A 125 
# 
loop_
_pdbx_struct_sheet_hbond.sheet_id 
_pdbx_struct_sheet_hbond.range_id_1 
_pdbx_struct_sheet_hbond.range_id_2 
_pdbx_struct_sheet_hbond.range_1_label_atom_id 
_pdbx_struct_sheet_hbond.range_1_label_comp_id 
_pdbx_struct_sheet_hbond.range_1_label_asym_id 
_pdbx_struct_sheet_hbond.range_1_label_seq_id 
_pdbx_struct_sheet_hbond.range_1_PDB_ins_code 
_pdbx_struct_sheet_hbond.range_1_auth_atom_id 
_pdbx_struct_sheet_hbond.range_1_auth_comp_id 
_pdbx_struct_sheet_hbond.range_1_auth_asym_id 
_pdbx_struct_sheet_hbond.range_1_auth_seq_id 
_pdbx_struct_sheet_hbond.range_2_label_atom_id 
_pdbx_struct_sheet_hbond.range_2_label_comp_id 
_pdbx_struct_sheet_hbond.range_2_label_asym_id 
_pdbx_struct_sheet_hbond.range_2_label_seq_id 
_pdbx_struct_sheet_hbond.range_2_PDB_ins_code 
_pdbx_struct_sheet_hbond.range_2_auth_atom_id 
_pdbx_struct_sheet_hbond.range_2_auth_comp_id 
_pdbx_struct_sheet_hbond.range_2_auth_asym_id 
_pdbx_struct_sheet_hbond.range_2_auth_seq_id 
A 1 2 O PHE A 63  ? O PHE A 43  N VAL A 38  ? N VAL A 18  
A 2 3 N THR A 39  ? N THR A 19  O VAL A 88  ? O VAL A 68  
A 3 4 N ILE A 87  ? N ILE A 67  O TYR A 103 ? O TYR A 83  
A 4 5 N VAL A 102 ? N VAL A 82  O VAL A 115 ? O VAL A 95  
A 5 6 N ILE A 118 ? N ILE A 98  O GLY A 205 ? O GLY A 185 
A 6 7 O LEU A 202 ? O LEU A 182 N VAL A 189 ? N VAL A 169 
A 7 8 O THR A 186 ? O THR A 166 N LEU A 182 ? N LEU A 162 
A 8 9 O ALA A 177 ? O ALA A 157 N VAL A 142 ? N VAL A 122 
# 
_pdbx_entry_details.entry_id                   2CXH 
_pdbx_entry_details.compound_details           ? 
_pdbx_entry_details.source_details             ? 
_pdbx_entry_details.nonpolymer_details         ? 
_pdbx_entry_details.sequence_details           ? 
_pdbx_entry_details.has_ligand_of_interest     ? 
_pdbx_entry_details.has_protein_modification   Y 
# 
_pdbx_validate_torsion.id              1 
_pdbx_validate_torsion.PDB_model_num   1 
_pdbx_validate_torsion.auth_comp_id    PRO 
_pdbx_validate_torsion.auth_asym_id    A 
_pdbx_validate_torsion.auth_seq_id     187 
_pdbx_validate_torsion.PDB_ins_code    ? 
_pdbx_validate_torsion.label_alt_id    ? 
_pdbx_validate_torsion.phi             -81.28 
_pdbx_validate_torsion.psi             -158.99 
# 
_pdbx_SG_project.id                    1 
_pdbx_SG_project.project_name          'NPPSFA, National Project on Protein Structural and Functional Analyses' 
_pdbx_SG_project.full_name_of_center   'RIKEN Structural Genomics/Proteomics Initiative' 
_pdbx_SG_project.initial_of_center     RSGI 
# 
loop_
_pdbx_struct_mod_residue.id 
_pdbx_struct_mod_residue.label_asym_id 
_pdbx_struct_mod_residue.label_comp_id 
_pdbx_struct_mod_residue.label_seq_id 
_pdbx_struct_mod_residue.auth_asym_id 
_pdbx_struct_mod_residue.auth_comp_id 
_pdbx_struct_mod_residue.auth_seq_id 
_pdbx_struct_mod_residue.PDB_ins_code 
_pdbx_struct_mod_residue.parent_comp_id 
_pdbx_struct_mod_residue.details 
1 A MSE 72  A MSE 52  ? MET SELENOMETHIONINE 
2 A MSE 201 A MSE 181 ? MET SELENOMETHIONINE 
3 A MSE 210 A MSE 190 ? MET SELENOMETHIONINE 
# 
loop_
_pdbx_unobs_or_zero_occ_residues.id 
_pdbx_unobs_or_zero_occ_residues.PDB_model_num 
_pdbx_unobs_or_zero_occ_residues.polymer_flag 
_pdbx_unobs_or_zero_occ_residues.occupancy_flag 
_pdbx_unobs_or_zero_occ_residues.auth_asym_id 
_pdbx_unobs_or_zero_occ_residues.auth_comp_id 
_pdbx_unobs_or_zero_occ_residues.auth_seq_id 
_pdbx_unobs_or_zero_occ_residues.PDB_ins_code 
_pdbx_unobs_or_zero_occ_residues.label_asym_id 
_pdbx_unobs_or_zero_occ_residues.label_comp_id 
_pdbx_unobs_or_zero_occ_residues.label_seq_id 
1  1 Y 1 A MSE -19 ? A MSE 1   
2  1 Y 1 A GLY -18 ? A GLY 2   
3  1 Y 1 A SER -17 ? A SER 3   
4  1 Y 1 A SER -16 ? A SER 4   
5  1 Y 1 A HIS -15 ? A HIS 5   
6  1 Y 1 A HIS -14 ? A HIS 6   
7  1 Y 1 A HIS -13 ? A HIS 7   
8  1 Y 1 A HIS -12 ? A HIS 8   
9  1 Y 1 A HIS -11 ? A HIS 9   
10 1 Y 1 A HIS -10 ? A HIS 10  
11 1 Y 1 A SER -9  ? A SER 11  
12 1 Y 1 A SER -8  ? A SER 12  
13 1 Y 1 A GLY -7  ? A GLY 13  
14 1 Y 1 A LEU -6  ? A LEU 14  
15 1 Y 1 A VAL -5  ? A VAL 15  
16 1 Y 1 A PRO -4  ? A PRO 16  
17 1 Y 1 A ALA -3  ? A ALA 17  
18 1 Y 1 A GLY -2  ? A GLY 18  
19 1 Y 1 A SER -1  ? A SER 19  
20 1 Y 1 A HIS 0   ? A HIS 20  
21 1 Y 1 A MSE 1   ? A MSE 21  
22 1 Y 1 A LEU 2   ? A LEU 22  
23 1 Y 1 A GLY 3   ? A GLY 23  
24 1 Y 1 A GLY 4   ? A GLY 24  
25 1 Y 1 A LYS 5   ? A LYS 25  
26 1 Y 1 A GLY 6   ? A GLY 26  
27 1 Y 1 A ARG 7   ? A ARG 27  
28 1 Y 1 A PRO 8   ? A PRO 28  
29 1 Y 1 A SER 9   ? A SER 29  
30 1 Y 1 A GLY 10  ? A GLY 30  
31 1 Y 1 A VAL 11  ? A VAL 31  
32 1 Y 1 A GLY 12  ? A GLY 32  
33 1 Y 1 A ARG 193 ? A ARG 213 
34 1 Y 1 A GLY 194 ? A GLY 214 
35 1 Y 1 A ARG 195 ? A ARG 215 
36 1 Y 1 A ARG 196 ? A ARG 216 
37 1 Y 1 A VAL 197 ? A VAL 217 
# 
loop_
_chem_comp_atom.comp_id 
_chem_comp_atom.atom_id 
_chem_comp_atom.type_symbol 
_chem_comp_atom.pdbx_aromatic_flag 
_chem_comp_atom.pdbx_stereo_config 
_chem_comp_atom.pdbx_ordinal 
ALA N    N  N N 1   
ALA CA   C  N S 2   
ALA C    C  N N 3   
ALA O    O  N N 4   
ALA CB   C  N N 5   
ALA OXT  O  N N 6   
ALA H    H  N N 7   
ALA H2   H  N N 8   
ALA HA   H  N N 9   
ALA HB1  H  N N 10  
ALA HB2  H  N N 11  
ALA HB3  H  N N 12  
ALA HXT  H  N N 13  
ARG N    N  N N 14  
ARG CA   C  N S 15  
ARG C    C  N N 16  
ARG O    O  N N 17  
ARG CB   C  N N 18  
ARG CG   C  N N 19  
ARG CD   C  N N 20  
ARG NE   N  N N 21  
ARG CZ   C  N N 22  
ARG NH1  N  N N 23  
ARG NH2  N  N N 24  
ARG OXT  O  N N 25  
ARG H    H  N N 26  
ARG H2   H  N N 27  
ARG HA   H  N N 28  
ARG HB2  H  N N 29  
ARG HB3  H  N N 30  
ARG HG2  H  N N 31  
ARG HG3  H  N N 32  
ARG HD2  H  N N 33  
ARG HD3  H  N N 34  
ARG HE   H  N N 35  
ARG HH11 H  N N 36  
ARG HH12 H  N N 37  
ARG HH21 H  N N 38  
ARG HH22 H  N N 39  
ARG HXT  H  N N 40  
ASN N    N  N N 41  
ASN CA   C  N S 42  
ASN C    C  N N 43  
ASN O    O  N N 44  
ASN CB   C  N N 45  
ASN CG   C  N N 46  
ASN OD1  O  N N 47  
ASN ND2  N  N N 48  
ASN OXT  O  N N 49  
ASN H    H  N N 50  
ASN H2   H  N N 51  
ASN HA   H  N N 52  
ASN HB2  H  N N 53  
ASN HB3  H  N N 54  
ASN HD21 H  N N 55  
ASN HD22 H  N N 56  
ASN HXT  H  N N 57  
ASP N    N  N N 58  
ASP CA   C  N S 59  
ASP C    C  N N 60  
ASP O    O  N N 61  
ASP CB   C  N N 62  
ASP CG   C  N N 63  
ASP OD1  O  N N 64  
ASP OD2  O  N N 65  
ASP OXT  O  N N 66  
ASP H    H  N N 67  
ASP H2   H  N N 68  
ASP HA   H  N N 69  
ASP HB2  H  N N 70  
ASP HB3  H  N N 71  
ASP HD2  H  N N 72  
ASP HXT  H  N N 73  
GLU N    N  N N 74  
GLU CA   C  N S 75  
GLU C    C  N N 76  
GLU O    O  N N 77  
GLU CB   C  N N 78  
GLU CG   C  N N 79  
GLU CD   C  N N 80  
GLU OE1  O  N N 81  
GLU OE2  O  N N 82  
GLU OXT  O  N N 83  
GLU H    H  N N 84  
GLU H2   H  N N 85  
GLU HA   H  N N 86  
GLU HB2  H  N N 87  
GLU HB3  H  N N 88  
GLU HG2  H  N N 89  
GLU HG3  H  N N 90  
GLU HE2  H  N N 91  
GLU HXT  H  N N 92  
GLY N    N  N N 93  
GLY CA   C  N N 94  
GLY C    C  N N 95  
GLY O    O  N N 96  
GLY OXT  O  N N 97  
GLY H    H  N N 98  
GLY H2   H  N N 99  
GLY HA2  H  N N 100 
GLY HA3  H  N N 101 
GLY HXT  H  N N 102 
HIS N    N  N N 103 
HIS CA   C  N S 104 
HIS C    C  N N 105 
HIS O    O  N N 106 
HIS CB   C  N N 107 
HIS CG   C  Y N 108 
HIS ND1  N  Y N 109 
HIS CD2  C  Y N 110 
HIS CE1  C  Y N 111 
HIS NE2  N  Y N 112 
HIS OXT  O  N N 113 
HIS H    H  N N 114 
HIS H2   H  N N 115 
HIS HA   H  N N 116 
HIS HB2  H  N N 117 
HIS HB3  H  N N 118 
HIS HD1  H  N N 119 
HIS HD2  H  N N 120 
HIS HE1  H  N N 121 
HIS HE2  H  N N 122 
HIS HXT  H  N N 123 
HOH O    O  N N 124 
HOH H1   H  N N 125 
HOH H2   H  N N 126 
ILE N    N  N N 127 
ILE CA   C  N S 128 
ILE C    C  N N 129 
ILE O    O  N N 130 
ILE CB   C  N S 131 
ILE CG1  C  N N 132 
ILE CG2  C  N N 133 
ILE CD1  C  N N 134 
ILE OXT  O  N N 135 
ILE H    H  N N 136 
ILE H2   H  N N 137 
ILE HA   H  N N 138 
ILE HB   H  N N 139 
ILE HG12 H  N N 140 
ILE HG13 H  N N 141 
ILE HG21 H  N N 142 
ILE HG22 H  N N 143 
ILE HG23 H  N N 144 
ILE HD11 H  N N 145 
ILE HD12 H  N N 146 
ILE HD13 H  N N 147 
ILE HXT  H  N N 148 
LEU N    N  N N 149 
LEU CA   C  N S 150 
LEU C    C  N N 151 
LEU O    O  N N 152 
LEU CB   C  N N 153 
LEU CG   C  N N 154 
LEU CD1  C  N N 155 
LEU CD2  C  N N 156 
LEU OXT  O  N N 157 
LEU H    H  N N 158 
LEU H2   H  N N 159 
LEU HA   H  N N 160 
LEU HB2  H  N N 161 
LEU HB3  H  N N 162 
LEU HG   H  N N 163 
LEU HD11 H  N N 164 
LEU HD12 H  N N 165 
LEU HD13 H  N N 166 
LEU HD21 H  N N 167 
LEU HD22 H  N N 168 
LEU HD23 H  N N 169 
LEU HXT  H  N N 170 
LYS N    N  N N 171 
LYS CA   C  N S 172 
LYS C    C  N N 173 
LYS O    O  N N 174 
LYS CB   C  N N 175 
LYS CG   C  N N 176 
LYS CD   C  N N 177 
LYS CE   C  N N 178 
LYS NZ   N  N N 179 
LYS OXT  O  N N 180 
LYS H    H  N N 181 
LYS H2   H  N N 182 
LYS HA   H  N N 183 
LYS HB2  H  N N 184 
LYS HB3  H  N N 185 
LYS HG2  H  N N 186 
LYS HG3  H  N N 187 
LYS HD2  H  N N 188 
LYS HD3  H  N N 189 
LYS HE2  H  N N 190 
LYS HE3  H  N N 191 
LYS HZ1  H  N N 192 
LYS HZ2  H  N N 193 
LYS HZ3  H  N N 194 
LYS HXT  H  N N 195 
MET N    N  N N 196 
MET CA   C  N S 197 
MET C    C  N N 198 
MET O    O  N N 199 
MET CB   C  N N 200 
MET CG   C  N N 201 
MET SD   S  N N 202 
MET CE   C  N N 203 
MET OXT  O  N N 204 
MET H    H  N N 205 
MET H2   H  N N 206 
MET HA   H  N N 207 
MET HB2  H  N N 208 
MET HB3  H  N N 209 
MET HG2  H  N N 210 
MET HG3  H  N N 211 
MET HE1  H  N N 212 
MET HE2  H  N N 213 
MET HE3  H  N N 214 
MET HXT  H  N N 215 
MSE N    N  N N 216 
MSE CA   C  N S 217 
MSE C    C  N N 218 
MSE O    O  N N 219 
MSE OXT  O  N N 220 
MSE CB   C  N N 221 
MSE CG   C  N N 222 
MSE SE   SE N N 223 
MSE CE   C  N N 224 
MSE H    H  N N 225 
MSE H2   H  N N 226 
MSE HA   H  N N 227 
MSE HXT  H  N N 228 
MSE HB2  H  N N 229 
MSE HB3  H  N N 230 
MSE HG2  H  N N 231 
MSE HG3  H  N N 232 
MSE HE1  H  N N 233 
MSE HE2  H  N N 234 
MSE HE3  H  N N 235 
PHE N    N  N N 236 
PHE CA   C  N S 237 
PHE C    C  N N 238 
PHE O    O  N N 239 
PHE CB   C  N N 240 
PHE CG   C  Y N 241 
PHE CD1  C  Y N 242 
PHE CD2  C  Y N 243 
PHE CE1  C  Y N 244 
PHE CE2  C  Y N 245 
PHE CZ   C  Y N 246 
PHE OXT  O  N N 247 
PHE H    H  N N 248 
PHE H2   H  N N 249 
PHE HA   H  N N 250 
PHE HB2  H  N N 251 
PHE HB3  H  N N 252 
PHE HD1  H  N N 253 
PHE HD2  H  N N 254 
PHE HE1  H  N N 255 
PHE HE2  H  N N 256 
PHE HZ   H  N N 257 
PHE HXT  H  N N 258 
PRO N    N  N N 259 
PRO CA   C  N S 260 
PRO C    C  N N 261 
PRO O    O  N N 262 
PRO CB   C  N N 263 
PRO CG   C  N N 264 
PRO CD   C  N N 265 
PRO OXT  O  N N 266 
PRO H    H  N N 267 
PRO HA   H  N N 268 
PRO HB2  H  N N 269 
PRO HB3  H  N N 270 
PRO HG2  H  N N 271 
PRO HG3  H  N N 272 
PRO HD2  H  N N 273 
PRO HD3  H  N N 274 
PRO HXT  H  N N 275 
SER N    N  N N 276 
SER CA   C  N S 277 
SER C    C  N N 278 
SER O    O  N N 279 
SER CB   C  N N 280 
SER OG   O  N N 281 
SER OXT  O  N N 282 
SER H    H  N N 283 
SER H2   H  N N 284 
SER HA   H  N N 285 
SER HB2  H  N N 286 
SER HB3  H  N N 287 
SER HG   H  N N 288 
SER HXT  H  N N 289 
THR N    N  N N 290 
THR CA   C  N S 291 
THR C    C  N N 292 
THR O    O  N N 293 
THR CB   C  N R 294 
THR OG1  O  N N 295 
THR CG2  C  N N 296 
THR OXT  O  N N 297 
THR H    H  N N 298 
THR H2   H  N N 299 
THR HA   H  N N 300 
THR HB   H  N N 301 
THR HG1  H  N N 302 
THR HG21 H  N N 303 
THR HG22 H  N N 304 
THR HG23 H  N N 305 
THR HXT  H  N N 306 
TRP N    N  N N 307 
TRP CA   C  N S 308 
TRP C    C  N N 309 
TRP O    O  N N 310 
TRP CB   C  N N 311 
TRP CG   C  Y N 312 
TRP CD1  C  Y N 313 
TRP CD2  C  Y N 314 
TRP NE1  N  Y N 315 
TRP CE2  C  Y N 316 
TRP CE3  C  Y N 317 
TRP CZ2  C  Y N 318 
TRP CZ3  C  Y N 319 
TRP CH2  C  Y N 320 
TRP OXT  O  N N 321 
TRP H    H  N N 322 
TRP H2   H  N N 323 
TRP HA   H  N N 324 
TRP HB2  H  N N 325 
TRP HB3  H  N N 326 
TRP HD1  H  N N 327 
TRP HE1  H  N N 328 
TRP HE3  H  N N 329 
TRP HZ2  H  N N 330 
TRP HZ3  H  N N 331 
TRP HH2  H  N N 332 
TRP HXT  H  N N 333 
TYR N    N  N N 334 
TYR CA   C  N S 335 
TYR C    C  N N 336 
TYR O    O  N N 337 
TYR CB   C  N N 338 
TYR CG   C  Y N 339 
TYR CD1  C  Y N 340 
TYR CD2  C  Y N 341 
TYR CE1  C  Y N 342 
TYR CE2  C  Y N 343 
TYR CZ   C  Y N 344 
TYR OH   O  N N 345 
TYR OXT  O  N N 346 
TYR H    H  N N 347 
TYR H2   H  N N 348 
TYR HA   H  N N 349 
TYR HB2  H  N N 350 
TYR HB3  H  N N 351 
TYR HD1  H  N N 352 
TYR HD2  H  N N 353 
TYR HE1  H  N N 354 
TYR HE2  H  N N 355 
TYR HH   H  N N 356 
TYR HXT  H  N N 357 
VAL N    N  N N 358 
VAL CA   C  N S 359 
VAL C    C  N N 360 
VAL O    O  N N 361 
VAL CB   C  N N 362 
VAL CG1  C  N N 363 
VAL CG2  C  N N 364 
VAL OXT  O  N N 365 
VAL H    H  N N 366 
VAL H2   H  N N 367 
VAL HA   H  N N 368 
VAL HB   H  N N 369 
VAL HG11 H  N N 370 
VAL HG12 H  N N 371 
VAL HG13 H  N N 372 
VAL HG21 H  N N 373 
VAL HG22 H  N N 374 
VAL HG23 H  N N 375 
VAL HXT  H  N N 376 
# 
loop_
_chem_comp_bond.comp_id 
_chem_comp_bond.atom_id_1 
_chem_comp_bond.atom_id_2 
_chem_comp_bond.value_order 
_chem_comp_bond.pdbx_aromatic_flag 
_chem_comp_bond.pdbx_stereo_config 
_chem_comp_bond.pdbx_ordinal 
ALA N   CA   sing N N 1   
ALA N   H    sing N N 2   
ALA N   H2   sing N N 3   
ALA CA  C    sing N N 4   
ALA CA  CB   sing N N 5   
ALA CA  HA   sing N N 6   
ALA C   O    doub N N 7   
ALA C   OXT  sing N N 8   
ALA CB  HB1  sing N N 9   
ALA CB  HB2  sing N N 10  
ALA CB  HB3  sing N N 11  
ALA OXT HXT  sing N N 12  
ARG N   CA   sing N N 13  
ARG N   H    sing N N 14  
ARG N   H2   sing N N 15  
ARG CA  C    sing N N 16  
ARG CA  CB   sing N N 17  
ARG CA  HA   sing N N 18  
ARG C   O    doub N N 19  
ARG C   OXT  sing N N 20  
ARG CB  CG   sing N N 21  
ARG CB  HB2  sing N N 22  
ARG CB  HB3  sing N N 23  
ARG CG  CD   sing N N 24  
ARG CG  HG2  sing N N 25  
ARG CG  HG3  sing N N 26  
ARG CD  NE   sing N N 27  
ARG CD  HD2  sing N N 28  
ARG CD  HD3  sing N N 29  
ARG NE  CZ   sing N N 30  
ARG NE  HE   sing N N 31  
ARG CZ  NH1  sing N N 32  
ARG CZ  NH2  doub N N 33  
ARG NH1 HH11 sing N N 34  
ARG NH1 HH12 sing N N 35  
ARG NH2 HH21 sing N N 36  
ARG NH2 HH22 sing N N 37  
ARG OXT HXT  sing N N 38  
ASN N   CA   sing N N 39  
ASN N   H    sing N N 40  
ASN N   H2   sing N N 41  
ASN CA  C    sing N N 42  
ASN CA  CB   sing N N 43  
ASN CA  HA   sing N N 44  
ASN C   O    doub N N 45  
ASN C   OXT  sing N N 46  
ASN CB  CG   sing N N 47  
ASN CB  HB2  sing N N 48  
ASN CB  HB3  sing N N 49  
ASN CG  OD1  doub N N 50  
ASN CG  ND2  sing N N 51  
ASN ND2 HD21 sing N N 52  
ASN ND2 HD22 sing N N 53  
ASN OXT HXT  sing N N 54  
ASP N   CA   sing N N 55  
ASP N   H    sing N N 56  
ASP N   H2   sing N N 57  
ASP CA  C    sing N N 58  
ASP CA  CB   sing N N 59  
ASP CA  HA   sing N N 60  
ASP C   O    doub N N 61  
ASP C   OXT  sing N N 62  
ASP CB  CG   sing N N 63  
ASP CB  HB2  sing N N 64  
ASP CB  HB3  sing N N 65  
ASP CG  OD1  doub N N 66  
ASP CG  OD2  sing N N 67  
ASP OD2 HD2  sing N N 68  
ASP OXT HXT  sing N N 69  
GLU N   CA   sing N N 70  
GLU N   H    sing N N 71  
GLU N   H2   sing N N 72  
GLU CA  C    sing N N 73  
GLU CA  CB   sing N N 74  
GLU CA  HA   sing N N 75  
GLU C   O    doub N N 76  
GLU C   OXT  sing N N 77  
GLU CB  CG   sing N N 78  
GLU CB  HB2  sing N N 79  
GLU CB  HB3  sing N N 80  
GLU CG  CD   sing N N 81  
GLU CG  HG2  sing N N 82  
GLU CG  HG3  sing N N 83  
GLU CD  OE1  doub N N 84  
GLU CD  OE2  sing N N 85  
GLU OE2 HE2  sing N N 86  
GLU OXT HXT  sing N N 87  
GLY N   CA   sing N N 88  
GLY N   H    sing N N 89  
GLY N   H2   sing N N 90  
GLY CA  C    sing N N 91  
GLY CA  HA2  sing N N 92  
GLY CA  HA3  sing N N 93  
GLY C   O    doub N N 94  
GLY C   OXT  sing N N 95  
GLY OXT HXT  sing N N 96  
HIS N   CA   sing N N 97  
HIS N   H    sing N N 98  
HIS N   H2   sing N N 99  
HIS CA  C    sing N N 100 
HIS CA  CB   sing N N 101 
HIS CA  HA   sing N N 102 
HIS C   O    doub N N 103 
HIS C   OXT  sing N N 104 
HIS CB  CG   sing N N 105 
HIS CB  HB2  sing N N 106 
HIS CB  HB3  sing N N 107 
HIS CG  ND1  sing Y N 108 
HIS CG  CD2  doub Y N 109 
HIS ND1 CE1  doub Y N 110 
HIS ND1 HD1  sing N N 111 
HIS CD2 NE2  sing Y N 112 
HIS CD2 HD2  sing N N 113 
HIS CE1 NE2  sing Y N 114 
HIS CE1 HE1  sing N N 115 
HIS NE2 HE2  sing N N 116 
HIS OXT HXT  sing N N 117 
HOH O   H1   sing N N 118 
HOH O   H2   sing N N 119 
ILE N   CA   sing N N 120 
ILE N   H    sing N N 121 
ILE N   H2   sing N N 122 
ILE CA  C    sing N N 123 
ILE CA  CB   sing N N 124 
ILE CA  HA   sing N N 125 
ILE C   O    doub N N 126 
ILE C   OXT  sing N N 127 
ILE CB  CG1  sing N N 128 
ILE CB  CG2  sing N N 129 
ILE CB  HB   sing N N 130 
ILE CG1 CD1  sing N N 131 
ILE CG1 HG12 sing N N 132 
ILE CG1 HG13 sing N N 133 
ILE CG2 HG21 sing N N 134 
ILE CG2 HG22 sing N N 135 
ILE CG2 HG23 sing N N 136 
ILE CD1 HD11 sing N N 137 
ILE CD1 HD12 sing N N 138 
ILE CD1 HD13 sing N N 139 
ILE OXT HXT  sing N N 140 
LEU N   CA   sing N N 141 
LEU N   H    sing N N 142 
LEU N   H2   sing N N 143 
LEU CA  C    sing N N 144 
LEU CA  CB   sing N N 145 
LEU CA  HA   sing N N 146 
LEU C   O    doub N N 147 
LEU C   OXT  sing N N 148 
LEU CB  CG   sing N N 149 
LEU CB  HB2  sing N N 150 
LEU CB  HB3  sing N N 151 
LEU CG  CD1  sing N N 152 
LEU CG  CD2  sing N N 153 
LEU CG  HG   sing N N 154 
LEU CD1 HD11 sing N N 155 
LEU CD1 HD12 sing N N 156 
LEU CD1 HD13 sing N N 157 
LEU CD2 HD21 sing N N 158 
LEU CD2 HD22 sing N N 159 
LEU CD2 HD23 sing N N 160 
LEU OXT HXT  sing N N 161 
LYS N   CA   sing N N 162 
LYS N   H    sing N N 163 
LYS N   H2   sing N N 164 
LYS CA  C    sing N N 165 
LYS CA  CB   sing N N 166 
LYS CA  HA   sing N N 167 
LYS C   O    doub N N 168 
LYS C   OXT  sing N N 169 
LYS CB  CG   sing N N 170 
LYS CB  HB2  sing N N 171 
LYS CB  HB3  sing N N 172 
LYS CG  CD   sing N N 173 
LYS CG  HG2  sing N N 174 
LYS CG  HG3  sing N N 175 
LYS CD  CE   sing N N 176 
LYS CD  HD2  sing N N 177 
LYS CD  HD3  sing N N 178 
LYS CE  NZ   sing N N 179 
LYS CE  HE2  sing N N 180 
LYS CE  HE3  sing N N 181 
LYS NZ  HZ1  sing N N 182 
LYS NZ  HZ2  sing N N 183 
LYS NZ  HZ3  sing N N 184 
LYS OXT HXT  sing N N 185 
MET N   CA   sing N N 186 
MET N   H    sing N N 187 
MET N   H2   sing N N 188 
MET CA  C    sing N N 189 
MET CA  CB   sing N N 190 
MET CA  HA   sing N N 191 
MET C   O    doub N N 192 
MET C   OXT  sing N N 193 
MET CB  CG   sing N N 194 
MET CB  HB2  sing N N 195 
MET CB  HB3  sing N N 196 
MET CG  SD   sing N N 197 
MET CG  HG2  sing N N 198 
MET CG  HG3  sing N N 199 
MET SD  CE   sing N N 200 
MET CE  HE1  sing N N 201 
MET CE  HE2  sing N N 202 
MET CE  HE3  sing N N 203 
MET OXT HXT  sing N N 204 
MSE N   CA   sing N N 205 
MSE N   H    sing N N 206 
MSE N   H2   sing N N 207 
MSE CA  C    sing N N 208 
MSE CA  CB   sing N N 209 
MSE CA  HA   sing N N 210 
MSE C   O    doub N N 211 
MSE C   OXT  sing N N 212 
MSE OXT HXT  sing N N 213 
MSE CB  CG   sing N N 214 
MSE CB  HB2  sing N N 215 
MSE CB  HB3  sing N N 216 
MSE CG  SE   sing N N 217 
MSE CG  HG2  sing N N 218 
MSE CG  HG3  sing N N 219 
MSE SE  CE   sing N N 220 
MSE CE  HE1  sing N N 221 
MSE CE  HE2  sing N N 222 
MSE CE  HE3  sing N N 223 
PHE N   CA   sing N N 224 
PHE N   H    sing N N 225 
PHE N   H2   sing N N 226 
PHE CA  C    sing N N 227 
PHE CA  CB   sing N N 228 
PHE CA  HA   sing N N 229 
PHE C   O    doub N N 230 
PHE C   OXT  sing N N 231 
PHE CB  CG   sing N N 232 
PHE CB  HB2  sing N N 233 
PHE CB  HB3  sing N N 234 
PHE CG  CD1  doub Y N 235 
PHE CG  CD2  sing Y N 236 
PHE CD1 CE1  sing Y N 237 
PHE CD1 HD1  sing N N 238 
PHE CD2 CE2  doub Y N 239 
PHE CD2 HD2  sing N N 240 
PHE CE1 CZ   doub Y N 241 
PHE CE1 HE1  sing N N 242 
PHE CE2 CZ   sing Y N 243 
PHE CE2 HE2  sing N N 244 
PHE CZ  HZ   sing N N 245 
PHE OXT HXT  sing N N 246 
PRO N   CA   sing N N 247 
PRO N   CD   sing N N 248 
PRO N   H    sing N N 249 
PRO CA  C    sing N N 250 
PRO CA  CB   sing N N 251 
PRO CA  HA   sing N N 252 
PRO C   O    doub N N 253 
PRO C   OXT  sing N N 254 
PRO CB  CG   sing N N 255 
PRO CB  HB2  sing N N 256 
PRO CB  HB3  sing N N 257 
PRO CG  CD   sing N N 258 
PRO CG  HG2  sing N N 259 
PRO CG  HG3  sing N N 260 
PRO CD  HD2  sing N N 261 
PRO CD  HD3  sing N N 262 
PRO OXT HXT  sing N N 263 
SER N   CA   sing N N 264 
SER N   H    sing N N 265 
SER N   H2   sing N N 266 
SER CA  C    sing N N 267 
SER CA  CB   sing N N 268 
SER CA  HA   sing N N 269 
SER C   O    doub N N 270 
SER C   OXT  sing N N 271 
SER CB  OG   sing N N 272 
SER CB  HB2  sing N N 273 
SER CB  HB3  sing N N 274 
SER OG  HG   sing N N 275 
SER OXT HXT  sing N N 276 
THR N   CA   sing N N 277 
THR N   H    sing N N 278 
THR N   H2   sing N N 279 
THR CA  C    sing N N 280 
THR CA  CB   sing N N 281 
THR CA  HA   sing N N 282 
THR C   O    doub N N 283 
THR C   OXT  sing N N 284 
THR CB  OG1  sing N N 285 
THR CB  CG2  sing N N 286 
THR CB  HB   sing N N 287 
THR OG1 HG1  sing N N 288 
THR CG2 HG21 sing N N 289 
THR CG2 HG22 sing N N 290 
THR CG2 HG23 sing N N 291 
THR OXT HXT  sing N N 292 
TRP N   CA   sing N N 293 
TRP N   H    sing N N 294 
TRP N   H2   sing N N 295 
TRP CA  C    sing N N 296 
TRP CA  CB   sing N N 297 
TRP CA  HA   sing N N 298 
TRP C   O    doub N N 299 
TRP C   OXT  sing N N 300 
TRP CB  CG   sing N N 301 
TRP CB  HB2  sing N N 302 
TRP CB  HB3  sing N N 303 
TRP CG  CD1  doub Y N 304 
TRP CG  CD2  sing Y N 305 
TRP CD1 NE1  sing Y N 306 
TRP CD1 HD1  sing N N 307 
TRP CD2 CE2  doub Y N 308 
TRP CD2 CE3  sing Y N 309 
TRP NE1 CE2  sing Y N 310 
TRP NE1 HE1  sing N N 311 
TRP CE2 CZ2  sing Y N 312 
TRP CE3 CZ3  doub Y N 313 
TRP CE3 HE3  sing N N 314 
TRP CZ2 CH2  doub Y N 315 
TRP CZ2 HZ2  sing N N 316 
TRP CZ3 CH2  sing Y N 317 
TRP CZ3 HZ3  sing N N 318 
TRP CH2 HH2  sing N N 319 
TRP OXT HXT  sing N N 320 
TYR N   CA   sing N N 321 
TYR N   H    sing N N 322 
TYR N   H2   sing N N 323 
TYR CA  C    sing N N 324 
TYR CA  CB   sing N N 325 
TYR CA  HA   sing N N 326 
TYR C   O    doub N N 327 
TYR C   OXT  sing N N 328 
TYR CB  CG   sing N N 329 
TYR CB  HB2  sing N N 330 
TYR CB  HB3  sing N N 331 
TYR CG  CD1  doub Y N 332 
TYR CG  CD2  sing Y N 333 
TYR CD1 CE1  sing Y N 334 
TYR CD1 HD1  sing N N 335 
TYR CD2 CE2  doub Y N 336 
TYR CD2 HD2  sing N N 337 
TYR CE1 CZ   doub Y N 338 
TYR CE1 HE1  sing N N 339 
TYR CE2 CZ   sing Y N 340 
TYR CE2 HE2  sing N N 341 
TYR CZ  OH   sing N N 342 
TYR OH  HH   sing N N 343 
TYR OXT HXT  sing N N 344 
VAL N   CA   sing N N 345 
VAL N   H    sing N N 346 
VAL N   H2   sing N N 347 
VAL CA  C    sing N N 348 
VAL CA  CB   sing N N 349 
VAL CA  HA   sing N N 350 
VAL C   O    doub N N 351 
VAL C   OXT  sing N N 352 
VAL CB  CG1  sing N N 353 
VAL CB  CG2  sing N N 354 
VAL CB  HB   sing N N 355 
VAL CG1 HG11 sing N N 356 
VAL CG1 HG12 sing N N 357 
VAL CG1 HG13 sing N N 358 
VAL CG2 HG21 sing N N 359 
VAL CG2 HG22 sing N N 360 
VAL CG2 HG23 sing N N 361 
VAL OXT HXT  sing N N 362 
# 
_atom_sites.entry_id                    2CXH 
_atom_sites.fract_transf_matrix[1][1]   0.01339180 
_atom_sites.fract_transf_matrix[1][2]   -0.02323313 
_atom_sites.fract_transf_matrix[1][3]   0.00672179 
_atom_sites.fract_transf_matrix[2][1]   0.01778052 
_atom_sites.fract_transf_matrix[2][2]   0.01104616 
_atom_sites.fract_transf_matrix[2][3]   0.00275578 
_atom_sites.fract_transf_matrix[3][1]   -0.00190016 
_atom_sites.fract_transf_matrix[3][2]   0.00113525 
_atom_sites.fract_transf_matrix[3][3]   0.00770954 
_atom_sites.fract_transf_vector[1]      0.522539 
_atom_sites.fract_transf_vector[2]      0.217089 
_atom_sites.fract_transf_vector[3]      0.627730 
# 
loop_
_atom_type.symbol 
C  
N  
O  
SE 
# 
loop_
_atom_site.group_PDB 
_atom_site.id 
_atom_site.type_symbol 
_atom_site.label_atom_id 
_atom_site.label_alt_id 
_atom_site.label_comp_id 
_atom_site.label_asym_id 
_atom_site.label_entity_id 
_atom_site.label_seq_id 
_atom_site.pdbx_PDB_ins_code 
_atom_site.Cartn_x 
_atom_site.Cartn_y 
_atom_site.Cartn_z 
_atom_site.occupancy 
_atom_site.B_iso_or_equiv 
_atom_site.pdbx_formal_charge 
_atom_site.auth_seq_id 
_atom_site.auth_comp_id 
_atom_site.auth_asym_id 
_atom_site.auth_atom_id 
_atom_site.pdbx_PDB_model_num 
ATOM   1    N  N   . GLY A 1 33  ? 17.327  -4.792  -2.392  1.00 38.53 ? 13  GLY A N   1 
ATOM   2    C  CA  . GLY A 1 33  ? 16.011  -5.461  -2.183  1.00 37.86 ? 13  GLY A CA  1 
ATOM   3    C  C   . GLY A 1 33  ? 14.854  -4.592  -2.636  1.00 36.71 ? 13  GLY A C   1 
ATOM   4    O  O   . GLY A 1 33  ? 14.990  -3.373  -2.739  1.00 38.58 ? 13  GLY A O   1 
ATOM   5    N  N   . TYR A 1 34  ? 13.710  -5.216  -2.902  1.00 34.15 ? 14  TYR A N   1 
ATOM   6    C  CA  . TYR A 1 34  ? 12.539  -4.482  -3.356  1.00 31.14 ? 14  TYR A CA  1 
ATOM   7    C  C   . TYR A 1 34  ? 11.281  -4.789  -2.547  1.00 26.98 ? 14  TYR A C   1 
ATOM   8    O  O   . TYR A 1 34  ? 10.169  -4.571  -3.024  1.00 26.79 ? 14  TYR A O   1 
ATOM   9    C  CB  . TYR A 1 34  ? 12.278  -4.775  -4.836  1.00 35.74 ? 14  TYR A CB  1 
ATOM   10   C  CG  . TYR A 1 34  ? 13.428  -4.398  -5.742  1.00 39.97 ? 14  TYR A CG  1 
ATOM   11   C  CD1 . TYR A 1 34  ? 13.865  -3.077  -5.832  1.00 41.67 ? 14  TYR A CD1 1 
ATOM   12   C  CD2 . TYR A 1 34  ? 14.087  -5.364  -6.505  1.00 42.06 ? 14  TYR A CD2 1 
ATOM   13   C  CE1 . TYR A 1 34  ? 14.932  -2.724  -6.657  1.00 43.69 ? 14  TYR A CE1 1 
ATOM   14   C  CE2 . TYR A 1 34  ? 15.154  -5.023  -7.334  1.00 43.63 ? 14  TYR A CE2 1 
ATOM   15   C  CZ  . TYR A 1 34  ? 15.571  -3.702  -7.404  1.00 44.17 ? 14  TYR A CZ  1 
ATOM   16   O  OH  . TYR A 1 34  ? 16.630  -3.362  -8.215  1.00 45.64 ? 14  TYR A OH  1 
ATOM   17   N  N   . ARG A 1 35  ? 11.450  -5.297  -1.330  1.00 20.86 ? 15  ARG A N   1 
ATOM   18   C  CA  . ARG A 1 35  ? 10.294  -5.597  -0.498  1.00 16.85 ? 15  ARG A CA  1 
ATOM   19   C  C   . ARG A 1 35  ? 9.749   -4.301  0.084   1.00 14.12 ? 15  ARG A C   1 
ATOM   20   O  O   . ARG A 1 35  ? 10.378  -3.250  -0.029  1.00 12.64 ? 15  ARG A O   1 
ATOM   21   C  CB  . ARG A 1 35  ? 10.657  -6.574  0.624   1.00 18.43 ? 15  ARG A CB  1 
ATOM   22   C  CG  . ARG A 1 35  ? 10.982  -7.981  0.127   1.00 20.26 ? 15  ARG A CG  1 
ATOM   23   C  CD  . ARG A 1 35  ? 10.531  -9.030  1.134   1.00 24.26 ? 15  ARG A CD  1 
ATOM   24   N  NE  . ARG A 1 35  ? 11.243  -8.909  2.395   1.00 28.09 ? 15  ARG A NE  1 
ATOM   25   C  CZ  . ARG A 1 35  ? 10.827  -9.430  3.543   1.00 25.40 ? 15  ARG A CZ  1 
ATOM   26   N  NH1 . ARG A 1 35  ? 9.690   -10.113 3.602   1.00 26.18 ? 15  ARG A NH1 1 
ATOM   27   N  NH2 . ARG A 1 35  ? 11.556  -9.267  4.632   1.00 26.55 ? 15  ARG A NH2 1 
ATOM   28   N  N   . ILE A 1 36  ? 8.581   -4.385  0.710   1.00 12.37 ? 16  ILE A N   1 
ATOM   29   C  CA  . ILE A 1 36  ? 7.927   -3.214  1.283   1.00 11.52 ? 16  ILE A CA  1 
ATOM   30   C  C   . ILE A 1 36  ? 7.578   -3.449  2.749   1.00 10.20 ? 16  ILE A C   1 
ATOM   31   O  O   . ILE A 1 36  ? 6.750   -4.304  3.056   1.00 11.31 ? 16  ILE A O   1 
ATOM   32   C  CB  . ILE A 1 36  ? 6.621   -2.902  0.510   1.00 10.98 ? 16  ILE A CB  1 
ATOM   33   C  CG1 . ILE A 1 36  ? 6.931   -2.682  -0.972  1.00 12.50 ? 16  ILE A CG1 1 
ATOM   34   C  CG2 . ILE A 1 36  ? 5.942   -1.664  1.104   1.00 11.81 ? 16  ILE A CG2 1 
ATOM   35   C  CD1 . ILE A 1 36  ? 5.722   -2.854  -1.883  1.00 13.30 ? 16  ILE A CD1 1 
ATOM   36   N  N   . LEU A 1 37  ? 8.208   -2.697  3.647   1.00 10.35 ? 17  LEU A N   1 
ATOM   37   C  CA  . LEU A 1 37  ? 7.935   -2.829  5.078   1.00 11.24 ? 17  LEU A CA  1 
ATOM   38   C  C   . LEU A 1 37  ? 6.683   -2.011  5.390   1.00 9.62  ? 17  LEU A C   1 
ATOM   39   O  O   . LEU A 1 37  ? 6.661   -0.803  5.183   1.00 11.87 ? 17  LEU A O   1 
ATOM   40   C  CB  . LEU A 1 37  ? 9.133   -2.320  5.894   1.00 11.17 ? 17  LEU A CB  1 
ATOM   41   C  CG  . LEU A 1 37  ? 9.135   -2.473  7.422   1.00 12.66 ? 17  LEU A CG  1 
ATOM   42   C  CD1 . LEU A 1 37  ? 10.576  -2.428  7.926   1.00 10.95 ? 17  LEU A CD1 1 
ATOM   43   C  CD2 . LEU A 1 37  ? 8.297   -1.380  8.076   1.00 13.22 ? 17  LEU A CD2 1 
ATOM   44   N  N   . VAL A 1 38  ? 5.637   -2.674  5.867   1.00 10.18 ? 18  VAL A N   1 
ATOM   45   C  CA  . VAL A 1 38  ? 4.387   -1.992  6.189   1.00 9.87  ? 18  VAL A CA  1 
ATOM   46   C  C   . VAL A 1 38  ? 4.180   -1.931  7.693   1.00 10.09 ? 18  VAL A C   1 
ATOM   47   O  O   . VAL A 1 38  ? 4.074   -2.962  8.360   1.00 10.67 ? 18  VAL A O   1 
ATOM   48   C  CB  . VAL A 1 38  ? 3.179   -2.703  5.549   1.00 10.76 ? 18  VAL A CB  1 
ATOM   49   C  CG1 . VAL A 1 38  ? 1.906   -1.904  5.817   1.00 9.79  ? 18  VAL A CG1 1 
ATOM   50   C  CG2 . VAL A 1 38  ? 3.407   -2.861  4.047   1.00 11.09 ? 18  VAL A CG2 1 
ATOM   51   N  N   . THR A 1 39  ? 4.114   -0.716  8.226   1.00 11.38 ? 19  THR A N   1 
ATOM   52   C  CA  . THR A 1 39  ? 3.936   -0.543  9.656   1.00 10.26 ? 19  THR A CA  1 
ATOM   53   C  C   . THR A 1 39  ? 2.922   0.554   9.995   1.00 11.64 ? 19  THR A C   1 
ATOM   54   O  O   . THR A 1 39  ? 2.192   1.041   9.125   1.00 10.52 ? 19  THR A O   1 
ATOM   55   C  CB  . THR A 1 39  ? 5.306   -0.269  10.335  1.00 11.30 ? 19  THR A CB  1 
ATOM   56   O  OG1 . THR A 1 39  ? 5.181   -0.403  11.755  1.00 10.57 ? 19  THR A OG1 1 
ATOM   57   C  CG2 . THR A 1 39  ? 5.813   1.110   9.982   1.00 9.60  ? 19  THR A CG2 1 
ATOM   58   N  N   . THR A 1 40  ? 2.887   0.950   11.259  1.00 12.33 ? 20  THR A N   1 
ATOM   59   C  CA  . THR A 1 40  ? 1.923   1.943   11.715  1.00 12.18 ? 20  THR A CA  1 
ATOM   60   C  C   . THR A 1 40  ? 2.562   3.084   12.479  1.00 12.57 ? 20  THR A C   1 
ATOM   61   O  O   . THR A 1 40  ? 3.773   3.112   12.698  1.00 10.42 ? 20  THR A O   1 
ATOM   62   C  CB  . THR A 1 40  ? 0.909   1.299   12.683  1.00 13.06 ? 20  THR A CB  1 
ATOM   63   O  OG1 . THR A 1 40  ? 1.592   0.892   13.882  1.00 10.90 ? 20  THR A OG1 1 
ATOM   64   C  CG2 . THR A 1 40  ? 0.267   0.079   12.058  1.00 13.63 ? 20  THR A CG2 1 
ATOM   65   N  N   . SER A 1 41  ? 1.724   4.033   12.878  1.00 12.67 ? 21  SER A N   1 
ATOM   66   C  CA  . SER A 1 41  ? 2.188   5.133   13.701  1.00 13.39 ? 21  SER A CA  1 
ATOM   67   C  C   . SER A 1 41  ? 2.336   4.441   15.061  1.00 13.32 ? 21  SER A C   1 
ATOM   68   O  O   . SER A 1 41  ? 1.875   3.309   15.228  1.00 12.13 ? 21  SER A O   1 
ATOM   69   C  CB  . SER A 1 41  ? 1.130   6.243   13.737  1.00 14.55 ? 21  SER A CB  1 
ATOM   70   O  OG  . SER A 1 41  ? -0.183  5.709   13.837  1.00 17.20 ? 21  SER A OG  1 
ATOM   71   N  N   . ARG A 1 42  ? 2.975   5.094   16.026  1.00 11.34 ? 22  ARG A N   1 
ATOM   72   C  CA  . ARG A 1 42  ? 3.182   4.490   17.342  1.00 12.79 ? 22  ARG A CA  1 
ATOM   73   C  C   . ARG A 1 42  ? 1.890   4.216   18.119  1.00 12.43 ? 22  ARG A C   1 
ATOM   74   O  O   . ARG A 1 42  ? 0.951   5.010   18.071  1.00 13.17 ? 22  ARG A O   1 
ATOM   75   C  CB  . ARG A 1 42  ? 4.103   5.388   18.171  1.00 13.42 ? 22  ARG A CB  1 
ATOM   76   C  CG  . ARG A 1 42  ? 5.452   5.642   17.513  1.00 14.96 ? 22  ARG A CG  1 
ATOM   77   C  CD  . ARG A 1 42  ? 6.241   6.710   18.261  1.00 17.16 ? 22  ARG A CD  1 
ATOM   78   N  NE  . ARG A 1 42  ? 7.504   7.017   17.595  1.00 18.16 ? 22  ARG A NE  1 
ATOM   79   C  CZ  . ARG A 1 42  ? 8.700   6.642   18.037  1.00 17.91 ? 22  ARG A CZ  1 
ATOM   80   N  NH1 . ARG A 1 42  ? 8.808   5.940   19.157  1.00 19.34 ? 22  ARG A NH1 1 
ATOM   81   N  NH2 . ARG A 1 42  ? 9.793   6.977   17.358  1.00 18.99 ? 22  ARG A NH2 1 
ATOM   82   N  N   . ARG A 1 43  ? 1.869   3.093   18.835  1.00 13.08 ? 23  ARG A N   1 
ATOM   83   C  CA  . ARG A 1 43  ? 0.713   2.673   19.638  1.00 14.41 ? 23  ARG A CA  1 
ATOM   84   C  C   . ARG A 1 43  ? -0.576  2.716   18.826  1.00 13.68 ? 23  ARG A C   1 
ATOM   85   O  O   . ARG A 1 43  ? -1.550  3.382   19.196  1.00 13.21 ? 23  ARG A O   1 
ATOM   86   C  CB  . ARG A 1 43  ? 0.596   3.560   20.876  1.00 16.98 ? 23  ARG A CB  1 
ATOM   87   C  CG  . ARG A 1 43  ? 1.834   3.486   21.750  1.00 22.66 ? 23  ARG A CG  1 
ATOM   88   C  CD  . ARG A 1 43  ? 1.738   4.370   22.975  1.00 26.79 ? 23  ARG A CD  1 
ATOM   89   N  NE  . ARG A 1 43  ? 2.967   4.286   23.757  1.00 31.92 ? 23  ARG A NE  1 
ATOM   90   C  CZ  . ARG A 1 43  ? 4.150   4.741   23.352  1.00 34.61 ? 23  ARG A CZ  1 
ATOM   91   N  NH1 . ARG A 1 43  ? 4.282   5.330   22.166  1.00 29.33 ? 23  ARG A NH1 1 
ATOM   92   N  NH2 . ARG A 1 43  ? 5.213   4.596   24.134  1.00 37.59 ? 23  ARG A NH2 1 
ATOM   93   N  N   . PRO A 1 44  ? -0.606  1.972   17.712  1.00 13.98 ? 24  PRO A N   1 
ATOM   94   C  CA  . PRO A 1 44  ? -1.758  1.906   16.814  1.00 14.49 ? 24  PRO A CA  1 
ATOM   95   C  C   . PRO A 1 44  ? -3.016  1.310   17.422  1.00 15.12 ? 24  PRO A C   1 
ATOM   96   O  O   . PRO A 1 44  ? -2.953  0.400   18.253  1.00 14.44 ? 24  PRO A O   1 
ATOM   97   C  CB  . PRO A 1 44  ? -1.237  1.057   15.663  1.00 15.92 ? 24  PRO A CB  1 
ATOM   98   C  CG  . PRO A 1 44  ? -0.371  0.077   16.371  1.00 15.16 ? 24  PRO A CG  1 
ATOM   99   C  CD  . PRO A 1 44  ? 0.410   0.978   17.317  1.00 15.20 ? 24  PRO A CD  1 
ATOM   100  N  N   . SER A 1 45  ? -4.155  1.836   16.989  1.00 16.52 ? 25  SER A N   1 
ATOM   101  C  CA  . SER A 1 45  ? -5.446  1.345   17.440  1.00 17.56 ? 25  SER A CA  1 
ATOM   102  C  C   . SER A 1 45  ? -5.622  -0.021  16.780  1.00 17.02 ? 25  SER A C   1 
ATOM   103  O  O   . SER A 1 45  ? -4.934  -0.340  15.805  1.00 15.39 ? 25  SER A O   1 
ATOM   104  C  CB  . SER A 1 45  ? -6.556  2.303   16.999  1.00 19.03 ? 25  SER A CB  1 
ATOM   105  O  OG  . SER A 1 45  ? -6.399  3.580   17.604  1.00 22.21 ? 25  SER A OG  1 
ATOM   106  N  N   . PRO A 1 46  ? -6.545  -0.845  17.295  1.00 16.48 ? 26  PRO A N   1 
ATOM   107  C  CA  . PRO A 1 46  ? -6.780  -2.178  16.735  1.00 16.76 ? 26  PRO A CA  1 
ATOM   108  C  C   . PRO A 1 46  ? -7.036  -2.237  15.229  1.00 14.65 ? 26  PRO A C   1 
ATOM   109  O  O   . PRO A 1 46  ? -6.479  -3.089  14.543  1.00 15.80 ? 26  PRO A O   1 
ATOM   110  C  CB  . PRO A 1 46  ? -7.976  -2.680  17.539  1.00 18.66 ? 26  PRO A CB  1 
ATOM   111  C  CG  . PRO A 1 46  ? -7.790  -1.999  18.865  1.00 19.41 ? 26  PRO A CG  1 
ATOM   112  C  CD  . PRO A 1 46  ? -7.442  -0.599  18.437  1.00 17.90 ? 26  PRO A CD  1 
ATOM   113  N  N   . ARG A 1 47  ? -7.868  -1.342  14.706  1.00 15.59 ? 27  ARG A N   1 
ATOM   114  C  CA  . ARG A 1 47  ? -8.165  -1.398  13.278  1.00 14.75 ? 27  ARG A CA  1 
ATOM   115  C  C   . ARG A 1 47  ? -6.956  -1.098  12.403  1.00 13.92 ? 27  ARG A C   1 
ATOM   116  O  O   . ARG A 1 47  ? -6.852  -1.613  11.293  1.00 13.66 ? 27  ARG A O   1 
ATOM   117  C  CB  . ARG A 1 47  ? -9.312  -0.457  12.910  1.00 15.20 ? 27  ARG A CB  1 
ATOM   118  C  CG  . ARG A 1 47  ? -9.809  -0.680  11.485  1.00 17.11 ? 27  ARG A CG  1 
ATOM   119  C  CD  . ARG A 1 47  ? -11.095 0.063   11.212  1.00 19.92 ? 27  ARG A CD  1 
ATOM   120  N  NE  . ARG A 1 47  ? -11.597 -0.145  9.855   1.00 19.27 ? 27  ARG A NE  1 
ATOM   121  C  CZ  . ARG A 1 47  ? -12.054 -1.301  9.377   1.00 17.54 ? 27  ARG A CZ  1 
ATOM   122  N  NH1 . ARG A 1 47  ? -12.077 -2.389  10.137  1.00 18.08 ? 27  ARG A NH1 1 
ATOM   123  N  NH2 . ARG A 1 47  ? -12.515 -1.364  8.135   1.00 17.02 ? 27  ARG A NH2 1 
ATOM   124  N  N   . ILE A 1 48  ? -6.040  -0.269  12.892  1.00 12.52 ? 28  ILE A N   1 
ATOM   125  C  CA  . ILE A 1 48  ? -4.850  0.050   12.106  1.00 13.87 ? 28  ILE A CA  1 
ATOM   126  C  C   . ILE A 1 48  ? -4.007  -1.214  11.942  1.00 13.19 ? 28  ILE A C   1 
ATOM   127  O  O   . ILE A 1 48  ? -3.473  -1.475  10.867  1.00 11.62 ? 28  ILE A O   1 
ATOM   128  C  CB  . ILE A 1 48  ? -3.982  1.131   12.781  1.00 14.45 ? 28  ILE A CB  1 
ATOM   129  C  CG1 . ILE A 1 48  ? -4.858  2.298   13.245  1.00 17.45 ? 28  ILE A CG1 1 
ATOM   130  C  CG2 . ILE A 1 48  ? -2.915  1.619   11.805  1.00 14.59 ? 28  ILE A CG2 1 
ATOM   131  C  CD1 . ILE A 1 48  ? -5.657  2.951   12.148  1.00 14.72 ? 28  ILE A CD1 1 
ATOM   132  N  N   . ARG A 1 49  ? -3.891  -1.997  13.012  1.00 12.52 ? 29  ARG A N   1 
ATOM   133  C  CA  . ARG A 1 49  ? -3.117  -3.234  12.962  1.00 13.88 ? 29  ARG A CA  1 
ATOM   134  C  C   . ARG A 1 49  ? -3.778  -4.239  12.025  1.00 12.98 ? 29  ARG A C   1 
ATOM   135  O  O   . ARG A 1 49  ? -3.100  -4.912  11.248  1.00 12.73 ? 29  ARG A O   1 
ATOM   136  C  CB  . ARG A 1 49  ? -2.983  -3.856  14.360  1.00 16.22 ? 29  ARG A CB  1 
ATOM   137  C  CG  . ARG A 1 49  ? -2.164  -3.037  15.349  1.00 21.41 ? 29  ARG A CG  1 
ATOM   138  C  CD  . ARG A 1 49  ? -1.703  -3.911  16.515  1.00 25.58 ? 29  ARG A CD  1 
ATOM   139  N  NE  . ARG A 1 49  ? -2.818  -4.499  17.251  1.00 29.87 ? 29  ARG A NE  1 
ATOM   140  C  CZ  . ARG A 1 49  ? -3.590  -3.832  18.104  1.00 32.71 ? 29  ARG A CZ  1 
ATOM   141  N  NH1 . ARG A 1 49  ? -3.371  -2.543  18.338  1.00 34.24 ? 29  ARG A NH1 1 
ATOM   142  N  NH2 . ARG A 1 49  ? -4.583  -4.452  18.725  1.00 32.01 ? 29  ARG A NH2 1 
ATOM   143  N  N   . SER A 1 50  ? -5.103  -4.337  12.104  1.00 12.96 ? 30  SER A N   1 
ATOM   144  C  CA  . SER A 1 50  ? -5.858  -5.258  11.256  1.00 12.83 ? 30  SER A CA  1 
ATOM   145  C  C   . SER A 1 50  ? -5.729  -4.881  9.786   1.00 11.53 ? 30  SER A C   1 
ATOM   146  O  O   . SER A 1 50  ? -5.604  -5.748  8.922   1.00 11.70 ? 30  SER A O   1 
ATOM   147  C  CB  . SER A 1 50  ? -7.335  -5.257  11.649  1.00 15.72 ? 30  SER A CB  1 
ATOM   148  O  OG  . SER A 1 50  ? -7.496  -5.724  12.971  1.00 21.90 ? 30  SER A OG  1 
ATOM   149  N  N   . PHE A 1 51  ? -5.772  -3.584  9.509   1.00 10.47 ? 31  PHE A N   1 
ATOM   150  C  CA  . PHE A 1 51  ? -5.646  -3.098  8.141   1.00 11.30 ? 31  PHE A CA  1 
ATOM   151  C  C   . PHE A 1 51  ? -4.259  -3.414  7.588   1.00 10.66 ? 31  PHE A C   1 
ATOM   152  O  O   . PHE A 1 51  ? -4.126  -3.889  6.461   1.00 9.31  ? 31  PHE A O   1 
ATOM   153  C  CB  . PHE A 1 51  ? -5.903  -1.588  8.086   1.00 10.73 ? 31  PHE A CB  1 
ATOM   154  C  CG  . PHE A 1 51  ? -5.584  -0.968  6.748   1.00 13.05 ? 31  PHE A CG  1 
ATOM   155  C  CD1 . PHE A 1 51  ? -6.169  -1.456  5.586   1.00 14.05 ? 31  PHE A CD1 1 
ATOM   156  C  CD2 . PHE A 1 51  ? -4.682  0.088   6.655   1.00 12.85 ? 31  PHE A CD2 1 
ATOM   157  C  CE1 . PHE A 1 51  ? -5.861  -0.902  4.341   1.00 14.13 ? 31  PHE A CE1 1 
ATOM   158  C  CE2 . PHE A 1 51  ? -4.365  0.653   5.411   1.00 12.86 ? 31  PHE A CE2 1 
ATOM   159  C  CZ  . PHE A 1 51  ? -4.957  0.154   4.255   1.00 13.95 ? 31  PHE A CZ  1 
ATOM   160  N  N   . VAL A 1 52  ? -3.222  -3.155  8.380   1.00 11.26 ? 32  VAL A N   1 
ATOM   161  C  CA  . VAL A 1 52  ? -1.861  -3.427  7.927   1.00 11.94 ? 32  VAL A CA  1 
ATOM   162  C  C   . VAL A 1 52  ? -1.669  -4.911  7.618   1.00 12.21 ? 32  VAL A C   1 
ATOM   163  O  O   . VAL A 1 52  ? -0.982  -5.266  6.661   1.00 12.75 ? 32  VAL A O   1 
ATOM   164  C  CB  . VAL A 1 52  ? -0.820  -2.946  8.977   1.00 13.24 ? 32  VAL A CB  1 
ATOM   165  C  CG1 . VAL A 1 52  ? 0.553   -3.502  8.669   1.00 13.42 ? 32  VAL A CG1 1 
ATOM   166  C  CG2 . VAL A 1 52  ? -0.770  -1.419  8.971   1.00 12.79 ? 32  VAL A CG2 1 
ATOM   167  N  N   . LYS A 1 53  ? -2.290  -5.782  8.408   1.00 12.46 ? 33  LYS A N   1 
ATOM   168  C  CA  . LYS A 1 53  ? -2.169  -7.214  8.170   1.00 12.96 ? 33  LYS A CA  1 
ATOM   169  C  C   . LYS A 1 53  ? -2.848  -7.582  6.848   1.00 12.03 ? 33  LYS A C   1 
ATOM   170  O  O   . LYS A 1 53  ? -2.310  -8.349  6.052   1.00 12.27 ? 33  LYS A O   1 
ATOM   171  C  CB  . LYS A 1 53  ? -2.814  -8.006  9.312   1.00 13.89 ? 33  LYS A CB  1 
ATOM   172  C  CG  . LYS A 1 53  ? -2.658  -9.515  9.173   1.00 18.16 ? 33  LYS A CG  1 
ATOM   173  C  CD  . LYS A 1 53  ? -3.253  -10.262 10.358  1.00 21.02 ? 33  LYS A CD  1 
ATOM   174  C  CE  . LYS A 1 53  ? -2.972  -11.758 10.252  1.00 25.12 ? 33  LYS A CE  1 
ATOM   175  N  NZ  . LYS A 1 53  ? -3.489  -12.515 11.428  1.00 27.55 ? 33  LYS A NZ  1 
ATOM   176  N  N   . ASP A 1 54  ? -4.028  -7.015  6.625   1.00 12.58 ? 34  ASP A N   1 
ATOM   177  C  CA  . ASP A 1 54  ? -4.808  -7.276  5.418   1.00 12.64 ? 34  ASP A CA  1 
ATOM   178  C  C   . ASP A 1 54  ? -4.068  -6.747  4.188   1.00 12.18 ? 34  ASP A C   1 
ATOM   179  O  O   . ASP A 1 54  ? -3.915  -7.454  3.190   1.00 10.34 ? 34  ASP A O   1 
ATOM   180  C  CB  . ASP A 1 54  ? -6.184  -6.608  5.555   1.00 13.90 ? 34  ASP A CB  1 
ATOM   181  C  CG  . ASP A 1 54  ? -7.296  -7.379  4.853   1.00 15.75 ? 34  ASP A CG  1 
ATOM   182  O  OD1 . ASP A 1 54  ? -7.346  -8.620  4.988   1.00 16.18 ? 34  ASP A OD1 1 
ATOM   183  O  OD2 . ASP A 1 54  ? -8.137  -6.740  4.183   1.00 15.02 ? 34  ASP A OD2 1 
ATOM   184  N  N   . LEU A 1 55  ? -3.588  -5.511  4.271   1.00 11.71 ? 35  LEU A N   1 
ATOM   185  C  CA  . LEU A 1 55  ? -2.875  -4.902  3.154   1.00 11.74 ? 35  LEU A CA  1 
ATOM   186  C  C   . LEU A 1 55  ? -1.560  -5.624  2.839   1.00 11.50 ? 35  LEU A C   1 
ATOM   187  O  O   . LEU A 1 55  ? -1.253  -5.885  1.672   1.00 10.65 ? 35  LEU A O   1 
ATOM   188  C  CB  . LEU A 1 55  ? -2.601  -3.423  3.448   1.00 11.66 ? 35  LEU A CB  1 
ATOM   189  C  CG  . LEU A 1 55  ? -1.973  -2.621  2.304   1.00 12.42 ? 35  LEU A CG  1 
ATOM   190  C  CD1 . LEU A 1 55  ? -2.961  -2.521  1.145   1.00 14.37 ? 35  LEU A CD1 1 
ATOM   191  C  CD2 . LEU A 1 55  ? -1.592  -1.236  2.798   1.00 14.63 ? 35  LEU A CD2 1 
ATOM   192  N  N   . SER A 1 56  ? -0.796  -5.956  3.878   1.00 11.63 ? 36  SER A N   1 
ATOM   193  C  CA  . SER A 1 56  ? 0.489   -6.634  3.708   1.00 12.46 ? 36  SER A CA  1 
ATOM   194  C  C   . SER A 1 56  ? 0.350   -8.028  3.099   1.00 14.37 ? 36  SER A C   1 
ATOM   195  O  O   . SER A 1 56  ? 1.276   -8.528  2.456   1.00 16.01 ? 36  SER A O   1 
ATOM   196  C  CB  . SER A 1 56  ? 1.218   -6.735  5.054   1.00 13.63 ? 36  SER A CB  1 
ATOM   197  O  OG  . SER A 1 56  ? 1.487   -5.444  5.582   1.00 15.30 ? 36  SER A OG  1 
ATOM   198  N  N   . ALA A 1 57  ? -0.804  -8.654  3.300   1.00 11.31 ? 37  ALA A N   1 
ATOM   199  C  CA  . ALA A 1 57  ? -1.049  -9.989  2.760   1.00 11.40 ? 37  ALA A CA  1 
ATOM   200  C  C   . ALA A 1 57  ? -1.574  -9.920  1.324   1.00 11.23 ? 37  ALA A C   1 
ATOM   201  O  O   . ALA A 1 57  ? -1.747  -10.948 0.664   1.00 11.85 ? 37  ALA A O   1 
ATOM   202  C  CB  . ALA A 1 57  ? -2.056  -10.728 3.641   1.00 12.14 ? 37  ALA A CB  1 
ATOM   203  N  N   . THR A 1 58  ? -1.821  -8.708  0.840   1.00 10.15 ? 38  THR A N   1 
ATOM   204  C  CA  . THR A 1 58  ? -2.356  -8.520  -0.509  1.00 10.15 ? 38  THR A CA  1 
ATOM   205  C  C   . THR A 1 58  ? -1.346  -8.002  -1.530  1.00 10.57 ? 38  THR A C   1 
ATOM   206  O  O   . THR A 1 58  ? -1.337  -8.439  -2.683  1.00 9.92  ? 38  THR A O   1 
ATOM   207  C  CB  . THR A 1 58  ? -3.558  -7.544  -0.481  1.00 11.83 ? 38  THR A CB  1 
ATOM   208  O  OG1 . THR A 1 58  ? -4.565  -8.062  0.399   1.00 11.45 ? 38  THR A OG1 1 
ATOM   209  C  CG2 . THR A 1 58  ? -4.153  -7.373  -1.874  1.00 10.65 ? 38  THR A CG2 1 
ATOM   210  N  N   . ILE A 1 59  ? -0.507  -7.063  -1.110  1.00 8.31  ? 39  ILE A N   1 
ATOM   211  C  CA  . ILE A 1 59  ? 0.491   -6.475  -2.004  1.00 9.70  ? 39  ILE A CA  1 
ATOM   212  C  C   . ILE A 1 59  ? 1.756   -7.334  -2.086  1.00 10.48 ? 39  ILE A C   1 
ATOM   213  O  O   . ILE A 1 59  ? 2.404   -7.587  -1.076  1.00 10.50 ? 39  ILE A O   1 
ATOM   214  C  CB  . ILE A 1 59  ? 0.899   -5.055  -1.519  1.00 9.62  ? 39  ILE A CB  1 
ATOM   215  C  CG1 . ILE A 1 59  ? -0.296  -4.106  -1.605  1.00 11.78 ? 39  ILE A CG1 1 
ATOM   216  C  CG2 . ILE A 1 59  ? 2.059   -4.513  -2.361  1.00 8.68  ? 39  ILE A CG2 1 
ATOM   217  C  CD1 . ILE A 1 59  ? 0.013   -2.705  -1.110  1.00 13.09 ? 39  ILE A CD1 1 
ATOM   218  N  N   . PRO A 1 60  ? 2.113   -7.802  -3.293  1.00 11.28 ? 40  PRO A N   1 
ATOM   219  C  CA  . PRO A 1 60  ? 3.319   -8.622  -3.442  1.00 12.14 ? 40  PRO A CA  1 
ATOM   220  C  C   . PRO A 1 60  ? 4.564   -7.879  -2.942  1.00 12.73 ? 40  PRO A C   1 
ATOM   221  O  O   . PRO A 1 60  ? 4.770   -6.705  -3.263  1.00 13.02 ? 40  PRO A O   1 
ATOM   222  C  CB  . PRO A 1 60  ? 3.370   -8.884  -4.943  1.00 12.55 ? 40  PRO A CB  1 
ATOM   223  C  CG  . PRO A 1 60  ? 1.916   -8.961  -5.309  1.00 12.76 ? 40  PRO A CG  1 
ATOM   224  C  CD  . PRO A 1 60  ? 1.334   -7.782  -4.546  1.00 12.42 ? 40  PRO A CD  1 
ATOM   225  N  N   . GLY A 1 61  ? 5.382   -8.562  -2.149  1.00 10.86 ? 41  GLY A N   1 
ATOM   226  C  CA  . GLY A 1 61  ? 6.596   -7.948  -1.637  1.00 12.62 ? 41  GLY A CA  1 
ATOM   227  C  C   . GLY A 1 61  ? 6.431   -7.241  -0.304  1.00 13.45 ? 41  GLY A C   1 
ATOM   228  O  O   . GLY A 1 61  ? 7.415   -6.883  0.345   1.00 13.43 ? 41  GLY A O   1 
ATOM   229  N  N   . ALA A 1 62  ? 5.186   -7.043  0.112   1.00 11.84 ? 42  ALA A N   1 
ATOM   230  C  CA  . ALA A 1 62  ? 4.912   -6.364  1.370   1.00 11.89 ? 42  ALA A CA  1 
ATOM   231  C  C   . ALA A 1 62  ? 4.873   -7.331  2.549   1.00 13.38 ? 42  ALA A C   1 
ATOM   232  O  O   . ALA A 1 62  ? 4.572   -8.515  2.390   1.00 12.60 ? 42  ALA A O   1 
ATOM   233  C  CB  . ALA A 1 62  ? 3.583   -5.609  1.271   1.00 12.52 ? 42  ALA A CB  1 
ATOM   234  N  N   . PHE A 1 63  ? 5.200   -6.818  3.732   1.00 12.35 ? 43  PHE A N   1 
ATOM   235  C  CA  . PHE A 1 63  ? 5.164   -7.608  4.952   1.00 12.80 ? 43  PHE A CA  1 
ATOM   236  C  C   . PHE A 1 63  ? 4.848   -6.686  6.121   1.00 11.76 ? 43  PHE A C   1 
ATOM   237  O  O   . PHE A 1 63  ? 5.297   -5.536  6.156   1.00 11.10 ? 43  PHE A O   1 
ATOM   238  C  CB  . PHE A 1 63  ? 6.497   -8.336  5.196   1.00 13.70 ? 43  PHE A CB  1 
ATOM   239  C  CG  . PHE A 1 63  ? 7.683   -7.420  5.352   1.00 14.14 ? 43  PHE A CG  1 
ATOM   240  C  CD1 . PHE A 1 63  ? 8.397   -6.983  4.241   1.00 13.38 ? 43  PHE A CD1 1 
ATOM   241  C  CD2 . PHE A 1 63  ? 8.101   -7.012  6.621   1.00 14.60 ? 43  PHE A CD2 1 
ATOM   242  C  CE1 . PHE A 1 63  ? 9.513   -6.158  4.387   1.00 13.84 ? 43  PHE A CE1 1 
ATOM   243  C  CE2 . PHE A 1 63  ? 9.215   -6.184  6.777   1.00 12.91 ? 43  PHE A CE2 1 
ATOM   244  C  CZ  . PHE A 1 63  ? 9.923   -5.759  5.658   1.00 11.96 ? 43  PHE A CZ  1 
ATOM   245  N  N   . ARG A 1 64  ? 4.057   -7.181  7.067   1.00 10.66 ? 44  ARG A N   1 
ATOM   246  C  CA  . ARG A 1 64  ? 3.704   -6.379  8.230   1.00 11.41 ? 44  ARG A CA  1 
ATOM   247  C  C   . ARG A 1 64  ? 4.886   -6.304  9.182   1.00 10.76 ? 44  ARG A C   1 
ATOM   248  O  O   . ARG A 1 64  ? 5.677   -7.245  9.303   1.00 11.30 ? 44  ARG A O   1 
ATOM   249  C  CB  . ARG A 1 64  ? 2.477   -6.955  8.946   1.00 13.48 ? 44  ARG A CB  1 
ATOM   250  C  CG  . ARG A 1 64  ? 2.633   -8.370  9.478   1.00 17.69 ? 44  ARG A CG  1 
ATOM   251  C  CD  . ARG A 1 64  ? 1.410   -8.754  10.302  1.00 23.32 ? 44  ARG A CD  1 
ATOM   252  N  NE  . ARG A 1 64  ? 1.467   -10.133 10.778  1.00 27.98 ? 44  ARG A NE  1 
ATOM   253  C  CZ  . ARG A 1 64  ? 0.585   -10.671 11.616  1.00 31.86 ? 44  ARG A CZ  1 
ATOM   254  N  NH1 . ARG A 1 64  ? -0.428  -9.943  12.075  1.00 32.59 ? 44  ARG A NH1 1 
ATOM   255  N  NH2 . ARG A 1 64  ? 0.709   -11.938 11.990  1.00 33.35 ? 44  ARG A NH2 1 
ATOM   256  N  N   . PHE A 1 65  ? 5.001   -5.176  9.866   1.00 10.65 ? 45  PHE A N   1 
ATOM   257  C  CA  . PHE A 1 65  ? 6.104   -4.957  10.784  1.00 12.20 ? 45  PHE A CA  1 
ATOM   258  C  C   . PHE A 1 65  ? 5.568   -4.196  11.987  1.00 12.29 ? 45  PHE A C   1 
ATOM   259  O  O   . PHE A 1 65  ? 4.840   -3.219  11.833  1.00 12.95 ? 45  PHE A O   1 
ATOM   260  C  CB  . PHE A 1 65  ? 7.194   -4.144  10.076  1.00 13.45 ? 45  PHE A CB  1 
ATOM   261  C  CG  . PHE A 1 65  ? 8.436   -3.938  10.895  1.00 14.48 ? 45  PHE A CG  1 
ATOM   262  C  CD1 . PHE A 1 65  ? 9.436   -4.903  10.924  1.00 17.90 ? 45  PHE A CD1 1 
ATOM   263  C  CD2 . PHE A 1 65  ? 8.604   -2.775  11.639  1.00 15.85 ? 45  PHE A CD2 1 
ATOM   264  C  CE1 . PHE A 1 65  ? 10.594  -4.710  11.683  1.00 18.05 ? 45  PHE A CE1 1 
ATOM   265  C  CE2 . PHE A 1 65  ? 9.754   -2.572  12.402  1.00 16.04 ? 45  PHE A CE2 1 
ATOM   266  C  CZ  . PHE A 1 65  ? 10.750  -3.540  12.423  1.00 16.63 ? 45  PHE A CZ  1 
ATOM   267  N  N   . THR A 1 66  ? 5.908   -4.659  13.183  1.00 13.78 ? 46  THR A N   1 
ATOM   268  C  CA  . THR A 1 66  ? 5.446   -4.010  14.405  1.00 13.10 ? 46  THR A CA  1 
ATOM   269  C  C   . THR A 1 66  ? 6.264   -2.737  14.643  1.00 12.58 ? 46  THR A C   1 
ATOM   270  O  O   . THR A 1 66  ? 7.491   -2.785  14.715  1.00 12.94 ? 46  THR A O   1 
ATOM   271  C  CB  . THR A 1 66  ? 5.580   -4.974  15.600  1.00 13.65 ? 46  THR A CB  1 
ATOM   272  O  OG1 . THR A 1 66  ? 4.808   -6.155  15.334  1.00 14.99 ? 46  THR A OG1 1 
ATOM   273  C  CG2 . THR A 1 66  ? 5.081   -4.318  16.879  1.00 15.16 ? 46  THR A CG2 1 
ATOM   274  N  N   . ARG A 1 67  ? 5.575   -1.603  14.768  1.00 11.61 ? 47  ARG A N   1 
ATOM   275  C  CA  . ARG A 1 67  ? 6.235   -0.312  14.949  1.00 11.30 ? 47  ARG A CA  1 
ATOM   276  C  C   . ARG A 1 67  ? 7.044   -0.165  16.231  1.00 13.24 ? 47  ARG A C   1 
ATOM   277  O  O   . ARG A 1 67  ? 8.162   0.347   16.205  1.00 12.27 ? 47  ARG A O   1 
ATOM   278  C  CB  . ARG A 1 67  ? 5.204   0.824   14.880  1.00 11.76 ? 47  ARG A CB  1 
ATOM   279  C  CG  . ARG A 1 67  ? 5.799   2.228   15.035  1.00 11.17 ? 47  ARG A CG  1 
ATOM   280  C  CD  . ARG A 1 67  ? 6.812   2.531   13.939  1.00 9.88  ? 47  ARG A CD  1 
ATOM   281  N  NE  . ARG A 1 67  ? 7.486   3.821   14.112  1.00 11.23 ? 47  ARG A NE  1 
ATOM   282  C  CZ  . ARG A 1 67  ? 7.007   4.994   13.702  1.00 12.56 ? 47  ARG A CZ  1 
ATOM   283  N  NH1 . ARG A 1 67  ? 5.829   5.065   13.087  1.00 13.13 ? 47  ARG A NH1 1 
ATOM   284  N  NH2 . ARG A 1 67  ? 7.716   6.099   13.895  1.00 14.65 ? 47  ARG A NH2 1 
ATOM   285  N  N   . GLY A 1 68  ? 6.479   -0.603  17.347  1.00 13.56 ? 48  GLY A N   1 
ATOM   286  C  CA  . GLY A 1 68  ? 7.185   -0.474  18.608  1.00 15.97 ? 48  GLY A CA  1 
ATOM   287  C  C   . GLY A 1 68  ? 7.580   0.971   18.867  1.00 15.21 ? 48  GLY A C   1 
ATOM   288  O  O   . GLY A 1 68  ? 6.749   1.878   18.775  1.00 15.22 ? 48  GLY A O   1 
ATOM   289  N  N   . HIS A 1 69  ? 8.855   1.187   19.175  1.00 17.04 ? 49  HIS A N   1 
ATOM   290  C  CA  . HIS A 1 69  ? 9.362   2.526   19.466  1.00 17.16 ? 49  HIS A CA  1 
ATOM   291  C  C   . HIS A 1 69  ? 10.371  3.003   18.429  1.00 16.72 ? 49  HIS A C   1 
ATOM   292  O  O   . HIS A 1 69  ? 11.138  3.937   18.680  1.00 15.15 ? 49  HIS A O   1 
ATOM   293  C  CB  . HIS A 1 69  ? 10.024  2.537   20.845  1.00 21.52 ? 49  HIS A CB  1 
ATOM   294  C  CG  . HIS A 1 69  ? 9.152   1.999   21.935  1.00 25.97 ? 49  HIS A CG  1 
ATOM   295  N  ND1 . HIS A 1 69  ? 7.987   2.619   22.332  1.00 28.94 ? 49  HIS A ND1 1 
ATOM   296  C  CD2 . HIS A 1 69  ? 9.270   0.890   22.705  1.00 28.69 ? 49  HIS A CD2 1 
ATOM   297  C  CE1 . HIS A 1 69  ? 7.424   1.916   23.299  1.00 29.84 ? 49  HIS A CE1 1 
ATOM   298  N  NE2 . HIS A 1 69  ? 8.183   0.863   23.544  1.00 28.84 ? 49  HIS A NE2 1 
ATOM   299  N  N   . TYR A 1 70  ? 10.365  2.368   17.261  1.00 13.77 ? 50  TYR A N   1 
ATOM   300  C  CA  . TYR A 1 70  ? 11.298  2.723   16.198  1.00 14.04 ? 50  TYR A CA  1 
ATOM   301  C  C   . TYR A 1 70  ? 11.062  4.097   15.589  1.00 13.81 ? 50  TYR A C   1 
ATOM   302  O  O   . TYR A 1 70  ? 9.928   4.486   15.313  1.00 13.76 ? 50  TYR A O   1 
ATOM   303  C  CB  . TYR A 1 70  ? 11.250  1.681   15.077  1.00 14.73 ? 50  TYR A CB  1 
ATOM   304  C  CG  . TYR A 1 70  ? 11.798  0.323   15.458  1.00 15.05 ? 50  TYR A CG  1 
ATOM   305  C  CD1 . TYR A 1 70  ? 13.085  0.192   15.980  1.00 17.73 ? 50  TYR A CD1 1 
ATOM   306  C  CD2 . TYR A 1 70  ? 11.042  -0.832  15.272  1.00 15.60 ? 50  TYR A CD2 1 
ATOM   307  C  CE1 . TYR A 1 70  ? 13.605  -1.057  16.305  1.00 18.73 ? 50  TYR A CE1 1 
ATOM   308  C  CE2 . TYR A 1 70  ? 11.551  -2.088  15.594  1.00 17.52 ? 50  TYR A CE2 1 
ATOM   309  C  CZ  . TYR A 1 70  ? 12.834  -2.193  16.107  1.00 19.61 ? 50  TYR A CZ  1 
ATOM   310  O  OH  . TYR A 1 70  ? 13.353  -3.430  16.407  1.00 21.67 ? 50  TYR A OH  1 
ATOM   311  N  N   . SER A 1 71  ? 12.149  4.828   15.383  1.00 13.27 ? 51  SER A N   1 
ATOM   312  C  CA  . SER A 1 71  ? 12.085  6.138   14.755  1.00 13.66 ? 51  SER A CA  1 
ATOM   313  C  C   . SER A 1 71  ? 12.066  5.846   13.256  1.00 13.52 ? 51  SER A C   1 
ATOM   314  O  O   . SER A 1 71  ? 12.285  4.708   12.847  1.00 14.05 ? 51  SER A O   1 
ATOM   315  C  CB  . SER A 1 71  ? 13.333  6.952   15.092  1.00 14.91 ? 51  SER A CB  1 
ATOM   316  O  OG  . SER A 1 71  ? 14.485  6.325   14.556  1.00 13.83 ? 51  SER A OG  1 
HETATM 317  N  N   . MSE A 1 72  ? 11.806  6.858   12.435  1.00 15.14 ? 52  MSE A N   1 
HETATM 318  C  CA  . MSE A 1 72  ? 11.790  6.642   10.996  1.00 17.13 ? 52  MSE A CA  1 
HETATM 319  C  C   . MSE A 1 72  ? 13.181  6.202   10.553  1.00 16.30 ? 52  MSE A C   1 
HETATM 320  O  O   . MSE A 1 72  ? 13.327  5.346   9.685   1.00 14.26 ? 52  MSE A O   1 
HETATM 321  C  CB  . MSE A 1 72  ? 11.370  7.920   10.265  1.00 20.28 ? 52  MSE A CB  1 
HETATM 322  C  CG  . MSE A 1 72  ? 9.906   8.288   10.461  1.00 27.86 ? 52  MSE A CG  1 
HETATM 323  SE SE  . MSE A 1 72  ? 8.698   6.854   9.929   1.00 36.89 ? 52  MSE A SE  1 
HETATM 324  C  CE  . MSE A 1 72  ? 9.293   6.640   8.105   1.00 32.54 ? 52  MSE A CE  1 
ATOM   325  N  N   . GLU A 1 73  ? 14.205  6.784   11.168  1.00 15.41 ? 53  GLU A N   1 
ATOM   326  C  CA  . GLU A 1 73  ? 15.584  6.429   10.847  1.00 16.26 ? 53  GLU A CA  1 
ATOM   327  C  C   . GLU A 1 73  ? 15.835  4.954   11.167  1.00 15.64 ? 53  GLU A C   1 
ATOM   328  O  O   . GLU A 1 73  ? 16.508  4.250   10.410  1.00 15.75 ? 53  GLU A O   1 
ATOM   329  C  CB  . GLU A 1 73  ? 16.549  7.308   11.647  1.00 17.67 ? 53  GLU A CB  1 
ATOM   330  C  CG  . GLU A 1 73  ? 17.977  6.800   11.695  1.00 23.27 ? 53  GLU A CG  1 
ATOM   331  C  CD  . GLU A 1 73  ? 18.902  7.748   12.432  1.00 24.79 ? 53  GLU A CD  1 
ATOM   332  O  OE1 . GLU A 1 73  ? 19.990  7.308   12.855  1.00 27.91 ? 53  GLU A OE1 1 
ATOM   333  O  OE2 . GLU A 1 73  ? 18.542  8.933   12.582  1.00 26.95 ? 53  GLU A OE2 1 
ATOM   334  N  N   . GLU A 1 74  ? 15.283  4.485   12.283  1.00 14.20 ? 54  GLU A N   1 
ATOM   335  C  CA  . GLU A 1 74  ? 15.466  3.094   12.678  1.00 13.23 ? 54  GLU A CA  1 
ATOM   336  C  C   . GLU A 1 74  ? 14.691  2.156   11.765  1.00 13.36 ? 54  GLU A C   1 
ATOM   337  O  O   . GLU A 1 74  ? 15.138  1.045   11.493  1.00 12.22 ? 54  GLU A O   1 
ATOM   338  C  CB  . GLU A 1 74  ? 15.059  2.900   14.140  1.00 14.15 ? 54  GLU A CB  1 
ATOM   339  C  CG  . GLU A 1 74  ? 16.005  3.621   15.105  1.00 14.96 ? 54  GLU A CG  1 
ATOM   340  C  CD  . GLU A 1 74  ? 15.618  3.467   16.562  1.00 17.17 ? 54  GLU A CD  1 
ATOM   341  O  OE1 . GLU A 1 74  ? 14.427  3.652   16.888  1.00 16.28 ? 54  GLU A OE1 1 
ATOM   342  O  OE2 . GLU A 1 74  ? 16.513  3.176   17.387  1.00 17.05 ? 54  GLU A OE2 1 
ATOM   343  N  N   . LEU A 1 75  ? 13.531  2.598   11.288  1.00 13.36 ? 55  LEU A N   1 
ATOM   344  C  CA  . LEU A 1 75  ? 12.754  1.767   10.372  1.00 13.28 ? 55  LEU A CA  1 
ATOM   345  C  C   . LEU A 1 75  ? 13.553  1.569   9.087   1.00 13.47 ? 55  LEU A C   1 
ATOM   346  O  O   . LEU A 1 75  ? 13.498  0.503   8.476   1.00 12.73 ? 55  LEU A O   1 
ATOM   347  C  CB  . LEU A 1 75  ? 11.406  2.418   10.054  1.00 13.06 ? 55  LEU A CB  1 
ATOM   348  C  CG  . LEU A 1 75  ? 10.377  2.377   11.193  1.00 11.98 ? 55  LEU A CG  1 
ATOM   349  C  CD1 . LEU A 1 75  ? 9.092   3.047   10.738  1.00 12.82 ? 55  LEU A CD1 1 
ATOM   350  C  CD2 . LEU A 1 75  ? 10.110  0.935   11.601  1.00 12.82 ? 55  LEU A CD2 1 
ATOM   351  N  N   . ALA A 1 76  ? 14.302  2.592   8.680   1.00 13.47 ? 56  ALA A N   1 
ATOM   352  C  CA  . ALA A 1 76  ? 15.114  2.497   7.468   1.00 15.35 ? 56  ALA A CA  1 
ATOM   353  C  C   . ALA A 1 76  ? 16.130  1.370   7.632   1.00 16.32 ? 56  ALA A C   1 
ATOM   354  O  O   . ALA A 1 76  ? 16.344  0.572   6.719   1.00 16.33 ? 56  ALA A O   1 
ATOM   355  C  CB  . ALA A 1 76  ? 15.829  3.818   7.202   1.00 14.65 ? 56  ALA A CB  1 
ATOM   356  N  N   . ARG A 1 77  ? 16.751  1.300   8.803   1.00 16.11 ? 57  ARG A N   1 
ATOM   357  C  CA  . ARG A 1 77  ? 17.729  0.254   9.071   1.00 19.49 ? 57  ARG A CA  1 
ATOM   358  C  C   . ARG A 1 77  ? 17.081  -1.126  9.067   1.00 18.72 ? 57  ARG A C   1 
ATOM   359  O  O   . ARG A 1 77  ? 17.634  -2.073  8.512   1.00 19.22 ? 57  ARG A O   1 
ATOM   360  C  CB  . ARG A 1 77  ? 18.417  0.527   10.408  1.00 22.69 ? 57  ARG A CB  1 
ATOM   361  C  CG  . ARG A 1 77  ? 19.380  1.697   10.318  1.00 29.58 ? 57  ARG A CG  1 
ATOM   362  C  CD  . ARG A 1 77  ? 19.581  2.389   11.649  1.00 35.33 ? 57  ARG A CD  1 
ATOM   363  N  NE  . ARG A 1 77  ? 20.573  3.455   11.537  1.00 40.02 ? 57  ARG A NE  1 
ATOM   364  C  CZ  . ARG A 1 77  ? 20.755  4.403   12.447  1.00 42.11 ? 57  ARG A CZ  1 
ATOM   365  N  NH1 . ARG A 1 77  ? 20.009  4.423   13.541  1.00 42.54 ? 57  ARG A NH1 1 
ATOM   366  N  NH2 . ARG A 1 77  ? 21.686  5.330   12.265  1.00 44.95 ? 57  ARG A NH2 1 
ATOM   367  N  N   . GLU A 1 78  ? 15.904  -1.232  9.674   1.00 18.32 ? 58  GLU A N   1 
ATOM   368  C  CA  . GLU A 1 78  ? 15.183  -2.501  9.720   1.00 16.59 ? 58  GLU A CA  1 
ATOM   369  C  C   . GLU A 1 78  ? 14.726  -2.905  8.321   1.00 16.08 ? 58  GLU A C   1 
ATOM   370  O  O   . GLU A 1 78  ? 14.594  -4.092  8.019   1.00 17.47 ? 58  GLU A O   1 
ATOM   371  C  CB  . GLU A 1 78  ? 13.969  -2.394  10.647  1.00 17.92 ? 58  GLU A CB  1 
ATOM   372  C  CG  . GLU A 1 78  ? 14.306  -2.090  12.100  1.00 20.77 ? 58  GLU A CG  1 
ATOM   373  C  CD  . GLU A 1 78  ? 15.266  -3.098  12.708  1.00 24.03 ? 58  GLU A CD  1 
ATOM   374  O  OE1 . GLU A 1 78  ? 15.051  -4.317  12.526  1.00 24.39 ? 58  GLU A OE1 1 
ATOM   375  O  OE2 . GLU A 1 78  ? 16.232  -2.669  13.379  1.00 24.02 ? 58  GLU A OE2 1 
ATOM   376  N  N   . ALA A 1 79  ? 14.476  -1.914  7.470   1.00 15.32 ? 59  ALA A N   1 
ATOM   377  C  CA  . ALA A 1 79  ? 14.045  -2.181  6.101   1.00 15.23 ? 59  ALA A CA  1 
ATOM   378  C  C   . ALA A 1 79  ? 15.209  -2.781  5.316   1.00 16.36 ? 59  ALA A C   1 
ATOM   379  O  O   . ALA A 1 79  ? 15.054  -3.780  4.611   1.00 15.67 ? 59  ALA A O   1 
ATOM   380  C  CB  . ALA A 1 79  ? 13.573  -0.887  5.436   1.00 12.85 ? 59  ALA A CB  1 
ATOM   381  N  N   . ILE A 1 80  ? 16.379  -2.162  5.445   1.00 17.94 ? 60  ILE A N   1 
ATOM   382  C  CA  . ILE A 1 80  ? 17.574  -2.628  4.752   1.00 19.08 ? 60  ILE A CA  1 
ATOM   383  C  C   . ILE A 1 80  ? 17.870  -4.071  5.146   1.00 20.97 ? 60  ILE A C   1 
ATOM   384  O  O   . ILE A 1 80  ? 18.081  -4.927  4.286   1.00 21.19 ? 60  ILE A O   1 
ATOM   385  C  CB  . ILE A 1 80  ? 18.782  -1.715  5.087   1.00 20.61 ? 60  ILE A CB  1 
ATOM   386  C  CG1 . ILE A 1 80  ? 18.474  -0.285  4.633   1.00 20.39 ? 60  ILE A CG1 1 
ATOM   387  C  CG2 . ILE A 1 80  ? 20.043  -2.221  4.392   1.00 20.62 ? 60  ILE A CG2 1 
ATOM   388  C  CD1 . ILE A 1 80  ? 19.527  0.734   5.010   1.00 22.56 ? 60  ILE A CD1 1 
ATOM   389  N  N   . ILE A 1 81  ? 17.861  -4.344  6.447   1.00 21.41 ? 61  ILE A N   1 
ATOM   390  C  CA  . ILE A 1 81  ? 18.116  -5.688  6.952   1.00 23.41 ? 61  ILE A CA  1 
ATOM   391  C  C   . ILE A 1 81  ? 17.181  -6.717  6.319   1.00 22.74 ? 61  ILE A C   1 
ATOM   392  O  O   . ILE A 1 81  ? 17.565  -7.867  6.105   1.00 21.65 ? 61  ILE A O   1 
ATOM   393  C  CB  . ILE A 1 81  ? 17.940  -5.745  8.489   1.00 24.82 ? 61  ILE A CB  1 
ATOM   394  C  CG1 . ILE A 1 81  ? 19.067  -4.963  9.169   1.00 27.13 ? 61  ILE A CG1 1 
ATOM   395  C  CG2 . ILE A 1 81  ? 17.917  -7.193  8.964   1.00 27.53 ? 61  ILE A CG2 1 
ATOM   396  C  CD1 . ILE A 1 81  ? 18.961  -4.912  10.683  1.00 27.38 ? 61  ILE A CD1 1 
ATOM   397  N  N   . ARG A 1 82  ? 15.959  -6.297  6.006   1.00 21.46 ? 62  ARG A N   1 
ATOM   398  C  CA  . ARG A 1 82  ? 14.977  -7.202  5.422   1.00 20.49 ? 62  ARG A CA  1 
ATOM   399  C  C   . ARG A 1 82  ? 14.834  -7.097  3.904   1.00 20.37 ? 62  ARG A C   1 
ATOM   400  O  O   . ARG A 1 82  ? 13.877  -7.611  3.322   1.00 19.95 ? 62  ARG A O   1 
ATOM   401  C  CB  . ARG A 1 82  ? 13.627  -6.985  6.111   1.00 21.37 ? 62  ARG A CB  1 
ATOM   402  C  CG  . ARG A 1 82  ? 13.671  -7.333  7.595   1.00 21.60 ? 62  ARG A CG  1 
ATOM   403  C  CD  . ARG A 1 82  ? 12.382  -6.980  8.313   1.00 20.21 ? 62  ARG A CD  1 
ATOM   404  N  NE  . ARG A 1 82  ? 12.411  -7.402  9.713   1.00 19.01 ? 62  ARG A NE  1 
ATOM   405  C  CZ  . ARG A 1 82  ? 13.238  -6.915  10.634  1.00 19.36 ? 62  ARG A CZ  1 
ATOM   406  N  NH1 . ARG A 1 82  ? 14.121  -5.979  10.317  1.00 19.03 ? 62  ARG A NH1 1 
ATOM   407  N  NH2 . ARG A 1 82  ? 13.181  -7.370  11.879  1.00 19.16 ? 62  ARG A NH2 1 
ATOM   408  N  N   . GLY A 1 83  ? 15.797  -6.438  3.268   1.00 18.30 ? 63  GLY A N   1 
ATOM   409  C  CA  . GLY A 1 83  ? 15.763  -6.293  1.822   1.00 17.51 ? 63  GLY A CA  1 
ATOM   410  C  C   . GLY A 1 83  ? 14.596  -5.488  1.278   1.00 17.57 ? 63  GLY A C   1 
ATOM   411  O  O   . GLY A 1 83  ? 14.104  -5.764  0.186   1.00 15.92 ? 63  GLY A O   1 
ATOM   412  N  N   . ALA A 1 84  ? 14.149  -4.493  2.037   1.00 15.13 ? 64  ALA A N   1 
ATOM   413  C  CA  . ALA A 1 84  ? 13.041  -3.648  1.605   1.00 15.67 ? 64  ALA A CA  1 
ATOM   414  C  C   . ALA A 1 84  ? 13.555  -2.251  1.273   1.00 14.94 ? 64  ALA A C   1 
ATOM   415  O  O   . ALA A 1 84  ? 14.388  -1.704  1.996   1.00 15.74 ? 64  ALA A O   1 
ATOM   416  C  CB  . ALA A 1 84  ? 11.980  -3.570  2.708   1.00 16.78 ? 64  ALA A CB  1 
ATOM   417  N  N   . ASP A 1 85  ? 13.067  -1.673  0.179   1.00 14.75 ? 65  ASP A N   1 
ATOM   418  C  CA  . ASP A 1 85  ? 13.490  -0.331  -0.204  1.00 15.17 ? 65  ASP A CA  1 
ATOM   419  C  C   . ASP A 1 85  ? 12.325  0.648   -0.085  1.00 13.91 ? 65  ASP A C   1 
ATOM   420  O  O   . ASP A 1 85  ? 12.392  1.777   -0.559  1.00 13.55 ? 65  ASP A O   1 
ATOM   421  C  CB  . ASP A 1 85  ? 14.062  -0.334  -1.625  1.00 19.00 ? 65  ASP A CB  1 
ATOM   422  C  CG  . ASP A 1 85  ? 13.004  -0.545  -2.694  1.00 21.18 ? 65  ASP A CG  1 
ATOM   423  O  OD1 . ASP A 1 85  ? 11.928  -1.100  -2.387  1.00 21.47 ? 65  ASP A OD1 1 
ATOM   424  O  OD2 . ASP A 1 85  ? 13.266  -0.164  -3.855  1.00 25.33 ? 65  ASP A OD2 1 
ATOM   425  N  N   . ARG A 1 86  ? 11.259  0.194   0.564   1.00 12.83 ? 66  ARG A N   1 
ATOM   426  C  CA  . ARG A 1 86  ? 10.068  1.005   0.779   1.00 12.50 ? 66  ARG A CA  1 
ATOM   427  C  C   . ARG A 1 86  ? 9.556   0.790   2.195   1.00 11.18 ? 66  ARG A C   1 
ATOM   428  O  O   . ARG A 1 86  ? 9.611   -0.319  2.718   1.00 10.81 ? 66  ARG A O   1 
ATOM   429  C  CB  . ARG A 1 86  ? 8.956   0.612   -0.204  1.00 13.14 ? 66  ARG A CB  1 
ATOM   430  C  CG  . ARG A 1 86  ? 9.186   1.035   -1.646  1.00 11.98 ? 66  ARG A CG  1 
ATOM   431  C  CD  . ARG A 1 86  ? 9.003   2.534   -1.815  1.00 13.17 ? 66  ARG A CD  1 
ATOM   432  N  NE  . ARG A 1 86  ? 9.153   2.957   -3.207  1.00 13.77 ? 66  ARG A NE  1 
ATOM   433  C  CZ  . ARG A 1 86  ? 10.321  3.128   -3.820  1.00 17.48 ? 66  ARG A CZ  1 
ATOM   434  N  NH1 . ARG A 1 86  ? 11.457  2.915   -3.168  1.00 16.16 ? 66  ARG A NH1 1 
ATOM   435  N  NH2 . ARG A 1 86  ? 10.353  3.529   -5.086  1.00 16.89 ? 66  ARG A NH2 1 
ATOM   436  N  N   . ILE A 1 87  ? 9.095   1.867   2.816   1.00 12.11 ? 67  ILE A N   1 
ATOM   437  C  CA  . ILE A 1 87  ? 8.506   1.797   4.145   1.00 11.12 ? 67  ILE A CA  1 
ATOM   438  C  C   . ILE A 1 87  ? 7.137   2.438   3.997   1.00 11.07 ? 67  ILE A C   1 
ATOM   439  O  O   . ILE A 1 87  ? 7.011   3.524   3.424   1.00 10.39 ? 67  ILE A O   1 
ATOM   440  C  CB  . ILE A 1 87  ? 9.314   2.592   5.196   1.00 11.30 ? 67  ILE A CB  1 
ATOM   441  C  CG1 . ILE A 1 87  ? 10.670  1.929   5.423   1.00 14.17 ? 67  ILE A CG1 1 
ATOM   442  C  CG2 . ILE A 1 87  ? 8.534   2.654   6.511   1.00 12.20 ? 67  ILE A CG2 1 
ATOM   443  C  CD1 . ILE A 1 87  ? 11.581  2.718   6.338   1.00 13.58 ? 67  ILE A CD1 1 
ATOM   444  N  N   . VAL A 1 88  ? 6.107   1.754   4.475   1.00 11.08 ? 68  VAL A N   1 
ATOM   445  C  CA  . VAL A 1 88  ? 4.756   2.291   4.412   1.00 11.21 ? 68  VAL A CA  1 
ATOM   446  C  C   . VAL A 1 88  ? 4.282   2.454   5.848   1.00 10.77 ? 68  VAL A C   1 
ATOM   447  O  O   . VAL A 1 88  ? 4.285   1.496   6.614   1.00 11.79 ? 68  VAL A O   1 
ATOM   448  C  CB  . VAL A 1 88  ? 3.793   1.338   3.668   1.00 12.06 ? 68  VAL A CB  1 
ATOM   449  C  CG1 . VAL A 1 88  ? 2.365   1.866   3.757   1.00 14.60 ? 68  VAL A CG1 1 
ATOM   450  C  CG2 . VAL A 1 88  ? 4.208   1.206   2.213   1.00 14.73 ? 68  VAL A CG2 1 
ATOM   451  N  N   . VAL A 1 89  ? 3.904   3.671   6.224   1.00 10.77 ? 69  VAL A N   1 
ATOM   452  C  CA  . VAL A 1 89  ? 3.428   3.922   7.582   1.00 10.16 ? 69  VAL A CA  1 
ATOM   453  C  C   . VAL A 1 89  ? 1.964   4.350   7.543   1.00 10.04 ? 69  VAL A C   1 
ATOM   454  O  O   . VAL A 1 89  ? 1.628   5.381   6.965   1.00 10.26 ? 69  VAL A O   1 
ATOM   455  C  CB  . VAL A 1 89  ? 4.253   5.030   8.274   1.00 10.64 ? 69  VAL A CB  1 
ATOM   456  C  CG1 . VAL A 1 89  ? 3.784   5.214   9.709   1.00 12.28 ? 69  VAL A CG1 1 
ATOM   457  C  CG2 . VAL A 1 89  ? 5.733   4.673   8.243   1.00 11.78 ? 69  VAL A CG2 1 
ATOM   458  N  N   . VAL A 1 90  ? 1.095   3.554   8.155   1.00 10.01 ? 70  VAL A N   1 
ATOM   459  C  CA  . VAL A 1 90  ? -0.323  3.881   8.178   1.00 9.63  ? 70  VAL A CA  1 
ATOM   460  C  C   . VAL A 1 90  ? -0.642  4.652   9.450   1.00 9.54  ? 70  VAL A C   1 
ATOM   461  O  O   . VAL A 1 90  ? -0.475  4.130   10.557  1.00 10.20 ? 70  VAL A O   1 
ATOM   462  C  CB  . VAL A 1 90  ? -1.199  2.609   8.126   1.00 10.81 ? 70  VAL A CB  1 
ATOM   463  C  CG1 . VAL A 1 90  ? -2.676  2.996   8.086   1.00 9.35  ? 70  VAL A CG1 1 
ATOM   464  C  CG2 . VAL A 1 90  ? -0.834  1.779   6.909   1.00 7.05  ? 70  VAL A CG2 1 
ATOM   465  N  N   . GLY A 1 91  ? -1.075  5.900   9.280   1.00 10.69 ? 71  GLY A N   1 
ATOM   466  C  CA  . GLY A 1 91  ? -1.426  6.749   10.406  1.00 11.58 ? 71  GLY A CA  1 
ATOM   467  C  C   . GLY A 1 91  ? -2.906  6.632   10.715  1.00 12.58 ? 71  GLY A C   1 
ATOM   468  O  O   . GLY A 1 91  ? -3.637  5.995   9.963   1.00 12.48 ? 71  GLY A O   1 
ATOM   469  N  N   . GLU A 1 92  ? -3.363  7.263   11.795  1.00 14.79 ? 72  GLU A N   1 
ATOM   470  C  CA  . GLU A 1 92  ? -4.772  7.164   12.184  1.00 16.04 ? 72  GLU A CA  1 
ATOM   471  C  C   . GLU A 1 92  ? -5.616  8.430   12.081  1.00 17.85 ? 72  GLU A C   1 
ATOM   472  O  O   . GLU A 1 92  ? -5.106  9.547   11.987  1.00 19.10 ? 72  GLU A O   1 
ATOM   473  C  CB  . GLU A 1 92  ? -4.889  6.679   13.630  1.00 19.66 ? 72  GLU A CB  1 
ATOM   474  C  CG  . GLU A 1 92  ? -4.008  5.516   14.020  1.00 24.87 ? 72  GLU A CG  1 
ATOM   475  C  CD  . GLU A 1 92  ? -4.309  5.028   15.430  1.00 27.26 ? 72  GLU A CD  1 
ATOM   476  O  OE1 . GLU A 1 92  ? -3.523  4.224   15.968  1.00 28.71 ? 72  GLU A OE1 1 
ATOM   477  O  OE2 . GLU A 1 92  ? -5.341  5.445   15.999  1.00 29.70 ? 72  GLU A OE2 1 
ATOM   478  N  N   . ARG A 1 93  ? -6.928  8.220   12.108  1.00 15.88 ? 73  ARG A N   1 
ATOM   479  C  CA  . ARG A 1 93  ? -7.915  9.293   12.106  1.00 14.91 ? 73  ARG A CA  1 
ATOM   480  C  C   . ARG A 1 93  ? -8.987  8.780   13.063  1.00 14.92 ? 73  ARG A C   1 
ATOM   481  O  O   . ARG A 1 93  ? -9.858  8.009   12.668  1.00 15.14 ? 73  ARG A O   1 
ATOM   482  C  CB  . ARG A 1 93  ? -8.538  9.519   10.726  1.00 15.62 ? 73  ARG A CB  1 
ATOM   483  C  CG  . ARG A 1 93  ? -9.540  10.681  10.727  1.00 17.22 ? 73  ARG A CG  1 
ATOM   484  C  CD  . ARG A 1 93  ? -10.386 10.763  9.466   1.00 18.61 ? 73  ARG A CD  1 
ATOM   485  N  NE  . ARG A 1 93  ? -11.203 9.569   9.281   1.00 20.19 ? 73  ARG A NE  1 
ATOM   486  C  CZ  . ARG A 1 93  ? -10.987 8.656   8.340   1.00 19.77 ? 73  ARG A CZ  1 
ATOM   487  N  NH1 . ARG A 1 93  ? -9.979  8.804   7.491   1.00 18.23 ? 73  ARG A NH1 1 
ATOM   488  N  NH2 . ARG A 1 93  ? -11.768 7.586   8.261   1.00 20.19 ? 73  ARG A NH2 1 
ATOM   489  N  N   . ARG A 1 94  ? -8.899  9.187   14.325  1.00 14.75 ? 74  ARG A N   1 
ATOM   490  C  CA  . ARG A 1 94  ? -9.862  8.769   15.341  1.00 15.52 ? 74  ARG A CA  1 
ATOM   491  C  C   . ARG A 1 94  ? -10.066 7.248   15.421  1.00 15.49 ? 74  ARG A C   1 
ATOM   492  O  O   . ARG A 1 94  ? -11.198 6.775   15.511  1.00 17.33 ? 74  ARG A O   1 
ATOM   493  C  CB  . ARG A 1 94  ? -11.214 9.455   15.093  1.00 17.44 ? 74  ARG A CB  1 
ATOM   494  C  CG  . ARG A 1 94  ? -11.173 10.982  15.104  1.00 20.82 ? 74  ARG A CG  1 
ATOM   495  C  CD  . ARG A 1 94  ? -12.573 11.583  14.960  1.00 20.93 ? 74  ARG A CD  1 
ATOM   496  N  NE  . ARG A 1 94  ? -13.165 11.329  13.648  1.00 22.90 ? 74  ARG A NE  1 
ATOM   497  C  CZ  . ARG A 1 94  ? -12.850 11.994  12.541  1.00 22.92 ? 74  ARG A CZ  1 
ATOM   498  N  NH1 . ARG A 1 94  ? -11.948 12.967  12.579  1.00 24.92 ? 74  ARG A NH1 1 
ATOM   499  N  NH2 . ARG A 1 94  ? -13.430 11.681  11.391  1.00 24.38 ? 74  ARG A NH2 1 
ATOM   500  N  N   . GLY A 1 95  ? -8.978  6.485   15.392  1.00 14.08 ? 75  GLY A N   1 
ATOM   501  C  CA  . GLY A 1 95  ? -9.098  5.038   15.482  1.00 13.08 ? 75  GLY A CA  1 
ATOM   502  C  C   . GLY A 1 95  ? -9.159  4.292   14.158  1.00 13.00 ? 75  GLY A C   1 
ATOM   503  O  O   . GLY A 1 95  ? -8.987  3.075   14.126  1.00 12.92 ? 75  GLY A O   1 
ATOM   504  N  N   . ASN A 1 96  ? -9.413  5.014   13.072  1.00 11.55 ? 76  ASN A N   1 
ATOM   505  C  CA  . ASN A 1 96  ? -9.478  4.422   11.732  1.00 12.84 ? 76  ASN A CA  1 
ATOM   506  C  C   . ASN A 1 96  ? -8.213  4.772   10.952  1.00 12.81 ? 76  ASN A C   1 
ATOM   507  O  O   . ASN A 1 96  ? -7.528  5.737   11.278  1.00 11.93 ? 76  ASN A O   1 
ATOM   508  C  CB  . ASN A 1 96  ? -10.668 4.988   10.957  1.00 13.79 ? 76  ASN A CB  1 
ATOM   509  C  CG  . ASN A 1 96  ? -11.991 4.385   11.375  1.00 14.77 ? 76  ASN A CG  1 
ATOM   510  O  OD1 . ASN A 1 96  ? -12.987 5.097   11.526  1.00 16.94 ? 76  ASN A OD1 1 
ATOM   511  N  ND2 . ASN A 1 96  ? -12.017 3.072   11.540  1.00 11.42 ? 76  ASN A ND2 1 
ATOM   512  N  N   . PRO A 1 97  ? -7.876  3.978   9.923   1.00 13.40 ? 77  PRO A N   1 
ATOM   513  C  CA  . PRO A 1 97  ? -6.678  4.296   9.140   1.00 12.78 ? 77  PRO A CA  1 
ATOM   514  C  C   . PRO A 1 97  ? -6.992  5.635   8.472   1.00 13.03 ? 77  PRO A C   1 
ATOM   515  O  O   . PRO A 1 97  ? -8.044  5.781   7.849   1.00 12.68 ? 77  PRO A O   1 
ATOM   516  C  CB  . PRO A 1 97  ? -6.618  3.158   8.127   1.00 13.22 ? 77  PRO A CB  1 
ATOM   517  C  CG  . PRO A 1 97  ? -7.241  2.012   8.869   1.00 14.61 ? 77  PRO A CG  1 
ATOM   518  C  CD  . PRO A 1 97  ? -8.429  2.671   9.530   1.00 13.53 ? 77  PRO A CD  1 
ATOM   519  N  N   . GLY A 1 98  ? -6.100  6.612   8.602   1.00 11.50 ? 78  GLY A N   1 
ATOM   520  C  CA  . GLY A 1 98  ? -6.377  7.906   8.013   1.00 11.58 ? 78  GLY A CA  1 
ATOM   521  C  C   . GLY A 1 98  ? -5.397  8.397   6.975   1.00 12.71 ? 78  GLY A C   1 
ATOM   522  O  O   . GLY A 1 98  ? -5.706  9.312   6.214   1.00 13.13 ? 78  GLY A O   1 
ATOM   523  N  N   . ILE A 1 99  ? -4.215  7.801   6.934   1.00 12.25 ? 79  ILE A N   1 
ATOM   524  C  CA  . ILE A 1 99  ? -3.219  8.232   5.968   1.00 14.89 ? 79  ILE A CA  1 
ATOM   525  C  C   . ILE A 1 99  ? -2.187  7.142   5.754   1.00 13.37 ? 79  ILE A C   1 
ATOM   526  O  O   . ILE A 1 99  ? -1.937  6.320   6.636   1.00 13.77 ? 79  ILE A O   1 
ATOM   527  C  CB  . ILE A 1 99  ? -2.503  9.513   6.453   1.00 16.81 ? 79  ILE A CB  1 
ATOM   528  C  CG1 . ILE A 1 99  ? -1.629  10.086  5.335   1.00 20.70 ? 79  ILE A CG1 1 
ATOM   529  C  CG2 . ILE A 1 99  ? -1.665  9.201   7.691   1.00 19.47 ? 79  ILE A CG2 1 
ATOM   530  C  CD1 . ILE A 1 99  ? -1.014  11.436  5.662   1.00 22.82 ? 79  ILE A CD1 1 
ATOM   531  N  N   . ILE A 1 100 ? -1.605  7.135   4.563   1.00 12.84 ? 80  ILE A N   1 
ATOM   532  C  CA  . ILE A 1 100 ? -0.573  6.176   4.219   1.00 12.88 ? 80  ILE A CA  1 
ATOM   533  C  C   . ILE A 1 100 ? 0.584   6.990   3.669   1.00 15.13 ? 80  ILE A C   1 
ATOM   534  O  O   . ILE A 1 100 ? 0.463   7.605   2.607   1.00 16.69 ? 80  ILE A O   1 
ATOM   535  C  CB  . ILE A 1 100 ? -1.042  5.189   3.132   1.00 13.92 ? 80  ILE A CB  1 
ATOM   536  C  CG1 . ILE A 1 100 ? -2.117  4.261   3.702   1.00 13.96 ? 80  ILE A CG1 1 
ATOM   537  C  CG2 . ILE A 1 100 ? 0.143   4.373   2.617   1.00 15.66 ? 80  ILE A CG2 1 
ATOM   538  C  CD1 . ILE A 1 100 ? -2.725  3.339   2.671   1.00 14.01 ? 80  ILE A CD1 1 
ATOM   539  N  N   . ARG A 1 101 ? 1.683   7.031   4.413   1.00 14.39 ? 81  ARG A N   1 
ATOM   540  C  CA  . ARG A 1 101 ? 2.863   7.757   3.964   1.00 13.11 ? 81  ARG A CA  1 
ATOM   541  C  C   . ARG A 1 101 ? 3.881   6.717   3.536   1.00 11.86 ? 81  ARG A C   1 
ATOM   542  O  O   . ARG A 1 101 ? 4.175   5.783   4.280   1.00 10.57 ? 81  ARG A O   1 
ATOM   543  C  CB  . ARG A 1 101 ? 3.430   8.630   5.084   1.00 14.09 ? 81  ARG A CB  1 
ATOM   544  C  CG  . ARG A 1 101 ? 2.529   9.806   5.469   1.00 14.50 ? 81  ARG A CG  1 
ATOM   545  C  CD  . ARG A 1 101 ? 3.290   10.812  6.324   1.00 20.74 ? 81  ARG A CD  1 
ATOM   546  N  NE  . ARG A 1 101 ? 2.475   11.962  6.708   1.00 23.57 ? 81  ARG A NE  1 
ATOM   547  C  CZ  . ARG A 1 101 ? 1.648   11.988  7.751   1.00 27.36 ? 81  ARG A CZ  1 
ATOM   548  N  NH1 . ARG A 1 101 ? 1.517   10.921  8.531   1.00 26.23 ? 81  ARG A NH1 1 
ATOM   549  N  NH2 . ARG A 1 101 ? 0.956   13.086  8.020   1.00 28.18 ? 81  ARG A NH2 1 
ATOM   550  N  N   . VAL A 1 102 ? 4.412   6.879   2.330   1.00 12.30 ? 82  VAL A N   1 
ATOM   551  C  CA  . VAL A 1 102 ? 5.382   5.937   1.800   1.00 11.48 ? 82  VAL A CA  1 
ATOM   552  C  C   . VAL A 1 102 ? 6.751   6.599   1.726   1.00 11.74 ? 82  VAL A C   1 
ATOM   553  O  O   . VAL A 1 102 ? 6.872   7.739   1.284   1.00 13.09 ? 82  VAL A O   1 
ATOM   554  C  CB  . VAL A 1 102 ? 4.967   5.451   0.396   1.00 13.30 ? 82  VAL A CB  1 
ATOM   555  C  CG1 . VAL A 1 102 ? 5.900   4.338   -0.069  1.00 13.35 ? 82  VAL A CG1 1 
ATOM   556  C  CG2 . VAL A 1 102 ? 3.517   4.955   0.425   1.00 12.72 ? 82  VAL A CG2 1 
ATOM   557  N  N   . TYR A 1 103 ? 7.771   5.869   2.164   1.00 13.10 ? 83  TYR A N   1 
ATOM   558  C  CA  . TYR A 1 103 ? 9.140   6.369   2.174   1.00 14.44 ? 83  TYR A CA  1 
ATOM   559  C  C   . TYR A 1 103 ? 10.076  5.490   1.362   1.00 15.34 ? 83  TYR A C   1 
ATOM   560  O  O   . TYR A 1 103 ? 9.931   4.271   1.328   1.00 13.16 ? 83  TYR A O   1 
ATOM   561  C  CB  . TYR A 1 103 ? 9.675   6.431   3.606   1.00 13.34 ? 83  TYR A CB  1 
ATOM   562  C  CG  . TYR A 1 103 ? 8.846   7.262   4.552   1.00 16.17 ? 83  TYR A CG  1 
ATOM   563  C  CD1 . TYR A 1 103 ? 7.632   6.786   5.046   1.00 14.72 ? 83  TYR A CD1 1 
ATOM   564  C  CD2 . TYR A 1 103 ? 9.275   8.526   4.956   1.00 16.69 ? 83  TYR A CD2 1 
ATOM   565  C  CE1 . TYR A 1 103 ? 6.863   7.550   5.923   1.00 17.01 ? 83  TYR A CE1 1 
ATOM   566  C  CE2 . TYR A 1 103 ? 8.516   9.298   5.832   1.00 17.17 ? 83  TYR A CE2 1 
ATOM   567  C  CZ  . TYR A 1 103 ? 7.312   8.805   6.310   1.00 17.23 ? 83  TYR A CZ  1 
ATOM   568  O  OH  . TYR A 1 103 ? 6.557   9.564   7.172   1.00 16.82 ? 83  TYR A OH  1 
ATOM   569  N  N   . ALA A 1 104 ? 11.048  6.121   0.715   1.00 16.71 ? 84  ALA A N   1 
ATOM   570  C  CA  . ALA A 1 104 ? 12.027  5.384   -0.066  1.00 17.81 ? 84  ALA A CA  1 
ATOM   571  C  C   . ALA A 1 104 ? 13.231  5.187   0.844   1.00 18.80 ? 84  ALA A C   1 
ATOM   572  O  O   . ALA A 1 104 ? 13.652  6.115   1.538   1.00 19.27 ? 84  ALA A O   1 
ATOM   573  C  CB  . ALA A 1 104 ? 12.422  6.179   -1.310  1.00 20.14 ? 84  ALA A CB  1 
ATOM   574  N  N   . VAL A 1 105 ? 13.761  3.970   0.865   1.00 19.62 ? 85  VAL A N   1 
ATOM   575  C  CA  . VAL A 1 105 ? 14.920  3.652   1.687   1.00 20.82 ? 85  VAL A CA  1 
ATOM   576  C  C   . VAL A 1 105 ? 16.141  3.606   0.776   1.00 23.52 ? 85  VAL A C   1 
ATOM   577  O  O   . VAL A 1 105 ? 16.274  2.699   -0.042  1.00 21.69 ? 85  VAL A O   1 
ATOM   578  C  CB  . VAL A 1 105 ? 14.755  2.278   2.378   1.00 20.05 ? 85  VAL A CB  1 
ATOM   579  C  CG1 . VAL A 1 105 ? 15.971  1.980   3.252   1.00 19.72 ? 85  VAL A CG1 1 
ATOM   580  C  CG2 . VAL A 1 105 ? 13.486  2.271   3.221   1.00 20.23 ? 85  VAL A CG2 1 
ATOM   581  N  N   . GLU A 1 106 ? 17.020  4.592   0.914   1.00 27.82 ? 86  GLU A N   1 
ATOM   582  C  CA  . GLU A 1 106 ? 18.226  4.666   0.094   1.00 32.53 ? 86  GLU A CA  1 
ATOM   583  C  C   . GLU A 1 106 ? 19.480  4.398   0.920   1.00 33.89 ? 86  GLU A C   1 
ATOM   584  O  O   . GLU A 1 106 ? 20.534  4.062   0.379   1.00 35.16 ? 86  GLU A O   1 
ATOM   585  C  CB  . GLU A 1 106 ? 18.322  6.046   -0.563  1.00 35.38 ? 86  GLU A CB  1 
ATOM   586  C  CG  . GLU A 1 106 ? 17.160  6.370   -1.490  1.00 40.30 ? 86  GLU A CG  1 
ATOM   587  C  CD  . GLU A 1 106 ? 17.224  7.784   -2.043  1.00 43.13 ? 86  GLU A CD  1 
ATOM   588  O  OE1 . GLU A 1 106 ? 17.186  8.742   -1.241  1.00 45.55 ? 86  GLU A OE1 1 
ATOM   589  O  OE2 . GLU A 1 106 ? 17.311  7.940   -3.281  1.00 44.71 ? 86  GLU A OE2 1 
ATOM   590  N  N   . GLY A 1 107 ? 19.358  4.549   2.234   1.00 34.17 ? 87  GLY A N   1 
ATOM   591  C  CA  . GLY A 1 107 ? 20.484  4.318   3.120   1.00 33.69 ? 87  GLY A CA  1 
ATOM   592  C  C   . GLY A 1 107 ? 20.024  4.201   4.560   1.00 33.18 ? 87  GLY A C   1 
ATOM   593  O  O   . GLY A 1 107 ? 18.830  4.041   4.809   1.00 32.59 ? 87  GLY A O   1 
ATOM   594  N  N   . PRO A 1 108 ? 20.950  4.267   5.530   1.00 32.95 ? 88  PRO A N   1 
ATOM   595  C  CA  . PRO A 1 108 ? 20.656  4.172   6.966   1.00 32.90 ? 88  PRO A CA  1 
ATOM   596  C  C   . PRO A 1 108 ? 20.024  5.449   7.519   1.00 32.47 ? 88  PRO A C   1 
ATOM   597  O  O   . PRO A 1 108 ? 19.517  5.470   8.640   1.00 32.69 ? 88  PRO A O   1 
ATOM   598  C  CB  . PRO A 1 108 ? 22.034  3.918   7.585   1.00 33.55 ? 88  PRO A CB  1 
ATOM   599  C  CG  . PRO A 1 108 ? 22.822  3.310   6.461   1.00 32.88 ? 88  PRO A CG  1 
ATOM   600  C  CD  . PRO A 1 108 ? 22.398  4.151   5.296   1.00 33.40 ? 88  PRO A CD  1 
ATOM   601  N  N   . GLU A 1 109 ? 20.072  6.509   6.720   1.00 32.55 ? 89  GLU A N   1 
ATOM   602  C  CA  . GLU A 1 109 ? 19.533  7.808   7.102   1.00 32.99 ? 89  GLU A CA  1 
ATOM   603  C  C   . GLU A 1 109 ? 18.008  7.825   7.169   1.00 31.82 ? 89  GLU A C   1 
ATOM   604  O  O   . GLU A 1 109 ? 17.342  6.884   6.740   1.00 30.44 ? 89  GLU A O   1 
ATOM   605  C  CB  . GLU A 1 109 ? 19.995  8.868   6.100   1.00 34.93 ? 89  GLU A CB  1 
ATOM   606  C  CG  . GLU A 1 109 ? 19.500  8.616   4.679   1.00 39.79 ? 89  GLU A CG  1 
ATOM   607  C  CD  . GLU A 1 109 ? 19.901  9.710   3.705   1.00 41.73 ? 89  GLU A CD  1 
ATOM   608  O  OE1 . GLU A 1 109 ? 19.543  10.885  3.942   1.00 43.95 ? 89  GLU A OE1 1 
ATOM   609  O  OE2 . GLU A 1 109 ? 20.570  9.394   2.699   1.00 42.96 ? 89  GLU A OE2 1 
ATOM   610  N  N   . ARG A 1 110 ? 17.466  8.911   7.713   1.00 30.59 ? 90  ARG A N   1 
ATOM   611  C  CA  . ARG A 1 110 ? 16.022  9.076   7.814   1.00 29.19 ? 90  ARG A CA  1 
ATOM   612  C  C   . ARG A 1 110 ? 15.504  9.052   6.374   1.00 27.76 ? 90  ARG A C   1 
ATOM   613  O  O   . ARG A 1 110 ? 15.991  9.793   5.519   1.00 26.69 ? 90  ARG A O   1 
ATOM   614  C  CB  . ARG A 1 110 ? 15.704  10.412  8.489   1.00 31.54 ? 90  ARG A CB  1 
ATOM   615  C  CG  . ARG A 1 110 ? 14.245  10.619  8.859   1.00 34.23 ? 90  ARG A CG  1 
ATOM   616  C  CD  . ARG A 1 110 ? 14.092  11.882  9.691   1.00 37.35 ? 90  ARG A CD  1 
ATOM   617  N  NE  . ARG A 1 110 ? 14.513  13.071  8.954   1.00 41.04 ? 90  ARG A NE  1 
ATOM   618  C  CZ  . ARG A 1 110 ? 14.831  14.231  9.522   1.00 42.76 ? 90  ARG A CZ  1 
ATOM   619  N  NH1 . ARG A 1 110 ? 14.782  14.362  10.839  1.00 44.35 ? 90  ARG A NH1 1 
ATOM   620  N  NH2 . ARG A 1 110 ? 15.195  15.262  8.773   1.00 44.75 ? 90  ARG A NH2 1 
ATOM   621  N  N   . PRO A 1 111 ? 14.517  8.189   6.086   1.00 25.86 ? 91  PRO A N   1 
ATOM   622  C  CA  . PRO A 1 111 ? 13.945  8.070   4.740   1.00 25.31 ? 91  PRO A CA  1 
ATOM   623  C  C   . PRO A 1 111 ? 13.058  9.231   4.303   1.00 25.59 ? 91  PRO A C   1 
ATOM   624  O  O   . PRO A 1 111 ? 12.399  9.872   5.122   1.00 24.99 ? 91  PRO A O   1 
ATOM   625  C  CB  . PRO A 1 111 ? 13.180  6.756   4.817   1.00 24.89 ? 91  PRO A CB  1 
ATOM   626  C  CG  . PRO A 1 111 ? 12.663  6.780   6.216   1.00 24.83 ? 91  PRO A CG  1 
ATOM   627  C  CD  . PRO A 1 111 ? 13.873  7.239   7.010   1.00 25.24 ? 91  PRO A CD  1 
ATOM   628  N  N   . ASP A 1 112 ? 13.047  9.490   2.999   1.00 25.67 ? 92  ASP A N   1 
ATOM   629  C  CA  . ASP A 1 112 ? 12.244  10.567  2.440   1.00 26.65 ? 92  ASP A CA  1 
ATOM   630  C  C   . ASP A 1 112 ? 10.840  10.093  2.102   1.00 24.25 ? 92  ASP A C   1 
ATOM   631  O  O   . ASP A 1 112 ? 10.654  8.996   1.578   1.00 23.07 ? 92  ASP A O   1 
ATOM   632  C  CB  . ASP A 1 112 ? 12.894  11.122  1.168   1.00 30.01 ? 92  ASP A CB  1 
ATOM   633  C  CG  . ASP A 1 112 ? 14.202  11.835  1.438   1.00 34.55 ? 92  ASP A CG  1 
ATOM   634  O  OD1 . ASP A 1 112 ? 14.220  12.751  2.290   1.00 35.88 ? 92  ASP A OD1 1 
ATOM   635  O  OD2 . ASP A 1 112 ? 15.209  11.483  0.790   1.00 37.93 ? 92  ASP A OD2 1 
ATOM   636  N  N   . ASN A 1 113 ? 9.859   10.931  2.416   1.00 23.24 ? 93  ASN A N   1 
ATOM   637  C  CA  . ASN A 1 113 ? 8.455   10.648  2.131   1.00 22.96 ? 93  ASN A CA  1 
ATOM   638  C  C   . ASN A 1 113 ? 8.281   10.934  0.639   1.00 23.09 ? 93  ASN A C   1 
ATOM   639  O  O   . ASN A 1 113 ? 8.313   12.091  0.222   1.00 25.21 ? 93  ASN A O   1 
ATOM   640  C  CB  . ASN A 1 113 ? 7.576   11.585  2.966   1.00 22.66 ? 93  ASN A CB  1 
ATOM   641  C  CG  . ASN A 1 113 ? 6.088   11.377  2.736   1.00 23.95 ? 93  ASN A CG  1 
ATOM   642  O  OD1 . ASN A 1 113 ? 5.268   12.178  3.197   1.00 23.83 ? 93  ASN A OD1 1 
ATOM   643  N  ND2 . ASN A 1 113 ? 5.730   10.307  2.036   1.00 20.97 ? 93  ASN A ND2 1 
ATOM   644  N  N   . ILE A 1 114 ? 8.104   9.888   -0.165  1.00 21.63 ? 94  ILE A N   1 
ATOM   645  C  CA  . ILE A 1 114 ? 7.959   10.059  -1.609  1.00 18.78 ? 94  ILE A CA  1 
ATOM   646  C  C   . ILE A 1 114 ? 6.524   10.105  -2.126  1.00 18.47 ? 94  ILE A C   1 
ATOM   647  O  O   . ILE A 1 114 ? 6.252   10.715  -3.161  1.00 17.67 ? 94  ILE A O   1 
ATOM   648  C  CB  . ILE A 1 114 ? 8.697   8.944   -2.382  1.00 19.81 ? 94  ILE A CB  1 
ATOM   649  C  CG1 . ILE A 1 114 ? 8.183   7.573   -1.937  1.00 18.09 ? 94  ILE A CG1 1 
ATOM   650  C  CG2 . ILE A 1 114 ? 10.195  9.062   -2.157  1.00 20.81 ? 94  ILE A CG2 1 
ATOM   651  C  CD1 . ILE A 1 114 ? 8.701   6.412   -2.785  1.00 19.07 ? 94  ILE A CD1 1 
ATOM   652  N  N   . VAL A 1 115 ? 5.613   9.453   -1.414  1.00 15.16 ? 95  VAL A N   1 
ATOM   653  C  CA  . VAL A 1 115 ? 4.209   9.418   -1.818  1.00 15.74 ? 95  VAL A CA  1 
ATOM   654  C  C   . VAL A 1 115 ? 3.333   9.299   -0.577  1.00 14.29 ? 95  VAL A C   1 
ATOM   655  O  O   . VAL A 1 115 ? 3.702   8.615   0.373   1.00 13.33 ? 95  VAL A O   1 
ATOM   656  C  CB  . VAL A 1 115 ? 3.908   8.186   -2.717  1.00 17.15 ? 95  VAL A CB  1 
ATOM   657  C  CG1 . VAL A 1 115 ? 2.436   8.175   -3.105  1.00 19.31 ? 95  VAL A CG1 1 
ATOM   658  C  CG2 . VAL A 1 115 ? 4.789   8.201   -3.955  1.00 18.88 ? 95  VAL A CG2 1 
ATOM   659  N  N   . SER A 1 116 ? 2.184   9.966   -0.585  1.00 12.76 ? 96  SER A N   1 
ATOM   660  C  CA  . SER A 1 116 ? 1.247   9.885   0.536   1.00 12.13 ? 96  SER A CA  1 
ATOM   661  C  C   . SER A 1 116 ? -0.184  9.809   0.012   1.00 12.62 ? 96  SER A C   1 
ATOM   662  O  O   . SER A 1 116 ? -0.509  10.412  -1.011  1.00 10.97 ? 96  SER A O   1 
ATOM   663  C  CB  . SER A 1 116 ? 1.391   11.097  1.463   1.00 12.83 ? 96  SER A CB  1 
ATOM   664  O  OG  . SER A 1 116 ? 2.635   11.078  2.147   1.00 14.51 ? 96  SER A OG  1 
ATOM   665  N  N   . PHE A 1 117 ? -1.029  9.053   0.708   1.00 10.03 ? 97  PHE A N   1 
ATOM   666  C  CA  . PHE A 1 117 ? -2.430  8.906   0.322   1.00 11.77 ? 97  PHE A CA  1 
ATOM   667  C  C   . PHE A 1 117 ? -3.294  9.129   1.547   1.00 12.42 ? 97  PHE A C   1 
ATOM   668  O  O   . PHE A 1 117 ? -2.973  8.645   2.628   1.00 13.86 ? 97  PHE A O   1 
ATOM   669  C  CB  . PHE A 1 117 ? -2.742  7.492   -0.172  1.00 12.49 ? 97  PHE A CB  1 
ATOM   670  C  CG  . PHE A 1 117 ? -1.858  7.008   -1.280  1.00 12.30 ? 97  PHE A CG  1 
ATOM   671  C  CD1 . PHE A 1 117 ? -1.987  7.511   -2.571  1.00 13.96 ? 97  PHE A CD1 1 
ATOM   672  C  CD2 . PHE A 1 117 ? -0.927  6.002   -1.041  1.00 13.91 ? 97  PHE A CD2 1 
ATOM   673  C  CE1 . PHE A 1 117 ? -1.202  7.013   -3.610  1.00 14.06 ? 97  PHE A CE1 1 
ATOM   674  C  CE2 . PHE A 1 117 ? -0.141  5.499   -2.071  1.00 13.64 ? 97  PHE A CE2 1 
ATOM   675  C  CZ  . PHE A 1 117 ? -0.280  6.006   -3.358  1.00 15.74 ? 97  PHE A CZ  1 
ATOM   676  N  N   . ILE A 1 118 ? -4.386  9.861   1.384   1.00 12.80 ? 98  ILE A N   1 
ATOM   677  C  CA  . ILE A 1 118 ? -5.300  10.061  2.498   1.00 13.08 ? 98  ILE A CA  1 
ATOM   678  C  C   . ILE A 1 118 ? -6.237  8.854   2.444   1.00 13.15 ? 98  ILE A C   1 
ATOM   679  O  O   . ILE A 1 118 ? -6.737  8.505   1.380   1.00 12.67 ? 98  ILE A O   1 
ATOM   680  C  CB  . ILE A 1 118 ? -6.120  11.358  2.333   1.00 12.27 ? 98  ILE A CB  1 
ATOM   681  C  CG1 . ILE A 1 118 ? -5.176  12.558  2.196   1.00 14.82 ? 98  ILE A CG1 1 
ATOM   682  C  CG2 . ILE A 1 118 ? -7.054  11.540  3.525   1.00 15.80 ? 98  ILE A CG2 1 
ATOM   683  C  CD1 . ILE A 1 118 ? -4.219  12.731  3.361   1.00 18.50 ? 98  ILE A CD1 1 
ATOM   684  N  N   . VAL A 1 119 ? -6.448  8.192   3.576   1.00 11.92 ? 99  VAL A N   1 
ATOM   685  C  CA  . VAL A 1 119 ? -7.341  7.042   3.594   1.00 13.23 ? 99  VAL A CA  1 
ATOM   686  C  C   . VAL A 1 119 ? -8.702  7.537   4.055   1.00 13.49 ? 99  VAL A C   1 
ATOM   687  O  O   . VAL A 1 119 ? -8.900  7.817   5.240   1.00 14.80 ? 99  VAL A O   1 
ATOM   688  C  CB  . VAL A 1 119 ? -6.844  5.945   4.559   1.00 11.75 ? 99  VAL A CB  1 
ATOM   689  C  CG1 . VAL A 1 119 ? -7.774  4.740   4.500   1.00 12.25 ? 99  VAL A CG1 1 
ATOM   690  C  CG2 . VAL A 1 119 ? -5.426  5.539   4.194   1.00 12.07 ? 99  VAL A CG2 1 
ATOM   691  N  N   . LYS A 1 120 ? -9.632  7.662   3.117   1.00 12.15 ? 100 LYS A N   1 
ATOM   692  C  CA  . LYS A 1 120 ? -10.972 8.140   3.434   1.00 14.76 ? 100 LYS A CA  1 
ATOM   693  C  C   . LYS A 1 120 ? -11.803 7.028   4.043   1.00 14.73 ? 100 LYS A C   1 
ATOM   694  O  O   . LYS A 1 120 ? -12.679 7.274   4.868   1.00 13.55 ? 100 LYS A O   1 
ATOM   695  C  CB  . LYS A 1 120 ? -11.658 8.671   2.176   1.00 16.88 ? 100 LYS A CB  1 
ATOM   696  C  CG  . LYS A 1 120 ? -10.981 9.891   1.572   1.00 21.26 ? 100 LYS A CG  1 
ATOM   697  C  CD  . LYS A 1 120 ? -11.058 11.080  2.513   1.00 25.88 ? 100 LYS A CD  1 
ATOM   698  C  CE  . LYS A 1 120 ? -10.429 12.321  1.903   1.00 28.45 ? 100 LYS A CE  1 
ATOM   699  N  NZ  . LYS A 1 120 ? -10.546 13.489  2.826   1.00 30.26 ? 100 LYS A NZ  1 
ATOM   700  N  N   . GLY A 1 121 ? -11.521 5.797   3.627   1.00 13.08 ? 101 GLY A N   1 
ATOM   701  C  CA  . GLY A 1 121 ? -12.253 4.662   4.155   1.00 13.24 ? 101 GLY A CA  1 
ATOM   702  C  C   . GLY A 1 121 ? -11.677 3.351   3.662   1.00 14.24 ? 101 GLY A C   1 
ATOM   703  O  O   . GLY A 1 121 ? -11.025 3.298   2.614   1.00 13.06 ? 101 GLY A O   1 
ATOM   704  N  N   . VAL A 1 122 ? -11.900 2.288   4.424   1.00 13.58 ? 102 VAL A N   1 
ATOM   705  C  CA  . VAL A 1 122 ? -11.406 0.976   4.037   1.00 13.20 ? 102 VAL A CA  1 
ATOM   706  C  C   . VAL A 1 122 ? -12.300 -0.120  4.592   1.00 13.63 ? 102 VAL A C   1 
ATOM   707  O  O   . VAL A 1 122 ? -12.884 0.027   5.663   1.00 12.27 ? 102 VAL A O   1 
ATOM   708  C  CB  . VAL A 1 122 ? -9.964  0.735   4.550   1.00 16.03 ? 102 VAL A CB  1 
ATOM   709  C  CG1 . VAL A 1 122 ? -9.942  0.715   6.074   1.00 18.13 ? 102 VAL A CG1 1 
ATOM   710  C  CG2 . VAL A 1 122 ? -9.433  -0.585  4.007   1.00 19.09 ? 102 VAL A CG2 1 
ATOM   711  N  N   . SER A 1 123 ? -12.424 -1.201  3.832   1.00 13.09 ? 103 SER A N   1 
ATOM   712  C  CA  . SER A 1 123 ? -13.192 -2.366  4.248   1.00 15.19 ? 103 SER A CA  1 
ATOM   713  C  C   . SER A 1 123 ? -12.195 -3.510  4.162   1.00 14.79 ? 103 SER A C   1 
ATOM   714  O  O   . SER A 1 123 ? -11.536 -3.686  3.136   1.00 16.11 ? 103 SER A O   1 
ATOM   715  C  CB  . SER A 1 123 ? -14.369 -2.619  3.300   1.00 19.04 ? 103 SER A CB  1 
ATOM   716  O  OG  . SER A 1 123 ? -13.934 -2.832  1.969   1.00 27.39 ? 103 SER A OG  1 
ATOM   717  N  N   . LEU A 1 124 ? -12.056 -4.273  5.238   1.00 13.01 ? 104 LEU A N   1 
ATOM   718  C  CA  . LEU A 1 124 ? -11.115 -5.389  5.238   1.00 11.97 ? 104 LEU A CA  1 
ATOM   719  C  C   . LEU A 1 124 ? -11.715 -6.563  4.475   1.00 11.95 ? 104 LEU A C   1 
ATOM   720  O  O   . LEU A 1 124 ? -12.931 -6.657  4.336   1.00 12.91 ? 104 LEU A O   1 
ATOM   721  C  CB  . LEU A 1 124 ? -10.789 -5.802  6.674   1.00 14.06 ? 104 LEU A CB  1 
ATOM   722  C  CG  . LEU A 1 124 ? -10.274 -4.675  7.576   1.00 14.11 ? 104 LEU A CG  1 
ATOM   723  C  CD1 . LEU A 1 124 ? -9.946  -5.232  8.951   1.00 18.54 ? 104 LEU A CD1 1 
ATOM   724  C  CD2 . LEU A 1 124 ? -9.049  -4.029  6.944   1.00 17.78 ? 104 LEU A CD2 1 
ATOM   725  N  N   . SER A 1 125 ? -10.859 -7.455  3.979   1.00 12.45 ? 105 SER A N   1 
ATOM   726  C  CA  . SER A 1 125 ? -11.326 -8.612  3.224   1.00 14.44 ? 105 SER A CA  1 
ATOM   727  C  C   . SER A 1 125 ? -12.386 -9.369  4.014   1.00 15.81 ? 105 SER A C   1 
ATOM   728  O  O   . SER A 1 125 ? -13.398 -9.799  3.461   1.00 17.58 ? 105 SER A O   1 
ATOM   729  C  CB  . SER A 1 125 ? -10.153 -9.542  2.895   1.00 12.79 ? 105 SER A CB  1 
ATOM   730  O  OG  . SER A 1 125 ? -9.524  -10.035 4.069   1.00 14.65 ? 105 SER A OG  1 
ATOM   731  N  N   . ARG A 1 126 ? -12.145 -9.510  5.311   1.00 18.45 ? 106 ARG A N   1 
ATOM   732  C  CA  . ARG A 1 126 ? -13.055 -10.206 6.218   1.00 23.24 ? 106 ARG A CA  1 
ATOM   733  C  C   . ARG A 1 126 ? -14.458 -9.594  6.155   1.00 22.61 ? 106 ARG A C   1 
ATOM   734  O  O   . ARG A 1 126 ? -15.464 -10.303 6.195   1.00 23.92 ? 106 ARG A O   1 
ATOM   735  C  CB  . ARG A 1 126 ? -12.510 -10.103 7.643   1.00 26.10 ? 106 ARG A CB  1 
ATOM   736  C  CG  . ARG A 1 126 ? -10.988 -10.220 7.707   1.00 32.83 ? 106 ARG A CG  1 
ATOM   737  C  CD  . ARG A 1 126 ? -10.390 -9.476  8.899   1.00 34.84 ? 106 ARG A CD  1 
ATOM   738  N  NE  . ARG A 1 126 ? -8.975  -9.177  8.677   1.00 35.06 ? 106 ARG A NE  1 
ATOM   739  C  CZ  . ARG A 1 126 ? -8.201  -8.501  9.520   1.00 34.00 ? 106 ARG A CZ  1 
ATOM   740  N  NH1 . ARG A 1 126 ? -8.700  -8.044  10.662  1.00 34.50 ? 106 ARG A NH1 1 
ATOM   741  N  NH2 . ARG A 1 126 ? -6.925  -8.274  9.219   1.00 27.47 ? 106 ARG A NH2 1 
ATOM   742  N  N   . GLU A 1 127 ? -14.514 -8.272  6.050   1.00 19.31 ? 107 GLU A N   1 
ATOM   743  C  CA  . GLU A 1 127 ? -15.783 -7.555  5.994   1.00 20.04 ? 107 GLU A CA  1 
ATOM   744  C  C   . GLU A 1 127 ? -16.453 -7.615  4.626   1.00 20.88 ? 107 GLU A C   1 
ATOM   745  O  O   . GLU A 1 127 ? -17.677 -7.608  4.532   1.00 21.48 ? 107 GLU A O   1 
ATOM   746  C  CB  . GLU A 1 127 ? -15.558 -6.100  6.411   1.00 17.44 ? 107 GLU A CB  1 
ATOM   747  C  CG  . GLU A 1 127 ? -14.983 -5.995  7.819   1.00 19.16 ? 107 GLU A CG  1 
ATOM   748  C  CD  . GLU A 1 127 ? -14.262 -4.687  8.083   1.00 18.69 ? 107 GLU A CD  1 
ATOM   749  O  OE1 . GLU A 1 127 ? -13.757 -4.522  9.211   1.00 20.43 ? 107 GLU A OE1 1 
ATOM   750  O  OE2 . GLU A 1 127 ? -14.191 -3.833  7.173   1.00 15.39 ? 107 GLU A OE2 1 
ATOM   751  N  N   . ARG A 1 128 ? -15.649 -7.679  3.569   1.00 21.86 ? 108 ARG A N   1 
ATOM   752  C  CA  . ARG A 1 128 ? -16.177 -7.737  2.211   1.00 22.49 ? 108 ARG A CA  1 
ATOM   753  C  C   . ARG A 1 128 ? -16.579 -9.153  1.819   1.00 23.71 ? 108 ARG A C   1 
ATOM   754  O  O   . ARG A 1 128 ? -17.099 -9.384  0.726   1.00 24.90 ? 108 ARG A O   1 
ATOM   755  C  CB  . ARG A 1 128 ? -15.146 -7.195  1.221   1.00 23.59 ? 108 ARG A CB  1 
ATOM   756  C  CG  . ARG A 1 128 ? -14.915 -5.692  1.318   1.00 26.72 ? 108 ARG A CG  1 
ATOM   757  C  CD  . ARG A 1 128 ? -16.157 -4.908  0.909   1.00 30.32 ? 108 ARG A CD  1 
ATOM   758  N  NE  . ARG A 1 128 ? -16.640 -5.313  -0.407  1.00 33.95 ? 108 ARG A NE  1 
ATOM   759  C  CZ  . ARG A 1 128 ? -17.690 -4.780  -1.019  1.00 35.42 ? 108 ARG A CZ  1 
ATOM   760  N  NH1 . ARG A 1 128 ? -18.379 -3.807  -0.435  1.00 37.70 ? 108 ARG A NH1 1 
ATOM   761  N  NH2 . ARG A 1 128 ? -18.055 -5.221  -2.215  1.00 36.68 ? 108 ARG A NH2 1 
ATOM   762  N  N   . ARG A 1 129 ? -16.326 -10.098 2.715   1.00 24.59 ? 109 ARG A N   1 
ATOM   763  C  CA  . ARG A 1 129 ? -16.685 -11.490 2.486   1.00 26.24 ? 109 ARG A CA  1 
ATOM   764  C  C   . ARG A 1 129 ? -15.865 -12.182 1.402   1.00 25.88 ? 109 ARG A C   1 
ATOM   765  O  O   . ARG A 1 129 ? -16.363 -13.079 0.723   1.00 25.89 ? 109 ARG A O   1 
ATOM   766  C  CB  . ARG A 1 129 ? -18.171 -11.597 2.133   1.00 29.64 ? 109 ARG A CB  1 
ATOM   767  C  CG  . ARG A 1 129 ? -19.100 -10.840 3.069   1.00 33.99 ? 109 ARG A CG  1 
ATOM   768  C  CD  . ARG A 1 129 ? -19.091 -11.408 4.476   1.00 36.25 ? 109 ARG A CD  1 
ATOM   769  N  NE  . ARG A 1 129 ? -20.009 -10.672 5.342   1.00 40.24 ? 109 ARG A NE  1 
ATOM   770  C  CZ  . ARG A 1 129 ? -20.271 -10.991 6.605   1.00 41.52 ? 109 ARG A CZ  1 
ATOM   771  N  NH1 . ARG A 1 129 ? -19.685 -12.042 7.163   1.00 43.59 ? 109 ARG A NH1 1 
ATOM   772  N  NH2 . ARG A 1 129 ? -21.118 -10.253 7.310   1.00 41.84 ? 109 ARG A NH2 1 
ATOM   773  N  N   . TRP A 1 130 ? -14.623 -11.755 1.210   1.00 22.99 ? 110 TRP A N   1 
ATOM   774  C  CA  . TRP A 1 130 ? -13.780 -12.426 0.232   1.00 21.06 ? 110 TRP A CA  1 
ATOM   775  C  C   . TRP A 1 130 ? -12.439 -12.727 0.882   1.00 20.60 ? 110 TRP A C   1 
ATOM   776  O  O   . TRP A 1 130 ? -12.211 -12.352 2.034   1.00 21.14 ? 110 TRP A O   1 
ATOM   777  C  CB  . TRP A 1 130 ? -13.640 -11.614 -1.064  1.00 19.95 ? 110 TRP A CB  1 
ATOM   778  C  CG  . TRP A 1 130 ? -13.143 -10.220 -0.934  1.00 17.82 ? 110 TRP A CG  1 
ATOM   779  C  CD1 . TRP A 1 130 ? -11.974 -9.815  -0.360  1.00 17.28 ? 110 TRP A CD1 1 
ATOM   780  C  CD2 . TRP A 1 130 ? -13.738 -9.048  -1.509  1.00 17.42 ? 110 TRP A CD2 1 
ATOM   781  N  NE1 . TRP A 1 130 ? -11.797 -8.464  -0.551  1.00 17.79 ? 110 TRP A NE1 1 
ATOM   782  C  CE2 . TRP A 1 130 ? -12.865 -7.969  -1.253  1.00 18.21 ? 110 TRP A CE2 1 
ATOM   783  C  CE3 . TRP A 1 130 ? -14.922 -8.808  -2.220  1.00 18.63 ? 110 TRP A CE3 1 
ATOM   784  C  CZ2 . TRP A 1 130 ? -13.136 -6.663  -1.685  1.00 19.33 ? 110 TRP A CZ2 1 
ATOM   785  C  CZ3 . TRP A 1 130 ? -15.192 -7.509  -2.651  1.00 18.81 ? 110 TRP A CZ3 1 
ATOM   786  C  CH2 . TRP A 1 130 ? -14.301 -6.454  -2.381  1.00 20.21 ? 110 TRP A CH2 1 
ATOM   787  N  N   . GLY A 1 131 ? -11.552 -13.408 0.170   1.00 19.27 ? 111 GLY A N   1 
ATOM   788  C  CA  . GLY A 1 131 ? -10.291 -13.772 0.789   1.00 17.54 ? 111 GLY A CA  1 
ATOM   789  C  C   . GLY A 1 131 ? -9.058  -12.956 0.478   1.00 16.60 ? 111 GLY A C   1 
ATOM   790  O  O   . GLY A 1 131 ? -9.129  -11.772 0.153   1.00 14.25 ? 111 GLY A O   1 
ATOM   791  N  N   . LEU A 1 132 ? -7.915  -13.617 0.613   1.00 15.23 ? 112 LEU A N   1 
ATOM   792  C  CA  . LEU A 1 132 ? -6.614  -13.019 0.349   1.00 15.54 ? 112 LEU A CA  1 
ATOM   793  C  C   . LEU A 1 132 ? -5.960  -13.853 -0.746  1.00 14.64 ? 112 LEU A C   1 
ATOM   794  O  O   . LEU A 1 132 ? -6.251  -15.039 -0.881  1.00 15.06 ? 112 LEU A O   1 
ATOM   795  C  CB  . LEU A 1 132 ? -5.762  -13.043 1.620   1.00 16.15 ? 112 LEU A CB  1 
ATOM   796  C  CG  . LEU A 1 132 ? -6.265  -12.113 2.730   1.00 18.13 ? 112 LEU A CG  1 
ATOM   797  C  CD1 . LEU A 1 132 ? -5.568  -12.425 4.045   1.00 18.24 ? 112 LEU A CD1 1 
ATOM   798  C  CD2 . LEU A 1 132 ? -6.027  -10.672 2.313   1.00 16.47 ? 112 LEU A CD2 1 
ATOM   799  N  N   . PRO A 1 133 ? -5.066  -13.247 -1.541  1.00 14.32 ? 113 PRO A N   1 
ATOM   800  C  CA  . PRO A 1 133 ? -4.404  -13.991 -2.616  1.00 14.75 ? 113 PRO A CA  1 
ATOM   801  C  C   . PRO A 1 133 ? -3.462  -15.086 -2.120  1.00 15.55 ? 113 PRO A C   1 
ATOM   802  O  O   . PRO A 1 133 ? -2.729  -14.897 -1.150  1.00 14.23 ? 113 PRO A O   1 
ATOM   803  C  CB  . PRO A 1 133 ? -3.667  -12.896 -3.381  1.00 15.19 ? 113 PRO A CB  1 
ATOM   804  C  CG  . PRO A 1 133 ? -3.276  -11.947 -2.280  1.00 13.34 ? 113 PRO A CG  1 
ATOM   805  C  CD  . PRO A 1 133 ? -4.549  -11.869 -1.457  1.00 13.51 ? 113 PRO A CD  1 
ATOM   806  N  N   . SER A 1 134 ? -3.500  -16.238 -2.782  1.00 16.12 ? 114 SER A N   1 
ATOM   807  C  CA  . SER A 1 134 ? -2.623  -17.347 -2.428  1.00 17.59 ? 114 SER A CA  1 
ATOM   808  C  C   . SER A 1 134 ? -1.337  -17.141 -3.220  1.00 18.51 ? 114 SER A C   1 
ATOM   809  O  O   . SER A 1 134 ? -1.189  -17.656 -4.326  1.00 20.23 ? 114 SER A O   1 
ATOM   810  C  CB  . SER A 1 134 ? -3.264  -18.683 -2.813  1.00 21.73 ? 114 SER A CB  1 
ATOM   811  O  OG  . SER A 1 134 ? -4.466  -18.897 -2.094  1.00 25.97 ? 114 SER A OG  1 
ATOM   812  N  N   . LEU A 1 135 ? -0.419  -16.369 -2.649  1.00 17.23 ? 115 LEU A N   1 
ATOM   813  C  CA  . LEU A 1 135 ? 0.850   -16.062 -3.302  1.00 16.80 ? 115 LEU A CA  1 
ATOM   814  C  C   . LEU A 1 135 ? 1.926   -17.082 -2.947  1.00 17.78 ? 115 LEU A C   1 
ATOM   815  O  O   . LEU A 1 135 ? 1.827   -17.773 -1.931  1.00 15.71 ? 115 LEU A O   1 
ATOM   816  C  CB  . LEU A 1 135 ? 1.312   -14.660 -2.894  1.00 17.32 ? 115 LEU A CB  1 
ATOM   817  C  CG  . LEU A 1 135 ? 0.279   -13.546 -3.104  1.00 17.57 ? 115 LEU A CG  1 
ATOM   818  C  CD1 . LEU A 1 135 ? 0.754   -12.269 -2.428  1.00 18.74 ? 115 LEU A CD1 1 
ATOM   819  C  CD2 . LEU A 1 135 ? 0.053   -13.329 -4.591  1.00 18.15 ? 115 LEU A CD2 1 
ATOM   820  N  N   . ARG A 1 136 ? 2.952   -17.174 -3.787  1.00 17.73 ? 116 ARG A N   1 
ATOM   821  C  CA  . ARG A 1 136 ? 4.040   -18.118 -3.549  1.00 19.39 ? 116 ARG A CA  1 
ATOM   822  C  C   . ARG A 1 136 ? 5.393   -17.422 -3.592  1.00 18.81 ? 116 ARG A C   1 
ATOM   823  O  O   . ARG A 1 136 ? 6.432   -18.048 -3.366  1.00 18.38 ? 116 ARG A O   1 
ATOM   824  C  CB  . ARG A 1 136 ? 4.004   -19.234 -4.599  1.00 21.75 ? 116 ARG A CB  1 
ATOM   825  C  CG  . ARG A 1 136 ? 2.643   -19.886 -4.755  1.00 26.86 ? 116 ARG A CG  1 
ATOM   826  C  CD  . ARG A 1 136 ? 2.134   -20.414 -3.425  1.00 33.21 ? 116 ARG A CD  1 
ATOM   827  N  NE  . ARG A 1 136 ? 0.680   -20.559 -3.414  1.00 38.24 ? 116 ARG A NE  1 
ATOM   828  C  CZ  . ARG A 1 136 ? -0.032  -20.824 -2.324  1.00 39.65 ? 116 ARG A CZ  1 
ATOM   829  N  NH1 . ARG A 1 136 ? 0.576   -20.973 -1.157  1.00 41.41 ? 116 ARG A NH1 1 
ATOM   830  N  NH2 . ARG A 1 136 ? -1.351  -20.938 -2.399  1.00 42.00 ? 116 ARG A NH2 1 
ATOM   831  N  N   . GLY A 1 137 ? 5.370   -16.123 -3.879  1.00 18.48 ? 117 GLY A N   1 
ATOM   832  C  CA  . GLY A 1 137 ? 6.595   -15.352 -3.963  1.00 17.85 ? 117 GLY A CA  1 
ATOM   833  C  C   . GLY A 1 137 ? 6.946   -15.052 -5.410  1.00 18.41 ? 117 GLY A C   1 
ATOM   834  O  O   . GLY A 1 137 ? 6.777   -15.902 -6.284  1.00 18.88 ? 117 GLY A O   1 
ATOM   835  N  N   . GLY A 1 138 ? 7.417   -13.838 -5.672  1.00 17.49 ? 118 GLY A N   1 
ATOM   836  C  CA  . GLY A 1 138 ? 7.787   -13.479 -7.031  1.00 17.82 ? 118 GLY A CA  1 
ATOM   837  C  C   . GLY A 1 138 ? 6.700   -12.789 -7.835  1.00 17.71 ? 118 GLY A C   1 
ATOM   838  O  O   . GLY A 1 138 ? 6.962   -12.298 -8.931  1.00 18.32 ? 118 GLY A O   1 
ATOM   839  N  N   . GLU A 1 139 ? 5.478   -12.752 -7.308  1.00 15.84 ? 119 GLU A N   1 
ATOM   840  C  CA  . GLU A 1 139 ? 4.380   -12.098 -8.019  1.00 15.08 ? 119 GLU A CA  1 
ATOM   841  C  C   . GLU A 1 139 ? 4.616   -10.594 -8.072  1.00 13.67 ? 119 GLU A C   1 
ATOM   842  O  O   . GLU A 1 139 ? 5.382   -10.051 -7.283  1.00 13.60 ? 119 GLU A O   1 
ATOM   843  C  CB  . GLU A 1 139 ? 3.040   -12.371 -7.325  1.00 15.72 ? 119 GLU A CB  1 
ATOM   844  C  CG  . GLU A 1 139 ? 2.573   -13.819 -7.372  1.00 15.66 ? 119 GLU A CG  1 
ATOM   845  C  CD  . GLU A 1 139 ? 3.102   -14.662 -6.220  1.00 15.15 ? 119 GLU A CD  1 
ATOM   846  O  OE1 . GLU A 1 139 ? 2.760   -15.860 -6.167  1.00 15.30 ? 119 GLU A OE1 1 
ATOM   847  O  OE2 . GLU A 1 139 ? 3.850   -14.133 -5.372  1.00 15.06 ? 119 GLU A OE2 1 
ATOM   848  N  N   . VAL A 1 140 ? 3.972   -9.915  -9.014  1.00 14.07 ? 120 VAL A N   1 
ATOM   849  C  CA  . VAL A 1 140 ? 4.134   -8.473  -9.099  1.00 15.54 ? 120 VAL A CA  1 
ATOM   850  C  C   . VAL A 1 140 ? 2.787   -7.785  -8.963  1.00 14.17 ? 120 VAL A C   1 
ATOM   851  O  O   . VAL A 1 140 ? 1.737   -8.402  -9.150  1.00 13.63 ? 120 VAL A O   1 
ATOM   852  C  CB  . VAL A 1 140 ? 4.778   -8.046  -10.434 1.00 18.54 ? 120 VAL A CB  1 
ATOM   853  C  CG1 . VAL A 1 140 ? 6.111   -8.757  -10.620 1.00 19.77 ? 120 VAL A CG1 1 
ATOM   854  C  CG2 . VAL A 1 140 ? 3.843   -8.346  -11.575 1.00 20.45 ? 120 VAL A CG2 1 
ATOM   855  N  N   . LEU A 1 141 ? 2.816   -6.507  -8.610  1.00 12.84 ? 121 LEU A N   1 
ATOM   856  C  CA  . LEU A 1 141 ? 1.584   -5.744  -8.475  1.00 12.97 ? 121 LEU A CA  1 
ATOM   857  C  C   . LEU A 1 141 ? 1.401   -4.948  -9.756  1.00 12.64 ? 121 LEU A C   1 
ATOM   858  O  O   . LEU A 1 141 ? 2.361   -4.376  -10.271 1.00 12.90 ? 121 LEU A O   1 
ATOM   859  C  CB  . LEU A 1 141 ? 1.670   -4.781  -7.292  1.00 11.99 ? 121 LEU A CB  1 
ATOM   860  C  CG  . LEU A 1 141 ? 0.439   -3.896  -7.065  1.00 11.48 ? 121 LEU A CG  1 
ATOM   861  C  CD1 . LEU A 1 141 ? -0.740  -4.741  -6.617  1.00 11.54 ? 121 LEU A CD1 1 
ATOM   862  C  CD2 . LEU A 1 141 ? 0.762   -2.845  -6.017  1.00 13.42 ? 121 LEU A CD2 1 
ATOM   863  N  N   . VAL A 1 142 ? 0.181   -4.936  -10.283 1.00 12.64 ? 122 VAL A N   1 
ATOM   864  C  CA  . VAL A 1 142 ? -0.121  -4.180  -11.496 1.00 12.89 ? 122 VAL A CA  1 
ATOM   865  C  C   . VAL A 1 142 ? -1.193  -3.156  -11.143 1.00 14.82 ? 122 VAL A C   1 
ATOM   866  O  O   . VAL A 1 142 ? -2.221  -3.504  -10.566 1.00 17.78 ? 122 VAL A O   1 
ATOM   867  C  CB  . VAL A 1 142 ? -0.658  -5.087  -12.630 1.00 13.80 ? 122 VAL A CB  1 
ATOM   868  C  CG1 . VAL A 1 142 ? -1.121  -4.229  -13.817 1.00 14.63 ? 122 VAL A CG1 1 
ATOM   869  C  CG2 . VAL A 1 142 ? 0.429   -6.051  -13.088 1.00 15.26 ? 122 VAL A CG2 1 
ATOM   870  N  N   . ALA A 1 143 ? -0.947  -1.893  -11.467 1.00 14.06 ? 123 ALA A N   1 
ATOM   871  C  CA  . ALA A 1 143 ? -1.918  -0.839  -11.183 1.00 13.04 ? 123 ALA A CA  1 
ATOM   872  C  C   . ALA A 1 143 ? -2.709  -0.572  -12.453 1.00 15.19 ? 123 ALA A C   1 
ATOM   873  O  O   . ALA A 1 143 ? -2.129  -0.248  -13.490 1.00 14.99 ? 123 ALA A O   1 
ATOM   874  C  CB  . ALA A 1 143 ? -1.204  0.422   -10.734 1.00 12.13 ? 123 ALA A CB  1 
ATOM   875  N  N   . ARG A 1 144 ? -4.030  -0.718  -12.380 1.00 14.69 ? 124 ARG A N   1 
ATOM   876  C  CA  . ARG A 1 144 ? -4.873  -0.502  -13.549 1.00 16.87 ? 124 ARG A CA  1 
ATOM   877  C  C   . ARG A 1 144 ? -5.961  0.547   -13.348 1.00 15.39 ? 124 ARG A C   1 
ATOM   878  O  O   . ARG A 1 144 ? -6.944  0.314   -12.639 1.00 14.94 ? 124 ARG A O   1 
ATOM   879  C  CB  . ARG A 1 144 ? -5.532  -1.812  -13.989 1.00 19.85 ? 124 ARG A CB  1 
ATOM   880  C  CG  . ARG A 1 144 ? -6.328  -1.669  -15.284 1.00 26.73 ? 124 ARG A CG  1 
ATOM   881  C  CD  . ARG A 1 144 ? -6.957  -2.980  -15.740 1.00 31.36 ? 124 ARG A CD  1 
ATOM   882  N  NE  . ARG A 1 144 ? -7.998  -3.443  -14.828 1.00 37.05 ? 124 ARG A NE  1 
ATOM   883  C  CZ  . ARG A 1 144 ? -8.812  -4.463  -15.078 1.00 39.15 ? 124 ARG A CZ  1 
ATOM   884  N  NH1 . ARG A 1 144 ? -8.711  -5.132  -16.220 1.00 41.77 ? 124 ARG A NH1 1 
ATOM   885  N  NH2 . ARG A 1 144 ? -9.727  -4.819  -14.186 1.00 40.79 ? 124 ARG A NH2 1 
ATOM   886  N  N   . PRO A 1 145 ? -5.792  1.723   -13.960 1.00 16.11 ? 125 PRO A N   1 
ATOM   887  C  CA  . PRO A 1 145 ? -6.790  2.788   -13.832 1.00 16.05 ? 125 PRO A CA  1 
ATOM   888  C  C   . PRO A 1 145 ? -7.940  2.465   -14.786 1.00 17.30 ? 125 PRO A C   1 
ATOM   889  O  O   . PRO A 1 145 ? -7.710  2.123   -15.945 1.00 16.97 ? 125 PRO A O   1 
ATOM   890  C  CB  . PRO A 1 145 ? -6.011  4.034   -14.232 1.00 16.17 ? 125 PRO A CB  1 
ATOM   891  C  CG  . PRO A 1 145 ? -5.083  3.508   -15.283 1.00 16.06 ? 125 PRO A CG  1 
ATOM   892  C  CD  . PRO A 1 145 ? -4.601  2.198   -14.690 1.00 16.37 ? 125 PRO A CD  1 
ATOM   893  N  N   . LEU A 1 146 ? -9.173  2.555   -14.296 1.00 17.12 ? 126 LEU A N   1 
ATOM   894  C  CA  . LEU A 1 146 ? -10.338 2.237   -15.113 1.00 18.08 ? 126 LEU A CA  1 
ATOM   895  C  C   . LEU A 1 146 ? -10.823 3.389   -15.973 1.00 18.81 ? 126 LEU A C   1 
ATOM   896  O  O   . LEU A 1 146 ? -11.613 3.190   -16.896 1.00 20.83 ? 126 LEU A O   1 
ATOM   897  C  CB  . LEU A 1 146 ? -11.487 1.753   -14.231 1.00 19.38 ? 126 LEU A CB  1 
ATOM   898  C  CG  . LEU A 1 146 ? -11.248 0.434   -13.497 1.00 21.35 ? 126 LEU A CG  1 
ATOM   899  C  CD1 . LEU A 1 146 ? -12.522 0.028   -12.783 1.00 24.29 ? 126 LEU A CD1 1 
ATOM   900  C  CD2 . LEU A 1 146 ? -10.823 -0.640  -14.487 1.00 23.27 ? 126 LEU A CD2 1 
ATOM   901  N  N   . ASP A 1 147 ? -10.363 4.591   -15.661 1.00 16.80 ? 127 ASP A N   1 
ATOM   902  C  CA  . ASP A 1 147 ? -10.757 5.764   -16.425 1.00 17.28 ? 127 ASP A CA  1 
ATOM   903  C  C   . ASP A 1 147 ? -9.562  6.695   -16.586 1.00 16.56 ? 127 ASP A C   1 
ATOM   904  O  O   . ASP A 1 147 ? -8.517  6.483   -15.970 1.00 16.11 ? 127 ASP A O   1 
ATOM   905  C  CB  . ASP A 1 147 ? -11.913 6.489   -15.731 1.00 16.70 ? 127 ASP A CB  1 
ATOM   906  C  CG  . ASP A 1 147 ? -11.595 6.866   -14.300 1.00 17.50 ? 127 ASP A CG  1 
ATOM   907  O  OD1 . ASP A 1 147 ? -11.985 6.117   -13.375 1.00 17.11 ? 127 ASP A OD1 1 
ATOM   908  O  OD2 . ASP A 1 147 ? -10.948 7.911   -14.100 1.00 18.54 ? 127 ASP A OD2 1 
ATOM   909  N  N   . SER A 1 148 ? -9.720  7.726   -17.411 1.00 17.98 ? 128 SER A N   1 
ATOM   910  C  CA  . SER A 1 148 ? -8.642  8.678   -17.665 1.00 18.14 ? 128 SER A CA  1 
ATOM   911  C  C   . SER A 1 148 ? -8.608  9.825   -16.660 1.00 18.16 ? 128 SER A C   1 
ATOM   912  O  O   . SER A 1 148 ? -7.878  10.803  -16.851 1.00 19.19 ? 128 SER A O   1 
ATOM   913  C  CB  . SER A 1 148 ? -8.781  9.248   -19.078 1.00 20.86 ? 128 SER A CB  1 
ATOM   914  O  OG  . SER A 1 148 ? -10.019 9.926   -19.220 1.00 25.55 ? 128 SER A OG  1 
ATOM   915  N  N   . GLY A 1 149 ? -9.392  9.700   -15.594 1.00 15.78 ? 129 GLY A N   1 
ATOM   916  C  CA  . GLY A 1 149 ? -9.438  10.731  -14.573 1.00 16.44 ? 129 GLY A CA  1 
ATOM   917  C  C   . GLY A 1 149 ? -8.273  10.684  -13.601 1.00 15.77 ? 129 GLY A C   1 
ATOM   918  O  O   . GLY A 1 149 ? -7.158  10.292  -13.958 1.00 14.96 ? 129 GLY A O   1 
ATOM   919  N  N   . VAL A 1 150 ? -8.532  11.078  -12.360 1.00 12.57 ? 130 VAL A N   1 
ATOM   920  C  CA  . VAL A 1 150 ? -7.495  11.101  -11.336 1.00 13.58 ? 130 VAL A CA  1 
ATOM   921  C  C   . VAL A 1 150 ? -6.938  9.701   -11.054 1.00 11.90 ? 130 VAL A C   1 
ATOM   922  O  O   . VAL A 1 150 ? -5.852  9.558   -10.483 1.00 12.22 ? 130 VAL A O   1 
ATOM   923  C  CB  . VAL A 1 150 ? -8.030  11.741  -10.030 1.00 13.02 ? 130 VAL A CB  1 
ATOM   924  C  CG1 . VAL A 1 150 ? -9.016  10.800  -9.347  1.00 13.69 ? 130 VAL A CG1 1 
ATOM   925  C  CG2 . VAL A 1 150 ? -6.871  12.103  -9.111  1.00 15.37 ? 130 VAL A CG2 1 
ATOM   926  N  N   . ALA A 1 151 ? -7.680  8.671   -11.457 1.00 11.51 ? 131 ALA A N   1 
ATOM   927  C  CA  . ALA A 1 151 ? -7.239  7.290   -11.262 1.00 11.59 ? 131 ALA A CA  1 
ATOM   928  C  C   . ALA A 1 151 ? -5.883  7.082   -11.939 1.00 13.86 ? 131 ALA A C   1 
ATOM   929  O  O   . ALA A 1 151 ? -5.070  6.271   -11.494 1.00 12.79 ? 131 ALA A O   1 
ATOM   930  C  CB  . ALA A 1 151 ? -8.266  6.317   -11.839 1.00 11.64 ? 131 ALA A CB  1 
ATOM   931  N  N   . VAL A 1 152 ? -5.645  7.809   -13.026 1.00 11.88 ? 132 VAL A N   1 
ATOM   932  C  CA  . VAL A 1 152 ? -4.377  7.697   -13.743 1.00 12.18 ? 132 VAL A CA  1 
ATOM   933  C  C   . VAL A 1 152 ? -3.227  8.176   -12.858 1.00 12.05 ? 132 VAL A C   1 
ATOM   934  O  O   . VAL A 1 152 ? -2.151  7.575   -12.842 1.00 12.45 ? 132 VAL A O   1 
ATOM   935  C  CB  . VAL A 1 152 ? -4.401  8.529   -15.052 1.00 13.04 ? 132 VAL A CB  1 
ATOM   936  C  CG1 . VAL A 1 152 ? -3.019  8.557   -15.684 1.00 13.75 ? 132 VAL A CG1 1 
ATOM   937  C  CG2 . VAL A 1 152 ? -5.401  7.924   -16.027 1.00 13.16 ? 132 VAL A CG2 1 
ATOM   938  N  N   . GLU A 1 153 ? -3.460  9.255   -12.114 1.00 11.88 ? 133 GLU A N   1 
ATOM   939  C  CA  . GLU A 1 153 ? -2.436  9.798   -11.228 1.00 12.12 ? 133 GLU A CA  1 
ATOM   940  C  C   . GLU A 1 153 ? -2.178  8.833   -10.073 1.00 11.58 ? 133 GLU A C   1 
ATOM   941  O  O   . GLU A 1 153 ? -1.036  8.662   -9.643  1.00 11.59 ? 133 GLU A O   1 
ATOM   942  C  CB  . GLU A 1 153 ? -2.872  11.165  -10.690 1.00 13.64 ? 133 GLU A CB  1 
ATOM   943  C  CG  . GLU A 1 153 ? -3.206  12.151  -11.802 1.00 20.44 ? 133 GLU A CG  1 
ATOM   944  C  CD  . GLU A 1 153 ? -3.636  13.507  -11.289 1.00 23.16 ? 133 GLU A CD  1 
ATOM   945  O  OE1 . GLU A 1 153 ? -4.362  14.206  -12.025 1.00 29.15 ? 133 GLU A OE1 1 
ATOM   946  O  OE2 . GLU A 1 153 ? -3.244  13.881  -10.165 1.00 27.02 ? 133 GLU A OE2 1 
ATOM   947  N  N   . PHE A 1 154 ? -3.234  8.199   -9.569  1.00 10.28 ? 134 PHE A N   1 
ATOM   948  C  CA  . PHE A 1 154 ? -3.065  7.240   -8.480  1.00 10.05 ? 134 PHE A CA  1 
ATOM   949  C  C   . PHE A 1 154 ? -2.324  5.999   -8.967  1.00 9.42  ? 134 PHE A C   1 
ATOM   950  O  O   . PHE A 1 154 ? -1.553  5.400   -8.221  1.00 11.05 ? 134 PHE A O   1 
ATOM   951  C  CB  . PHE A 1 154 ? -4.419  6.827   -7.886  1.00 10.43 ? 134 PHE A CB  1 
ATOM   952  C  CG  . PHE A 1 154 ? -4.953  7.787   -6.861  1.00 11.62 ? 134 PHE A CG  1 
ATOM   953  C  CD1 . PHE A 1 154 ? -5.697  8.895   -7.245  1.00 12.12 ? 134 PHE A CD1 1 
ATOM   954  C  CD2 . PHE A 1 154 ? -4.709  7.578   -5.503  1.00 12.60 ? 134 PHE A CD2 1 
ATOM   955  C  CE1 . PHE A 1 154 ? -6.197  9.782   -6.295  1.00 12.92 ? 134 PHE A CE1 1 
ATOM   956  C  CE2 . PHE A 1 154 ? -5.204  8.459   -4.542  1.00 14.21 ? 134 PHE A CE2 1 
ATOM   957  C  CZ  . PHE A 1 154 ? -5.950  9.565   -4.939  1.00 13.77 ? 134 PHE A CZ  1 
ATOM   958  N  N   . ALA A 1 155 ? -2.564  5.603   -10.213 1.00 10.72 ? 135 ALA A N   1 
ATOM   959  C  CA  . ALA A 1 155 ? -1.885  4.438   -10.762 1.00 10.67 ? 135 ALA A CA  1 
ATOM   960  C  C   . ALA A 1 155 ? -0.386  4.735   -10.826 1.00 11.52 ? 135 ALA A C   1 
ATOM   961  O  O   . ALA A 1 155 ? 0.425   3.882   -10.475 1.00 11.21 ? 135 ALA A O   1 
ATOM   962  C  CB  . ALA A 1 155 ? -2.418  4.109   -12.150 1.00 12.03 ? 135 ALA A CB  1 
ATOM   963  N  N   . ASP A 1 156 ? -0.030  5.940   -11.271 1.00 11.60 ? 136 ASP A N   1 
ATOM   964  C  CA  . ASP A 1 156 ? 1.377   6.351   -11.352 1.00 13.59 ? 136 ASP A CA  1 
ATOM   965  C  C   . ASP A 1 156 ? 1.987   6.337   -9.949  1.00 13.73 ? 136 ASP A C   1 
ATOM   966  O  O   . ASP A 1 156 ? 3.154   5.979   -9.769  1.00 11.57 ? 136 ASP A O   1 
ATOM   967  C  CB  . ASP A 1 156 ? 1.523   7.775   -11.915 1.00 14.30 ? 136 ASP A CB  1 
ATOM   968  C  CG  . ASP A 1 156 ? 1.315   7.852   -13.421 1.00 19.55 ? 136 ASP A CG  1 
ATOM   969  O  OD1 . ASP A 1 156 ? 1.361   6.812   -14.106 1.00 20.34 ? 136 ASP A OD1 1 
ATOM   970  O  OD2 . ASP A 1 156 ? 1.123   8.982   -13.924 1.00 23.60 ? 136 ASP A OD2 1 
ATOM   971  N  N   . ALA A 1 157 ? 1.192   6.744   -8.960  1.00 11.61 ? 137 ALA A N   1 
ATOM   972  C  CA  . ALA A 1 157 ? 1.650   6.779   -7.575  1.00 11.30 ? 137 ALA A CA  1 
ATOM   973  C  C   . ALA A 1 157 ? 1.930   5.376   -7.048  1.00 10.51 ? 137 ALA A C   1 
ATOM   974  O  O   . ALA A 1 157 ? 2.865   5.177   -6.270  1.00 11.27 ? 137 ALA A O   1 
ATOM   975  C  CB  . ALA A 1 157 ? 0.617   7.473   -6.692  1.00 9.59  ? 137 ALA A CB  1 
ATOM   976  N  N   . PHE A 1 158 ? 1.115   4.410   -7.459  1.00 9.93  ? 138 PHE A N   1 
ATOM   977  C  CA  . PHE A 1 158 ? 1.309   3.028   -7.027  1.00 9.94  ? 138 PHE A CA  1 
ATOM   978  C  C   . PHE A 1 158 ? 2.598   2.471   -7.626  1.00 11.12 ? 138 PHE A C   1 
ATOM   979  O  O   . PHE A 1 158 ? 3.281   1.660   -7.001  1.00 10.56 ? 138 PHE A O   1 
ATOM   980  C  CB  . PHE A 1 158 ? 0.120   2.164   -7.447  1.00 10.20 ? 138 PHE A CB  1 
ATOM   981  C  CG  . PHE A 1 158 ? -0.994  2.125   -6.433  1.00 10.68 ? 138 PHE A CG  1 
ATOM   982  C  CD1 . PHE A 1 158 ? -1.472  3.298   -5.850  1.00 11.42 ? 138 PHE A CD1 1 
ATOM   983  C  CD2 . PHE A 1 158 ? -1.573  0.912   -6.071  1.00 12.02 ? 138 PHE A CD2 1 
ATOM   984  C  CE1 . PHE A 1 158 ? -2.517  3.262   -4.919  1.00 13.31 ? 138 PHE A CE1 1 
ATOM   985  C  CE2 . PHE A 1 158 ? -2.620  0.862   -5.142  1.00 13.68 ? 138 PHE A CE2 1 
ATOM   986  C  CZ  . PHE A 1 158 ? -3.092  2.042   -4.567  1.00 12.82 ? 138 PHE A CZ  1 
ATOM   987  N  N   . VAL A 1 159 ? 2.929   2.898   -8.841  1.00 10.42 ? 139 VAL A N   1 
ATOM   988  C  CA  . VAL A 1 159 ? 4.168   2.446   -9.475  1.00 11.32 ? 139 VAL A CA  1 
ATOM   989  C  C   . VAL A 1 159 ? 5.341   2.887   -8.596  1.00 12.13 ? 139 VAL A C   1 
ATOM   990  O  O   . VAL A 1 159 ? 6.231   2.098   -8.273  1.00 13.69 ? 139 VAL A O   1 
ATOM   991  C  CB  . VAL A 1 159 ? 4.336   3.063   -10.884 1.00 11.75 ? 139 VAL A CB  1 
ATOM   992  C  CG1 . VAL A 1 159 ? 5.720   2.748   -11.436 1.00 12.08 ? 139 VAL A CG1 1 
ATOM   993  C  CG2 . VAL A 1 159 ? 3.262   2.527   -11.814 1.00 12.21 ? 139 VAL A CG2 1 
ATOM   994  N  N   . ILE A 1 160 ? 5.325   4.153   -8.201  1.00 11.21 ? 140 ILE A N   1 
ATOM   995  C  CA  . ILE A 1 160 ? 6.382   4.711   -7.360  1.00 13.73 ? 140 ILE A CA  1 
ATOM   996  C  C   . ILE A 1 160 ? 6.390   4.133   -5.946  1.00 13.63 ? 140 ILE A C   1 
ATOM   997  O  O   . ILE A 1 160 ? 7.427   3.697   -5.445  1.00 14.81 ? 140 ILE A O   1 
ATOM   998  C  CB  . ILE A 1 160 ? 6.240   6.251   -7.245  1.00 15.31 ? 140 ILE A CB  1 
ATOM   999  C  CG1 . ILE A 1 160 ? 6.396   6.892   -8.624  1.00 17.83 ? 140 ILE A CG1 1 
ATOM   1000 C  CG2 . ILE A 1 160 ? 7.278   6.808   -6.271  1.00 17.23 ? 140 ILE A CG2 1 
ATOM   1001 C  CD1 . ILE A 1 160 ? 7.729   6.608   -9.281  1.00 23.10 ? 140 ILE A CD1 1 
ATOM   1002 N  N   . ALA A 1 161 ? 5.224   4.127   -5.312  1.00 12.48 ? 141 ALA A N   1 
ATOM   1003 C  CA  . ALA A 1 161 ? 5.097   3.652   -3.941  1.00 11.41 ? 141 ALA A CA  1 
ATOM   1004 C  C   . ALA A 1 161 ? 5.269   2.162   -3.693  1.00 11.37 ? 141 ALA A C   1 
ATOM   1005 O  O   . ALA A 1 161 ? 5.944   1.773   -2.742  1.00 12.09 ? 141 ALA A O   1 
ATOM   1006 C  CB  . ALA A 1 161 ? 3.758   4.100   -3.372  1.00 10.60 ? 141 ALA A CB  1 
ATOM   1007 N  N   . PHE A 1 162 ? 4.669   1.329   -4.536  1.00 10.26 ? 142 PHE A N   1 
ATOM   1008 C  CA  . PHE A 1 162 ? 4.727   -0.114  -4.317  1.00 11.18 ? 142 PHE A CA  1 
ATOM   1009 C  C   . PHE A 1 162 ? 5.410   -0.931  -5.402  1.00 12.48 ? 142 PHE A C   1 
ATOM   1010 O  O   . PHE A 1 162 ? 5.281   -2.156  -5.420  1.00 12.38 ? 142 PHE A O   1 
ATOM   1011 C  CB  . PHE A 1 162 ? 3.303   -0.645  -4.119  1.00 11.13 ? 142 PHE A CB  1 
ATOM   1012 C  CG  . PHE A 1 162 ? 2.474   0.183   -3.182  1.00 12.91 ? 142 PHE A CG  1 
ATOM   1013 C  CD1 . PHE A 1 162 ? 2.858   0.349   -1.852  1.00 12.85 ? 142 PHE A CD1 1 
ATOM   1014 C  CD2 . PHE A 1 162 ? 1.310   0.806   -3.626  1.00 13.20 ? 142 PHE A CD2 1 
ATOM   1015 C  CE1 . PHE A 1 162 ? 2.097   1.122   -0.979  1.00 14.17 ? 142 PHE A CE1 1 
ATOM   1016 C  CE2 . PHE A 1 162 ? 0.541   1.583   -2.758  1.00 14.24 ? 142 PHE A CE2 1 
ATOM   1017 C  CZ  . PHE A 1 162 ? 0.938   1.740   -1.430  1.00 13.23 ? 142 PHE A CZ  1 
ATOM   1018 N  N   . HIS A 1 163 ? 6.134   -0.269  -6.299  1.00 11.71 ? 143 HIS A N   1 
ATOM   1019 C  CA  . HIS A 1 163 ? 6.812   -0.970  -7.386  1.00 12.71 ? 143 HIS A CA  1 
ATOM   1020 C  C   . HIS A 1 163 ? 5.814   -1.677  -8.293  1.00 12.43 ? 143 HIS A C   1 
ATOM   1021 O  O   . HIS A 1 163 ? 6.112   -2.722  -8.865  1.00 12.85 ? 143 HIS A O   1 
ATOM   1022 C  CB  . HIS A 1 163 ? 7.809   -1.996  -6.831  1.00 15.72 ? 143 HIS A CB  1 
ATOM   1023 C  CG  . HIS A 1 163 ? 8.895   -1.386  -6.005  1.00 16.10 ? 143 HIS A CG  1 
ATOM   1024 N  ND1 . HIS A 1 163 ? 9.653   -0.324  -6.444  1.00 19.14 ? 143 HIS A ND1 1 
ATOM   1025 C  CD2 . HIS A 1 163 ? 9.348   -1.686  -4.765  1.00 17.17 ? 143 HIS A CD2 1 
ATOM   1026 C  CE1 . HIS A 1 163 ? 10.527  0.007   -5.510  1.00 18.67 ? 143 HIS A CE1 1 
ATOM   1027 N  NE2 . HIS A 1 163 ? 10.363  -0.805  -4.481  1.00 18.68 ? 143 HIS A NE2 1 
ATOM   1028 N  N   . ALA A 1 164 ? 4.621   -1.111  -8.420  1.00 11.69 ? 144 ALA A N   1 
ATOM   1029 C  CA  . ALA A 1 164 ? 3.612   -1.701  -9.289  1.00 13.11 ? 144 ALA A CA  1 
ATOM   1030 C  C   . ALA A 1 164 ? 4.020   -1.445  -10.737 1.00 13.27 ? 144 ALA A C   1 
ATOM   1031 O  O   . ALA A 1 164 ? 4.838   -0.566  -11.007 1.00 12.59 ? 144 ALA A O   1 
ATOM   1032 C  CB  . ALA A 1 164 ? 2.246   -1.074  -9.015  1.00 15.09 ? 144 ALA A CB  1 
ATOM   1033 N  N   . ARG A 1 165 ? 3.466   -2.231  -11.656 1.00 13.11 ? 145 ARG A N   1 
ATOM   1034 C  CA  . ARG A 1 165 ? 3.728   -2.060  -13.085 1.00 13.89 ? 145 ARG A CA  1 
ATOM   1035 C  C   . ARG A 1 165 ? 2.408   -1.652  -13.732 1.00 15.86 ? 145 ARG A C   1 
ATOM   1036 O  O   . ARG A 1 165 ? 1.344   -2.048  -13.260 1.00 14.74 ? 145 ARG A O   1 
ATOM   1037 C  CB  . ARG A 1 165 ? 4.161   -3.372  -13.741 1.00 14.94 ? 145 ARG A CB  1 
ATOM   1038 C  CG  . ARG A 1 165 ? 5.443   -4.019  -13.250 1.00 16.73 ? 145 ARG A CG  1 
ATOM   1039 C  CD  . ARG A 1 165 ? 5.780   -5.164  -14.205 1.00 17.70 ? 145 ARG A CD  1 
ATOM   1040 N  NE  . ARG A 1 165 ? 6.802   -6.080  -13.707 1.00 20.02 ? 145 ARG A NE  1 
ATOM   1041 C  CZ  . ARG A 1 165 ? 7.223   -7.151  -14.374 1.00 20.03 ? 145 ARG A CZ  1 
ATOM   1042 N  NH1 . ARG A 1 165 ? 6.714   -7.439  -15.567 1.00 21.63 ? 145 ARG A NH1 1 
ATOM   1043 N  NH2 . ARG A 1 165 ? 8.145   -7.943  -13.846 1.00 22.80 ? 145 ARG A NH2 1 
ATOM   1044 N  N   . LEU A 1 166 ? 2.470   -0.872  -14.809 1.00 16.26 ? 146 LEU A N   1 
ATOM   1045 C  CA  . LEU A 1 166 ? 1.253   -0.475  -15.512 1.00 17.21 ? 146 LEU A CA  1 
ATOM   1046 C  C   . LEU A 1 166 ? 0.937   -1.552  -16.548 1.00 19.56 ? 146 LEU A C   1 
ATOM   1047 O  O   . LEU A 1 166 ? -0.215  -1.739  -16.939 1.00 19.32 ? 146 LEU A O   1 
ATOM   1048 C  CB  . LEU A 1 166 ? 1.431   0.881   -16.207 1.00 17.02 ? 146 LEU A CB  1 
ATOM   1049 C  CG  . LEU A 1 166 ? 1.600   2.103   -15.296 1.00 15.43 ? 146 LEU A CG  1 
ATOM   1050 C  CD1 . LEU A 1 166 ? 1.665   3.365   -16.140 1.00 18.96 ? 146 LEU A CD1 1 
ATOM   1051 C  CD2 . LEU A 1 166 ? 0.433   2.185   -14.314 1.00 16.81 ? 146 LEU A CD2 1 
ATOM   1052 N  N   . LYS A 1 167 ? 1.976   -2.262  -16.980 1.00 20.74 ? 147 LYS A N   1 
ATOM   1053 C  CA  . LYS A 1 167 ? 1.831   -3.334  -17.958 1.00 23.08 ? 147 LYS A CA  1 
ATOM   1054 C  C   . LYS A 1 167 ? 1.950   -4.686  -17.262 1.00 23.30 ? 147 LYS A C   1 
ATOM   1055 O  O   . LYS A 1 167 ? 2.970   -4.989  -16.647 1.00 20.92 ? 147 LYS A O   1 
ATOM   1056 C  CB  . LYS A 1 167 ? 2.907   -3.219  -19.041 1.00 25.83 ? 147 LYS A CB  1 
ATOM   1057 C  CG  . LYS A 1 167 ? 2.844   -4.331  -20.076 1.00 30.36 ? 147 LYS A CG  1 
ATOM   1058 C  CD  . LYS A 1 167 ? 3.881   -4.147  -21.176 1.00 33.21 ? 147 LYS A CD  1 
ATOM   1059 C  CE  . LYS A 1 167 ? 3.577   -2.926  -22.025 1.00 36.82 ? 147 LYS A CE  1 
ATOM   1060 N  NZ  . LYS A 1 167 ? 4.517   -2.801  -23.174 1.00 39.70 ? 147 LYS A NZ  1 
ATOM   1061 N  N   . PRO A 1 168 ? 0.904   -5.520  -17.357 1.00 23.79 ? 148 PRO A N   1 
ATOM   1062 C  CA  . PRO A 1 168 ? 0.883   -6.846  -16.733 1.00 24.85 ? 148 PRO A CA  1 
ATOM   1063 C  C   . PRO A 1 168 ? 1.944   -7.791  -17.298 1.00 25.75 ? 148 PRO A C   1 
ATOM   1064 O  O   . PRO A 1 168 ? 2.288   -7.713  -18.477 1.00 24.19 ? 148 PRO A O   1 
ATOM   1065 C  CB  . PRO A 1 168 ? -0.529  -7.351  -17.037 1.00 25.31 ? 148 PRO A CB  1 
ATOM   1066 C  CG  . PRO A 1 168 ? -1.323  -6.098  -17.235 1.00 26.55 ? 148 PRO A CG  1 
ATOM   1067 C  CD  . PRO A 1 168 ? -0.377  -5.241  -18.025 1.00 25.66 ? 148 PRO A CD  1 
ATOM   1068 N  N   . PRO A 1 169 ? 2.487   -8.684  -16.455 1.00 27.35 ? 149 PRO A N   1 
ATOM   1069 C  CA  . PRO A 1 169 ? 3.501   -9.636  -16.918 1.00 27.82 ? 149 PRO A CA  1 
ATOM   1070 C  C   . PRO A 1 169 ? 2.821   -10.628 -17.859 1.00 29.67 ? 149 PRO A C   1 
ATOM   1071 O  O   . PRO A 1 169 ? 1.635   -10.920 -17.701 1.00 28.64 ? 149 PRO A O   1 
ATOM   1072 C  CB  . PRO A 1 169 ? 3.964   -10.309 -15.628 1.00 27.97 ? 149 PRO A CB  1 
ATOM   1073 C  CG  . PRO A 1 169 ? 3.733   -9.264  -14.597 1.00 29.38 ? 149 PRO A CG  1 
ATOM   1074 C  CD  . PRO A 1 169 ? 2.387   -8.709  -14.986 1.00 27.13 ? 149 PRO A CD  1 
ATOM   1075 N  N   . GLU A 1 170 ? 3.568   -11.148 -18.827 1.00 30.92 ? 150 GLU A N   1 
ATOM   1076 C  CA  . GLU A 1 170 ? 3.007   -12.096 -19.786 1.00 34.00 ? 150 GLU A CA  1 
ATOM   1077 C  C   . GLU A 1 170 ? 2.685   -13.474 -19.213 1.00 34.24 ? 150 GLU A C   1 
ATOM   1078 O  O   . GLU A 1 170 ? 1.698   -14.094 -19.608 1.00 36.16 ? 150 GLU A O   1 
ATOM   1079 C  CB  . GLU A 1 170 ? 3.951   -12.250 -20.981 1.00 34.74 ? 150 GLU A CB  1 
ATOM   1080 C  CG  . GLU A 1 170 ? 3.998   -11.033 -21.886 1.00 39.26 ? 150 GLU A CG  1 
ATOM   1081 C  CD  . GLU A 1 170 ? 2.666   -10.758 -22.560 1.00 41.03 ? 150 GLU A CD  1 
ATOM   1082 O  OE1 . GLU A 1 170 ? 1.669   -10.515 -21.846 1.00 44.03 ? 150 GLU A OE1 1 
ATOM   1083 O  OE2 . GLU A 1 170 ? 2.613   -10.787 -23.805 1.00 44.13 ? 150 GLU A OE2 1 
ATOM   1084 N  N   . ALA A 1 171 ? 3.507   -13.957 -18.287 1.00 34.53 ? 151 ALA A N   1 
ATOM   1085 C  CA  . ALA A 1 171 ? 3.273   -15.277 -17.705 1.00 34.88 ? 151 ALA A CA  1 
ATOM   1086 C  C   . ALA A 1 171 ? 3.261   -15.283 -16.182 1.00 34.96 ? 151 ALA A C   1 
ATOM   1087 O  O   . ALA A 1 171 ? 2.467   -15.995 -15.563 1.00 36.56 ? 151 ALA A O   1 
ATOM   1088 C  CB  . ALA A 1 171 ? 4.318   -16.258 -18.216 1.00 36.46 ? 151 ALA A CB  1 
ATOM   1089 N  N   . ALA A 1 172 ? 4.146   -14.496 -15.580 1.00 34.12 ? 152 ALA A N   1 
ATOM   1090 C  CA  . ALA A 1 172 ? 4.238   -14.418 -14.128 1.00 31.35 ? 152 ALA A CA  1 
ATOM   1091 C  C   . ALA A 1 172 ? 2.889   -14.079 -13.506 1.00 29.75 ? 152 ALA A C   1 
ATOM   1092 O  O   . ALA A 1 172 ? 2.033   -13.464 -14.146 1.00 29.73 ? 152 ALA A O   1 
ATOM   1093 C  CB  . ALA A 1 172 ? 5.275   -13.373 -13.727 1.00 32.37 ? 152 ALA A CB  1 
ATOM   1094 N  N   . GLY A 1 173 ? 2.700   -14.493 -12.259 1.00 27.57 ? 153 GLY A N   1 
ATOM   1095 C  CA  . GLY A 1 173 ? 1.454   -14.208 -11.576 1.00 25.54 ? 153 GLY A CA  1 
ATOM   1096 C  C   . GLY A 1 173 ? 1.464   -12.770 -11.108 1.00 23.62 ? 153 GLY A C   1 
ATOM   1097 O  O   . GLY A 1 173 ? 2.534   -12.173 -10.943 1.00 22.24 ? 153 GLY A O   1 
ATOM   1098 N  N   . TYR A 1 174 ? 0.284   -12.196 -10.905 1.00 21.85 ? 154 TYR A N   1 
ATOM   1099 C  CA  . TYR A 1 174 ? 0.221   -10.819 -10.450 1.00 20.11 ? 154 TYR A CA  1 
ATOM   1100 C  C   . TYR A 1 174 ? -1.093  -10.430 -9.795  1.00 17.50 ? 154 TYR A C   1 
ATOM   1101 O  O   . TYR A 1 174 ? -2.159  -10.954 -10.125 1.00 17.92 ? 154 TYR A O   1 
ATOM   1102 C  CB  . TYR A 1 174 ? 0.521   -9.863  -11.614 1.00 20.61 ? 154 TYR A CB  1 
ATOM   1103 C  CG  . TYR A 1 174 ? -0.530  -9.807  -12.704 1.00 23.72 ? 154 TYR A CG  1 
ATOM   1104 C  CD1 . TYR A 1 174 ? -1.701  -9.068  -12.536 1.00 25.27 ? 154 TYR A CD1 1 
ATOM   1105 C  CD2 . TYR A 1 174 ? -0.344  -10.478 -13.911 1.00 25.38 ? 154 TYR A CD2 1 
ATOM   1106 C  CE1 . TYR A 1 174 ? -2.657  -8.995  -13.543 1.00 28.45 ? 154 TYR A CE1 1 
ATOM   1107 C  CE2 . TYR A 1 174 ? -1.293  -10.413 -14.925 1.00 28.13 ? 154 TYR A CE2 1 
ATOM   1108 C  CZ  . TYR A 1 174 ? -2.446  -9.671  -14.735 1.00 28.83 ? 154 TYR A CZ  1 
ATOM   1109 O  OH  . TYR A 1 174 ? -3.384  -9.597  -15.737 1.00 31.35 ? 154 TYR A OH  1 
ATOM   1110 N  N   . VAL A 1 175 ? -0.989  -9.517  -8.838  1.00 14.13 ? 155 VAL A N   1 
ATOM   1111 C  CA  . VAL A 1 175 ? -2.144  -8.992  -8.133  1.00 12.27 ? 155 VAL A CA  1 
ATOM   1112 C  C   . VAL A 1 175 ? -2.456  -7.681  -8.837  1.00 12.30 ? 155 VAL A C   1 
ATOM   1113 O  O   . VAL A 1 175 ? -1.555  -6.885  -9.103  1.00 12.09 ? 155 VAL A O   1 
ATOM   1114 C  CB  . VAL A 1 175 ? -1.818  -8.718  -6.654  1.00 10.40 ? 155 VAL A CB  1 
ATOM   1115 C  CG1 . VAL A 1 175 ? -2.978  -8.000  -5.982  1.00 11.08 ? 155 VAL A CG1 1 
ATOM   1116 C  CG2 . VAL A 1 175 ? -1.520  -10.037 -5.945  1.00 12.69 ? 155 VAL A CG2 1 
ATOM   1117 N  N   . GLU A 1 176 ? -3.726  -7.462  -9.139  1.00 11.34 ? 156 GLU A N   1 
ATOM   1118 C  CA  . GLU A 1 176 ? -4.138  -6.259  -9.836  1.00 15.24 ? 156 GLU A CA  1 
ATOM   1119 C  C   . GLU A 1 176 ? -4.795  -5.263  -8.891  1.00 15.32 ? 156 GLU A C   1 
ATOM   1120 O  O   . GLU A 1 176 ? -5.651  -5.636  -8.093  1.00 16.08 ? 156 GLU A O   1 
ATOM   1121 C  CB  . GLU A 1 176 ? -5.119  -6.640  -10.946 1.00 19.47 ? 156 GLU A CB  1 
ATOM   1122 C  CG  . GLU A 1 176 ? -5.338  -5.593  -12.010 1.00 27.51 ? 156 GLU A CG  1 
ATOM   1123 C  CD  . GLU A 1 176 ? -6.266  -6.095  -13.099 1.00 31.03 ? 156 GLU A CD  1 
ATOM   1124 O  OE1 . GLU A 1 176 ? -6.392  -5.418  -14.138 1.00 33.93 ? 156 GLU A OE1 1 
ATOM   1125 O  OE2 . GLU A 1 176 ? -6.872  -7.173  -12.910 1.00 34.72 ? 156 GLU A OE2 1 
ATOM   1126 N  N   . ALA A 1 177 ? -4.363  -4.009  -8.961  1.00 13.34 ? 157 ALA A N   1 
ATOM   1127 C  CA  . ALA A 1 177 ? -4.955  -2.952  -8.151  1.00 12.20 ? 157 ALA A CA  1 
ATOM   1128 C  C   . ALA A 1 177 ? -5.795  -2.157  -9.136  1.00 12.10 ? 157 ALA A C   1 
ATOM   1129 O  O   . ALA A 1 177 ? -5.260  -1.375  -9.920  1.00 12.81 ? 157 ALA A O   1 
ATOM   1130 C  CB  . ALA A 1 177 ? -3.873  -2.058  -7.534  1.00 11.86 ? 157 ALA A CB  1 
ATOM   1131 N  N   . VAL A 1 178 ? -7.104  -2.391  -9.115  1.00 12.40 ? 158 VAL A N   1 
ATOM   1132 C  CA  . VAL A 1 178 ? -8.037  -1.704  -10.008 1.00 12.91 ? 158 VAL A CA  1 
ATOM   1133 C  C   . VAL A 1 178 ? -8.402  -0.372  -9.357  1.00 12.99 ? 158 VAL A C   1 
ATOM   1134 O  O   . VAL A 1 178 ? -8.907  -0.340  -8.232  1.00 12.56 ? 158 VAL A O   1 
ATOM   1135 C  CB  . VAL A 1 178 ? -9.302  -2.560  -10.229 1.00 15.21 ? 158 VAL A CB  1 
ATOM   1136 C  CG1 . VAL A 1 178 ? -10.242 -1.868  -11.203 1.00 16.78 ? 158 VAL A CG1 1 
ATOM   1137 C  CG2 . VAL A 1 178 ? -8.906  -3.935  -10.767 1.00 17.85 ? 158 VAL A CG2 1 
ATOM   1138 N  N   . ILE A 1 179 ? -8.156  0.720   -10.077 1.00 12.69 ? 159 ILE A N   1 
ATOM   1139 C  CA  . ILE A 1 179 ? -8.390  2.065   -9.556  1.00 13.02 ? 159 ILE A CA  1 
ATOM   1140 C  C   . ILE A 1 179 ? -9.443  2.851   -10.327 1.00 13.17 ? 159 ILE A C   1 
ATOM   1141 O  O   . ILE A 1 179 ? -9.298  3.089   -11.528 1.00 13.40 ? 159 ILE A O   1 
ATOM   1142 C  CB  . ILE A 1 179 ? -7.057  2.859   -9.562  1.00 12.41 ? 159 ILE A CB  1 
ATOM   1143 C  CG1 . ILE A 1 179 ? -5.974  2.040   -8.841  1.00 12.29 ? 159 ILE A CG1 1 
ATOM   1144 C  CG2 . ILE A 1 179 ? -7.240  4.215   -8.883  1.00 13.14 ? 159 ILE A CG2 1 
ATOM   1145 C  CD1 . ILE A 1 179 ? -4.580  2.650   -8.904  1.00 12.96 ? 159 ILE A CD1 1 
ATOM   1146 N  N   . GLU A 1 180 ? -10.498 3.262   -9.628  1.00 13.41 ? 160 GLU A N   1 
ATOM   1147 C  CA  . GLU A 1 180 ? -11.582 4.021   -10.250 1.00 15.74 ? 160 GLU A CA  1 
ATOM   1148 C  C   . GLU A 1 180 ? -11.754 5.404   -9.631  1.00 14.48 ? 160 GLU A C   1 
ATOM   1149 O  O   . GLU A 1 180 ? -11.788 5.545   -8.414  1.00 13.18 ? 160 GLU A O   1 
ATOM   1150 C  CB  . GLU A 1 180 ? -12.908 3.267   -10.122 1.00 20.01 ? 160 GLU A CB  1 
ATOM   1151 C  CG  . GLU A 1 180 ? -14.089 4.038   -10.701 1.00 28.82 ? 160 GLU A CG  1 
ATOM   1152 C  CD  . GLU A 1 180 ? -15.431 3.475   -10.280 1.00 33.84 ? 160 GLU A CD  1 
ATOM   1153 O  OE1 . GLU A 1 180 ? -15.718 3.471   -9.065  1.00 36.39 ? 160 GLU A OE1 1 
ATOM   1154 O  OE2 . GLU A 1 180 ? -16.202 3.044   -11.165 1.00 37.54 ? 160 GLU A OE2 1 
ATOM   1155 N  N   . SER A 1 181 ? -11.885 6.426   -10.475 1.00 12.53 ? 161 SER A N   1 
ATOM   1156 C  CA  . SER A 1 181 ? -12.067 7.787   -9.981  1.00 13.29 ? 161 SER A CA  1 
ATOM   1157 C  C   . SER A 1 181 ? -13.479 7.958   -9.406  1.00 14.28 ? 161 SER A C   1 
ATOM   1158 O  O   . SER A 1 181 ? -14.463 7.594   -10.050 1.00 13.38 ? 161 SER A O   1 
ATOM   1159 C  CB  . SER A 1 181 ? -11.868 8.796   -11.118 1.00 13.89 ? 161 SER A CB  1 
ATOM   1160 O  OG  . SER A 1 181 ? -10.605 8.641   -11.745 1.00 13.04 ? 161 SER A OG  1 
ATOM   1161 N  N   . LEU A 1 182 ? -13.571 8.512   -8.200  1.00 13.22 ? 162 LEU A N   1 
ATOM   1162 C  CA  . LEU A 1 182 ? -14.865 8.748   -7.556  1.00 14.89 ? 162 LEU A CA  1 
ATOM   1163 C  C   . LEU A 1 182 ? -15.205 10.230  -7.682  1.00 15.99 ? 162 LEU A C   1 
ATOM   1164 O  O   . LEU A 1 182 ? -16.373 10.617  -7.726  1.00 17.01 ? 162 LEU A O   1 
ATOM   1165 C  CB  . LEU A 1 182 ? -14.812 8.330   -6.089  1.00 15.47 ? 162 LEU A CB  1 
ATOM   1166 C  CG  . LEU A 1 182 ? -14.474 6.855   -5.856  1.00 16.95 ? 162 LEU A CG  1 
ATOM   1167 C  CD1 . LEU A 1 182 ? -14.447 6.570   -4.362  1.00 16.56 ? 162 LEU A CD1 1 
ATOM   1168 C  CD2 . LEU A 1 182 ? -15.500 5.973   -6.564  1.00 17.61 ? 162 LEU A CD2 1 
ATOM   1169 N  N   . ASP A 1 183 ? -14.161 11.049  -7.710  1.00 16.26 ? 163 ASP A N   1 
ATOM   1170 C  CA  . ASP A 1 183 ? -14.277 12.487  -7.902  1.00 16.70 ? 163 ASP A CA  1 
ATOM   1171 C  C   . ASP A 1 183 ? -12.891 12.977  -8.309  1.00 16.63 ? 163 ASP A C   1 
ATOM   1172 O  O   . ASP A 1 183 ? -11.982 12.167  -8.485  1.00 15.65 ? 163 ASP A O   1 
ATOM   1173 C  CB  . ASP A 1 183 ? -14.809 13.213  -6.653  1.00 18.41 ? 163 ASP A CB  1 
ATOM   1174 C  CG  . ASP A 1 183 ? -13.944 13.023  -5.431  1.00 19.25 ? 163 ASP A CG  1 
ATOM   1175 O  OD1 . ASP A 1 183 ? -12.723 13.268  -5.502  1.00 20.20 ? 163 ASP A OD1 1 
ATOM   1176 O  OD2 . ASP A 1 183 ? -14.504 12.646  -4.381  1.00 25.41 ? 163 ASP A OD2 1 
ATOM   1177 N  N   . ALA A 1 184 ? -12.718 14.282  -8.469  1.00 15.98 ? 164 ALA A N   1 
ATOM   1178 C  CA  . ALA A 1 184 ? -11.430 14.816  -8.915  1.00 15.63 ? 164 ALA A CA  1 
ATOM   1179 C  C   . ALA A 1 184 ? -10.216 14.539  -8.026  1.00 15.69 ? 164 ALA A C   1 
ATOM   1180 O  O   . ALA A 1 184 ? -9.081  14.657  -8.484  1.00 15.04 ? 164 ALA A O   1 
ATOM   1181 C  CB  . ALA A 1 184 ? -11.556 16.322  -9.163  1.00 18.70 ? 164 ALA A CB  1 
ATOM   1182 N  N   . ARG A 1 185 ? -10.434 14.158  -6.772  1.00 15.77 ? 165 ARG A N   1 
ATOM   1183 C  CA  . ARG A 1 185 ? -9.308  13.916  -5.875  1.00 16.56 ? 165 ARG A CA  1 
ATOM   1184 C  C   . ARG A 1 185 ? -9.397  12.591  -5.120  1.00 16.15 ? 165 ARG A C   1 
ATOM   1185 O  O   . ARG A 1 185 ? -8.581  12.332  -4.233  1.00 16.06 ? 165 ARG A O   1 
ATOM   1186 C  CB  . ARG A 1 185 ? -9.224  15.053  -4.852  1.00 19.55 ? 165 ARG A CB  1 
ATOM   1187 C  CG  . ARG A 1 185 ? -9.286  16.445  -5.457  1.00 20.75 ? 165 ARG A CG  1 
ATOM   1188 C  CD  . ARG A 1 185 ? -7.943  16.860  -6.027  1.00 24.06 ? 165 ARG A CD  1 
ATOM   1189 N  NE  . ARG A 1 185 ? -6.959  17.058  -4.967  1.00 25.50 ? 165 ARG A NE  1 
ATOM   1190 C  CZ  . ARG A 1 185 ? -5.751  17.576  -5.154  1.00 24.72 ? 165 ARG A CZ  1 
ATOM   1191 N  NH1 . ARG A 1 185 ? -5.366  17.948  -6.365  1.00 26.66 ? 165 ARG A NH1 1 
ATOM   1192 N  NH2 . ARG A 1 185 ? -4.932  17.734  -4.123  1.00 25.01 ? 165 ARG A NH2 1 
ATOM   1193 N  N   . THR A 1 186 ? -10.369 11.756  -5.478  1.00 14.04 ? 166 THR A N   1 
ATOM   1194 C  CA  . THR A 1 186 ? -10.575 10.492  -4.775  1.00 15.81 ? 166 THR A CA  1 
ATOM   1195 C  C   . THR A 1 186 ? -10.773 9.289   -5.696  1.00 13.27 ? 166 THR A C   1 
ATOM   1196 O  O   . THR A 1 186 ? -11.362 9.407   -6.769  1.00 13.32 ? 166 THR A O   1 
ATOM   1197 C  CB  . THR A 1 186 ? -11.824 10.585  -3.863  1.00 16.22 ? 166 THR A CB  1 
ATOM   1198 O  OG1 . THR A 1 186 ? -11.798 11.818  -3.132  1.00 19.26 ? 166 THR A OG1 1 
ATOM   1199 C  CG2 . THR A 1 186 ? -11.859 9.418   -2.882  1.00 18.82 ? 166 THR A CG2 1 
ATOM   1200 N  N   . VAL A 1 187 ? -10.286 8.129   -5.259  1.00 13.48 ? 167 VAL A N   1 
ATOM   1201 C  CA  . VAL A 1 187 ? -10.440 6.896   -6.027  1.00 11.41 ? 167 VAL A CA  1 
ATOM   1202 C  C   . VAL A 1 187 ? -10.821 5.735   -5.122  1.00 11.21 ? 167 VAL A C   1 
ATOM   1203 O  O   . VAL A 1 187 ? -10.628 5.780   -3.904  1.00 12.52 ? 167 VAL A O   1 
ATOM   1204 C  CB  . VAL A 1 187 ? -9.140  6.462   -6.750  1.00 10.17 ? 167 VAL A CB  1 
ATOM   1205 C  CG1 . VAL A 1 187 ? -8.712  7.515   -7.760  1.00 10.37 ? 167 VAL A CG1 1 
ATOM   1206 C  CG2 . VAL A 1 187 ? -8.040  6.211   -5.725  1.00 11.29 ? 167 VAL A CG2 1 
ATOM   1207 N  N   . ALA A 1 188 ? -11.377 4.700   -5.738  1.00 10.48 ? 168 ALA A N   1 
ATOM   1208 C  CA  . ALA A 1 188 ? -11.732 3.483   -5.028  1.00 11.19 ? 168 ALA A CA  1 
ATOM   1209 C  C   . ALA A 1 188 ? -10.717 2.484   -5.566  1.00 11.39 ? 168 ALA A C   1 
ATOM   1210 O  O   . ALA A 1 188 ? -10.467 2.443   -6.775  1.00 12.49 ? 168 ALA A O   1 
ATOM   1211 C  CB  . ALA A 1 188 ? -13.140 3.041   -5.387  1.00 13.15 ? 168 ALA A CB  1 
ATOM   1212 N  N   . VAL A 1 189 ? -10.112 1.705   -4.677  1.00 10.51 ? 169 VAL A N   1 
ATOM   1213 C  CA  . VAL A 1 189 ? -9.128  0.714   -5.090  1.00 11.37 ? 169 VAL A CA  1 
ATOM   1214 C  C   . VAL A 1 189 ? -9.562  -0.680  -4.648  1.00 12.58 ? 169 VAL A C   1 
ATOM   1215 O  O   . VAL A 1 189 ? -9.860  -0.906  -3.474  1.00 11.82 ? 169 VAL A O   1 
ATOM   1216 C  CB  . VAL A 1 189 ? -7.739  1.000   -4.474  1.00 11.95 ? 169 VAL A CB  1 
ATOM   1217 C  CG1 . VAL A 1 189 ? -6.718  -0.008  -5.003  1.00 11.03 ? 169 VAL A CG1 1 
ATOM   1218 C  CG2 . VAL A 1 189 ? -7.302  2.429   -4.801  1.00 12.32 ? 169 VAL A CG2 1 
ATOM   1219 N  N   . THR A 1 190 ? -9.611  -1.602  -5.604  1.00 12.48 ? 170 THR A N   1 
ATOM   1220 C  CA  . THR A 1 190 ? -9.981  -2.984  -5.329  1.00 12.89 ? 170 THR A CA  1 
ATOM   1221 C  C   . THR A 1 190 ? -8.872  -3.865  -5.894  1.00 12.60 ? 170 THR A C   1 
ATOM   1222 O  O   . THR A 1 190 ? -8.494  -3.725  -7.057  1.00 13.57 ? 170 THR A O   1 
ATOM   1223 C  CB  . THR A 1 190 ? -11.305 -3.378  -6.020  1.00 14.83 ? 170 THR A CB  1 
ATOM   1224 O  OG1 . THR A 1 190 ? -12.341 -2.460  -5.647  1.00 15.88 ? 170 THR A OG1 1 
ATOM   1225 C  CG2 . THR A 1 190 ? -11.714 -4.788  -5.605  1.00 16.27 ? 170 THR A CG2 1 
ATOM   1226 N  N   . PHE A 1 191 ? -8.350  -4.766  -5.073  1.00 11.59 ? 171 PHE A N   1 
ATOM   1227 C  CA  . PHE A 1 191 ? -7.294  -5.657  -5.529  1.00 10.62 ? 171 PHE A CA  1 
ATOM   1228 C  C   . PHE A 1 191 ? -7.922  -6.935  -6.064  1.00 11.58 ? 171 PHE A C   1 
ATOM   1229 O  O   . PHE A 1 191 ? -8.929  -7.402  -5.543  1.00 12.22 ? 171 PHE A O   1 
ATOM   1230 C  CB  . PHE A 1 191 ? -6.341  -5.999  -4.380  1.00 11.55 ? 171 PHE A CB  1 
ATOM   1231 C  CG  . PHE A 1 191 ? -5.602  -4.811  -3.828  1.00 10.06 ? 171 PHE A CG  1 
ATOM   1232 C  CD1 . PHE A 1 191 ? -6.119  -4.082  -2.761  1.00 10.19 ? 171 PHE A CD1 1 
ATOM   1233 C  CD2 . PHE A 1 191 ? -4.387  -4.417  -4.380  1.00 12.30 ? 171 PHE A CD2 1 
ATOM   1234 C  CE1 . PHE A 1 191 ? -5.433  -2.974  -2.249  1.00 10.29 ? 171 PHE A CE1 1 
ATOM   1235 C  CE2 . PHE A 1 191 ? -3.695  -3.312  -3.877  1.00 12.14 ? 171 PHE A CE2 1 
ATOM   1236 C  CZ  . PHE A 1 191 ? -4.218  -2.591  -2.811  1.00 11.55 ? 171 PHE A CZ  1 
ATOM   1237 N  N   . ARG A 1 192 ? -7.335  -7.501  -7.109  1.00 12.53 ? 172 ARG A N   1 
ATOM   1238 C  CA  . ARG A 1 192 ? -7.867  -8.731  -7.676  1.00 12.82 ? 172 ARG A CA  1 
ATOM   1239 C  C   . ARG A 1 192 ? -6.744  -9.724  -7.935  1.00 12.75 ? 172 ARG A C   1 
ATOM   1240 O  O   . ARG A 1 192 ? -5.625  -9.336  -8.280  1.00 11.60 ? 172 ARG A O   1 
ATOM   1241 C  CB  . ARG A 1 192 ? -8.601  -8.445  -8.988  1.00 14.31 ? 172 ARG A CB  1 
ATOM   1242 C  CG  . ARG A 1 192 ? -9.696  -7.385  -8.892  1.00 18.24 ? 172 ARG A CG  1 
ATOM   1243 C  CD  . ARG A 1 192 ? -10.448 -7.281  -10.211 1.00 22.81 ? 172 ARG A CD  1 
ATOM   1244 N  NE  . ARG A 1 192 ? -11.170 -8.518  -10.509 1.00 26.62 ? 172 ARG A NE  1 
ATOM   1245 C  CZ  . ARG A 1 192 ? -12.294 -8.890  -9.902  1.00 29.18 ? 172 ARG A CZ  1 
ATOM   1246 N  NH1 . ARG A 1 192 ? -12.833 -8.118  -8.966  1.00 29.51 ? 172 ARG A NH1 1 
ATOM   1247 N  NH2 . ARG A 1 192 ? -12.876 -10.039 -10.221 1.00 29.77 ? 172 ARG A NH2 1 
ATOM   1248 N  N   . TYR A 1 193 ? -7.054  -11.005 -7.762  1.00 12.51 ? 173 TYR A N   1 
ATOM   1249 C  CA  . TYR A 1 193 ? -6.093  -12.079 -7.993  1.00 15.80 ? 173 TYR A CA  1 
ATOM   1250 C  C   . TYR A 1 193 ? -6.847  -13.332 -8.419  1.00 18.77 ? 173 TYR A C   1 
ATOM   1251 O  O   . TYR A 1 193 ? -7.878  -13.674 -7.837  1.00 18.95 ? 173 TYR A O   1 
ATOM   1252 C  CB  . TYR A 1 193 ? -5.292  -12.380 -6.723  1.00 15.10 ? 173 TYR A CB  1 
ATOM   1253 C  CG  . TYR A 1 193 ? -4.232  -13.447 -6.912  1.00 16.70 ? 173 TYR A CG  1 
ATOM   1254 C  CD1 . TYR A 1 193 ? -3.128  -13.222 -7.734  1.00 18.21 ? 173 TYR A CD1 1 
ATOM   1255 C  CD2 . TYR A 1 193 ? -4.332  -14.680 -6.265  1.00 18.60 ? 173 TYR A CD2 1 
ATOM   1256 C  CE1 . TYR A 1 193 ? -2.145  -14.201 -7.909  1.00 21.50 ? 173 TYR A CE1 1 
ATOM   1257 C  CE2 . TYR A 1 193 ? -3.354  -15.667 -6.434  1.00 21.36 ? 173 TYR A CE2 1 
ATOM   1258 C  CZ  . TYR A 1 193 ? -2.266  -15.418 -7.258  1.00 22.30 ? 173 TYR A CZ  1 
ATOM   1259 O  OH  . TYR A 1 193 ? -1.302  -16.389 -7.440  1.00 26.74 ? 173 TYR A OH  1 
ATOM   1260 N  N   . GLY A 1 194 ? -6.330  -14.011 -9.438  1.00 21.68 ? 174 GLY A N   1 
ATOM   1261 C  CA  . GLY A 1 194 ? -6.967  -15.224 -9.918  1.00 25.25 ? 174 GLY A CA  1 
ATOM   1262 C  C   . GLY A 1 194 ? -8.432  -15.048 -10.274 1.00 27.04 ? 174 GLY A C   1 
ATOM   1263 O  O   . GLY A 1 194 ? -9.251  -15.929 -10.004 1.00 28.87 ? 174 GLY A O   1 
ATOM   1264 N  N   . GLY A 1 195 ? -8.761  -13.910 -10.877 1.00 27.54 ? 175 GLY A N   1 
ATOM   1265 C  CA  . GLY A 1 195 ? -10.129 -13.639 -11.277 1.00 28.30 ? 175 GLY A CA  1 
ATOM   1266 C  C   . GLY A 1 195 ? -11.108 -13.470 -10.130 1.00 28.11 ? 175 GLY A C   1 
ATOM   1267 O  O   . GLY A 1 195 ? -12.229 -13.975 -10.188 1.00 30.39 ? 175 GLY A O   1 
ATOM   1268 N  N   . ALA A 1 196 ? -10.695 -12.754 -9.089  1.00 25.54 ? 176 ALA A N   1 
ATOM   1269 C  CA  . ALA A 1 196 ? -11.557 -12.531 -7.937  1.00 22.27 ? 176 ALA A CA  1 
ATOM   1270 C  C   . ALA A 1 196 ? -11.025 -11.399 -7.073  1.00 20.22 ? 176 ALA A C   1 
ATOM   1271 O  O   . ALA A 1 196 ? -9.819  -11.165 -7.009  1.00 17.77 ? 176 ALA A O   1 
ATOM   1272 C  CB  . ALA A 1 196 ? -11.664 -13.804 -7.110  1.00 25.11 ? 176 ALA A CB  1 
ATOM   1273 N  N   . PRO A 1 197 ? -11.927 -10.669 -6.404  1.00 17.92 ? 177 PRO A N   1 
ATOM   1274 C  CA  . PRO A 1 197 ? -11.496 -9.567  -5.545  1.00 16.10 ? 177 PRO A CA  1 
ATOM   1275 C  C   . PRO A 1 197 ? -10.845 -10.142 -4.293  1.00 14.43 ? 177 PRO A C   1 
ATOM   1276 O  O   . PRO A 1 197 ? -11.276 -11.174 -3.782  1.00 13.78 ? 177 PRO A O   1 
ATOM   1277 C  CB  . PRO A 1 197 ? -12.800 -8.839  -5.244  1.00 17.23 ? 177 PRO A CB  1 
ATOM   1278 C  CG  . PRO A 1 197 ? -13.795 -9.961  -5.209  1.00 17.83 ? 177 PRO A CG  1 
ATOM   1279 C  CD  . PRO A 1 197 ? -13.396 -10.797 -6.406  1.00 19.82 ? 177 PRO A CD  1 
ATOM   1280 N  N   . VAL A 1 198 ? -9.799  -9.485  -3.810  1.00 12.40 ? 178 VAL A N   1 
ATOM   1281 C  CA  . VAL A 1 198 ? -9.106  -9.949  -2.615  1.00 10.83 ? 178 VAL A CA  1 
ATOM   1282 C  C   . VAL A 1 198 ? -8.622  -8.759  -1.806  1.00 10.36 ? 178 VAL A C   1 
ATOM   1283 O  O   . VAL A 1 198 ? -8.578  -7.635  -2.303  1.00 11.45 ? 178 VAL A O   1 
ATOM   1284 C  CB  . VAL A 1 198 ? -7.869  -10.811 -2.967  1.00 10.70 ? 178 VAL A CB  1 
ATOM   1285 C  CG1 . VAL A 1 198 ? -8.291  -12.077 -3.696  1.00 12.95 ? 178 VAL A CG1 1 
ATOM   1286 C  CG2 . VAL A 1 198 ? -6.896  -9.997  -3.833  1.00 9.91  ? 178 VAL A CG2 1 
ATOM   1287 N  N   . GLY A 1 199 ? -8.266  -9.015  -0.554  1.00 11.64 ? 179 GLY A N   1 
ATOM   1288 C  CA  . GLY A 1 199 ? -7.749  -7.959  0.295   1.00 11.65 ? 179 GLY A CA  1 
ATOM   1289 C  C   . GLY A 1 199 ? -8.702  -6.843  0.667   1.00 11.63 ? 179 GLY A C   1 
ATOM   1290 O  O   . GLY A 1 199 ? -9.914  -6.942  0.476   1.00 10.65 ? 179 GLY A O   1 
ATOM   1291 N  N   . PRO A 1 200 ? -8.160  -5.742  1.205   1.00 9.80  ? 180 PRO A N   1 
ATOM   1292 C  CA  . PRO A 1 200 ? -8.980  -4.604  1.612   1.00 10.47 ? 180 PRO A CA  1 
ATOM   1293 C  C   . PRO A 1 200 ? -9.375  -3.717  0.438   1.00 10.14 ? 180 PRO A C   1 
ATOM   1294 O  O   . PRO A 1 200 ? -8.627  -3.590  -0.531  1.00 11.22 ? 180 PRO A O   1 
ATOM   1295 C  CB  . PRO A 1 200 ? -8.073  -3.883  2.601   1.00 11.43 ? 180 PRO A CB  1 
ATOM   1296 C  CG  . PRO A 1 200 ? -6.726  -4.047  1.960   1.00 10.18 ? 180 PRO A CG  1 
ATOM   1297 C  CD  . PRO A 1 200 ? -6.737  -5.507  1.519   1.00 11.50 ? 180 PRO A CD  1 
HETATM 1298 N  N   . MSE A 1 201 ? -10.565 -3.131  0.516   1.00 11.27 ? 181 MSE A N   1 
HETATM 1299 C  CA  . MSE A 1 201 ? -11.013 -2.217  -0.523  1.00 13.56 ? 181 MSE A CA  1 
HETATM 1300 C  C   . MSE A 1 201 ? -10.752 -0.844  0.071   1.00 13.53 ? 181 MSE A C   1 
HETATM 1301 O  O   . MSE A 1 201 ? -11.097 -0.587  1.225   1.00 13.19 ? 181 MSE A O   1 
HETATM 1302 C  CB  . MSE A 1 201 ? -12.498 -2.392  -0.829  1.00 17.94 ? 181 MSE A CB  1 
HETATM 1303 C  CG  . MSE A 1 201 ? -12.956 -1.521  -1.986  1.00 25.43 ? 181 MSE A CG  1 
HETATM 1304 SE SE  . MSE A 1 201 ? -14.562 -2.176  -2.805  1.00 37.74 ? 181 MSE A SE  1 
HETATM 1305 C  CE  . MSE A 1 201 ? -15.819 -1.504  -1.511  1.00 33.97 ? 181 MSE A CE  1 
ATOM   1306 N  N   . LEU A 1 202 ? -10.143 0.037   -0.710  1.00 10.87 ? 182 LEU A N   1 
ATOM   1307 C  CA  . LEU A 1 202 ? -9.791  1.350   -0.205  1.00 12.27 ? 182 LEU A CA  1 
ATOM   1308 C  C   . LEU A 1 202 ? -10.459 2.505   -0.926  1.00 12.75 ? 182 LEU A C   1 
ATOM   1309 O  O   . LEU A 1 202 ? -10.844 2.397   -2.088  1.00 13.90 ? 182 LEU A O   1 
ATOM   1310 C  CB  . LEU A 1 202 ? -8.277  1.552   -0.321  1.00 11.86 ? 182 LEU A CB  1 
ATOM   1311 C  CG  . LEU A 1 202 ? -7.369  0.327   -0.160  1.00 12.85 ? 182 LEU A CG  1 
ATOM   1312 C  CD1 . LEU A 1 202 ? -5.951  0.675   -0.602  1.00 14.48 ? 182 LEU A CD1 1 
ATOM   1313 C  CD2 . LEU A 1 202 ? -7.386  -0.136  1.276   1.00 13.25 ? 182 LEU A CD2 1 
ATOM   1314 N  N   . ARG A 1 203 ? -10.605 3.609   -0.205  1.00 11.71 ? 183 ARG A N   1 
ATOM   1315 C  CA  . ARG A 1 203 ? -11.109 4.837   -0.785  1.00 11.66 ? 183 ARG A CA  1 
ATOM   1316 C  C   . ARG A 1 203 ? -9.968  5.771   -0.398  1.00 11.49 ? 183 ARG A C   1 
ATOM   1317 O  O   . ARG A 1 203 ? -9.758  6.058   0.783   1.00 11.78 ? 183 ARG A O   1 
ATOM   1318 C  CB  . ARG A 1 203 ? -12.429 5.282   -0.154  1.00 14.90 ? 183 ARG A CB  1 
ATOM   1319 C  CG  . ARG A 1 203 ? -13.038 6.492   -0.861  1.00 18.43 ? 183 ARG A CG  1 
ATOM   1320 C  CD  . ARG A 1 203 ? -14.558 6.507   -0.733  1.00 22.80 ? 183 ARG A CD  1 
ATOM   1321 N  NE  . ARG A 1 203 ? -14.989 6.589   0.658   1.00 25.33 ? 183 ARG A NE  1 
ATOM   1322 C  CZ  . ARG A 1 203 ? -15.098 7.719   1.346   1.00 28.21 ? 183 ARG A CZ  1 
ATOM   1323 N  NH1 . ARG A 1 203 ? -14.815 8.884   0.774   1.00 29.50 ? 183 ARG A NH1 1 
ATOM   1324 N  NH2 . ARG A 1 203 ? -15.484 7.684   2.615   1.00 27.82 ? 183 ARG A NH2 1 
ATOM   1325 N  N   . LEU A 1 204 ? -9.204  6.201   -1.397  1.00 10.87 ? 184 LEU A N   1 
ATOM   1326 C  CA  . LEU A 1 204 ? -8.050  7.056   -1.170  1.00 11.70 ? 184 LEU A CA  1 
ATOM   1327 C  C   . LEU A 1 204 ? -8.208  8.440   -1.769  1.00 11.94 ? 184 LEU A C   1 
ATOM   1328 O  O   . LEU A 1 204 ? -8.805  8.602   -2.832  1.00 12.81 ? 184 LEU A O   1 
ATOM   1329 C  CB  . LEU A 1 204 ? -6.802  6.412   -1.773  1.00 10.78 ? 184 LEU A CB  1 
ATOM   1330 C  CG  . LEU A 1 204 ? -6.474  4.985   -1.341  1.00 9.85  ? 184 LEU A CG  1 
ATOM   1331 C  CD1 . LEU A 1 204 ? -5.262  4.501   -2.136  1.00 11.89 ? 184 LEU A CD1 1 
ATOM   1332 C  CD2 . LEU A 1 204 ? -6.199  4.937   0.160   1.00 8.70  ? 184 LEU A CD2 1 
ATOM   1333 N  N   . GLY A 1 205 ? -7.648  9.432   -1.089  1.00 11.57 ? 185 GLY A N   1 
ATOM   1334 C  CA  . GLY A 1 205 ? -7.721  10.791  -1.589  1.00 14.15 ? 185 GLY A CA  1 
ATOM   1335 C  C   . GLY A 1 205 ? -6.336  11.386  -1.740  1.00 15.09 ? 185 GLY A C   1 
ATOM   1336 O  O   . GLY A 1 205 ? -5.376  10.916  -1.126  1.00 13.77 ? 185 GLY A O   1 
ATOM   1337 N  N   . LYS A 1 206 ? -6.227  12.419  -2.565  1.00 16.20 ? 186 LYS A N   1 
ATOM   1338 C  CA  . LYS A 1 206 ? -4.952  13.083  -2.782  1.00 18.01 ? 186 LYS A CA  1 
ATOM   1339 C  C   . LYS A 1 206 ? -4.705  14.082  -1.660  1.00 20.37 ? 186 LYS A C   1 
ATOM   1340 O  O   . LYS A 1 206 ? -5.612  14.820  -1.269  1.00 20.91 ? 186 LYS A O   1 
ATOM   1341 C  CB  . LYS A 1 206 ? -4.956  13.852  -4.107  1.00 21.05 ? 186 LYS A CB  1 
ATOM   1342 C  CG  . LYS A 1 206 ? -5.119  13.009  -5.354  1.00 23.10 ? 186 LYS A CG  1 
ATOM   1343 C  CD  . LYS A 1 206 ? -5.041  13.880  -6.609  1.00 27.24 ? 186 LYS A CD  1 
ATOM   1344 C  CE  . LYS A 1 206 ? -3.730  14.654  -6.677  1.00 28.15 ? 186 LYS A CE  1 
ATOM   1345 N  NZ  . LYS A 1 206 ? -3.629  15.486  -7.913  1.00 31.18 ? 186 LYS A NZ  1 
ATOM   1346 N  N   . PRO A 1 207 ? -3.485  14.099  -1.105  1.00 22.61 ? 187 PRO A N   1 
ATOM   1347 C  CA  . PRO A 1 207 ? -3.167  15.046  -0.032  1.00 26.35 ? 187 PRO A CA  1 
ATOM   1348 C  C   . PRO A 1 207 ? -2.851  16.361  -0.738  1.00 29.28 ? 187 PRO A C   1 
ATOM   1349 O  O   . PRO A 1 207 ? -3.241  16.551  -1.888  1.00 29.18 ? 187 PRO A O   1 
ATOM   1350 C  CB  . PRO A 1 207 ? -1.916  14.444  0.608   1.00 25.89 ? 187 PRO A CB  1 
ATOM   1351 C  CG  . PRO A 1 207 ? -1.990  12.984  0.240   1.00 26.90 ? 187 PRO A CG  1 
ATOM   1352 C  CD  . PRO A 1 207 ? -2.463  13.043  -1.180  1.00 23.85 ? 187 PRO A CD  1 
ATOM   1353 N  N   . ALA A 1 208 ? -2.131  17.258  -0.072  1.00 33.51 ? 188 ALA A N   1 
ATOM   1354 C  CA  . ALA A 1 208 ? -1.763  18.526  -0.692  1.00 35.77 ? 188 ALA A CA  1 
ATOM   1355 C  C   . ALA A 1 208 ? -0.808  18.231  -1.848  1.00 38.14 ? 188 ALA A C   1 
ATOM   1356 O  O   . ALA A 1 208 ? -0.930  18.798  -2.935  1.00 39.53 ? 188 ALA A O   1 
ATOM   1357 C  CB  . ALA A 1 208 ? -1.089  19.435  0.325   1.00 35.49 ? 188 ALA A CB  1 
ATOM   1358 N  N   . GLU A 1 209 ? 0.137   17.327  -1.600  1.00 39.48 ? 189 GLU A N   1 
ATOM   1359 C  CA  . GLU A 1 209 ? 1.129   16.930  -2.594  1.00 41.23 ? 189 GLU A CA  1 
ATOM   1360 C  C   . GLU A 1 209 ? 1.336   15.418  -2.503  1.00 41.42 ? 189 GLU A C   1 
ATOM   1361 O  O   . GLU A 1 209 ? 2.198   14.947  -1.760  1.00 41.85 ? 189 GLU A O   1 
ATOM   1362 C  CB  . GLU A 1 209 ? 2.450   17.654  -2.323  1.00 43.36 ? 189 GLU A CB  1 
ATOM   1363 C  CG  . GLU A 1 209 ? 3.544   17.380  -3.341  1.00 45.63 ? 189 GLU A CG  1 
ATOM   1364 C  CD  . GLU A 1 209 ? 4.870   18.014  -2.954  1.00 47.37 ? 189 GLU A CD  1 
ATOM   1365 O  OE1 . GLU A 1 209 ? 5.817   17.960  -3.768  1.00 48.30 ? 189 GLU A OE1 1 
ATOM   1366 O  OE2 . GLU A 1 209 ? 4.967   18.562  -1.836  1.00 48.48 ? 189 GLU A OE2 1 
HETATM 1367 N  N   . MSE A 1 210 ? 0.542   14.664  -3.256  1.00 40.98 ? 190 MSE A N   1 
HETATM 1368 C  CA  . MSE A 1 210 ? 0.627   13.207  -3.242  1.00 40.71 ? 190 MSE A CA  1 
HETATM 1369 C  C   . MSE A 1 210 ? 2.038   12.686  -3.498  1.00 40.38 ? 190 MSE A C   1 
HETATM 1370 O  O   . MSE A 1 210 ? 2.594   11.962  -2.674  1.00 39.22 ? 190 MSE A O   1 
HETATM 1371 C  CB  . MSE A 1 210 ? -0.343  12.611  -4.265  1.00 40.38 ? 190 MSE A CB  1 
HETATM 1372 C  CG  . MSE A 1 210 ? -0.328  11.090  -4.314  1.00 40.63 ? 190 MSE A CG  1 
HETATM 1373 SE SE  . MSE A 1 210 ? -1.983  10.342  -4.972  1.00 43.41 ? 190 MSE A SE  1 
HETATM 1374 C  CE  . MSE A 1 210 ? -1.756  10.694  -6.861  1.00 39.00 ? 190 MSE A CE  1 
ATOM   1375 N  N   . VAL A 1 211 ? 2.609   13.049  -4.641  1.00 39.96 ? 191 VAL A N   1 
ATOM   1376 C  CA  . VAL A 1 211 ? 3.959   12.623  -4.988  1.00 40.41 ? 191 VAL A CA  1 
ATOM   1377 C  C   . VAL A 1 211 ? 4.900   13.819  -4.870  1.00 41.89 ? 191 VAL A C   1 
ATOM   1378 O  O   . VAL A 1 211 ? 4.842   14.742  -5.682  1.00 41.03 ? 191 VAL A O   1 
ATOM   1379 C  CB  . VAL A 1 211 ? 4.027   12.080  -6.434  1.00 40.16 ? 191 VAL A CB  1 
ATOM   1380 C  CG1 . VAL A 1 211 ? 5.436   11.604  -6.747  1.00 38.73 ? 191 VAL A CG1 1 
ATOM   1381 C  CG2 . VAL A 1 211 ? 3.032   10.944  -6.612  1.00 39.18 ? 191 VAL A CG2 1 
ATOM   1382 N  N   . LYS A 1 212 ? 5.756   13.808  -3.853  1.00 43.47 ? 192 LYS A N   1 
ATOM   1383 C  CA  . LYS A 1 212 ? 6.696   14.903  -3.653  1.00 45.97 ? 192 LYS A CA  1 
ATOM   1384 C  C   . LYS A 1 212 ? 8.115   14.515  -4.056  1.00 47.10 ? 192 LYS A C   1 
ATOM   1385 O  O   . LYS A 1 212 ? 8.646   15.142  -4.998  1.00 48.59 ? 192 LYS A O   1 
ATOM   1386 C  CB  . LYS A 1 212 ? 6.680   15.365  -2.190  1.00 46.23 ? 192 LYS A CB  1 
ATOM   1387 C  CG  . LYS A 1 212 ? 6.970   14.272  -1.174  1.00 46.08 ? 192 LYS A CG  1 
ATOM   1388 C  CD  . LYS A 1 212 ? 5.730   13.457  -0.841  1.00 45.88 ? 192 LYS A CD  1 
ATOM   1389 C  CE  . LYS A 1 212 ? 4.726   14.287  -0.056  1.00 45.74 ? 192 LYS A CE  1 
ATOM   1390 N  NZ  . LYS A 1 212 ? 3.553   13.481  0.374   1.00 45.14 ? 192 LYS A NZ  1 
HETATM 1391 O  O   . HOH B 2 .   ? -9.676  -5.163  -2.616  1.00 14.70 ? 201 HOH A O   1 
HETATM 1392 O  O   . HOH B 2 .   ? 3.668   -1.317  17.966  1.00 16.93 ? 202 HOH A O   1 
HETATM 1393 O  O   . HOH B 2 .   ? 2.624   -1.625  14.630  1.00 13.48 ? 203 HOH A O   1 
HETATM 1394 O  O   . HOH B 2 .   ? 4.060   1.254   18.881  1.00 17.93 ? 204 HOH A O   1 
HETATM 1395 O  O   . HOH B 2 .   ? -1.016  5.782   -14.766 1.00 16.12 ? 205 HOH A O   1 
HETATM 1396 O  O   . HOH B 2 .   ? 5.304   -5.433  -7.806  1.00 15.12 ? 206 HOH A O   1 
HETATM 1397 O  O   . HOH B 2 .   ? -14.709 16.370  -7.961  1.00 20.27 ? 207 HOH A O   1 
HETATM 1398 O  O   . HOH B 2 .   ? -2.024  -13.596 1.075   1.00 13.72 ? 208 HOH A O   1 
HETATM 1399 O  O   . HOH B 2 .   ? 2.676   -9.771  6.451   1.00 19.56 ? 209 HOH A O   1 
HETATM 1400 O  O   . HOH B 2 .   ? 5.120   0.869   -15.006 1.00 23.15 ? 210 HOH A O   1 
HETATM 1401 O  O   . HOH B 2 .   ? 4.694   8.592   8.867   1.00 20.00 ? 211 HOH A O   1 
HETATM 1402 O  O   . HOH B 2 .   ? -6.039  -10.035 7.067   1.00 17.39 ? 212 HOH A O   1 
HETATM 1403 O  O   . HOH B 2 .   ? 16.354  5.100   19.337  1.00 18.83 ? 213 HOH A O   1 
HETATM 1404 O  O   . HOH B 2 .   ? -8.014  10.724  6.981   1.00 20.12 ? 214 HOH A O   1 
HETATM 1405 O  O   . HOH B 2 .   ? 14.017  9.442   12.433  1.00 19.68 ? 215 HOH A O   1 
HETATM 1406 O  O   . HOH B 2 .   ? -5.853  -17.059 -4.204  1.00 19.76 ? 216 HOH A O   1 
HETATM 1407 O  O   . HOH B 2 .   ? 5.407   -5.620  -17.362 1.00 21.54 ? 217 HOH A O   1 
HETATM 1408 O  O   . HOH B 2 .   ? -10.564 5.172   7.059   1.00 21.40 ? 218 HOH A O   1 
HETATM 1409 O  O   . HOH B 2 .   ? 0.956   10.514  -9.621  1.00 16.98 ? 219 HOH A O   1 
HETATM 1410 O  O   . HOH B 2 .   ? 4.336   -12.219 -3.345  1.00 20.11 ? 220 HOH A O   1 
HETATM 1411 O  O   . HOH B 2 .   ? -11.967 -0.240  -7.457  1.00 19.49 ? 221 HOH A O   1 
HETATM 1412 O  O   . HOH B 2 .   ? 4.826   -1.192  -16.828 1.00 19.71 ? 222 HOH A O   1 
HETATM 1413 O  O   . HOH B 2 .   ? 7.495   -6.948  13.324  1.00 17.64 ? 223 HOH A O   1 
HETATM 1414 O  O   . HOH B 2 .   ? 10.552  9.208   13.860  1.00 24.98 ? 224 HOH A O   1 
HETATM 1415 O  O   . HOH B 2 .   ? 3.944   7.688   15.389  1.00 18.54 ? 225 HOH A O   1 
HETATM 1416 O  O   . HOH B 2 .   ? -5.297  10.874  -18.207 1.00 20.92 ? 226 HOH A O   1 
HETATM 1417 O  O   . HOH B 2 .   ? 16.831  5.837   4.263   1.00 23.12 ? 227 HOH A O   1 
HETATM 1418 O  O   . HOH B 2 .   ? 5.846   -12.951 -17.174 1.00 27.46 ? 228 HOH A O   1 
HETATM 1419 O  O   . HOH B 2 .   ? 10.777  -1.016  18.910  1.00 23.65 ? 229 HOH A O   1 
HETATM 1420 O  O   . HOH B 2 .   ? 4.971   6.583   -11.939 1.00 22.00 ? 230 HOH A O   1 
HETATM 1421 O  O   . HOH B 2 .   ? -9.289  1.071   16.000  1.00 22.70 ? 231 HOH A O   1 
HETATM 1422 O  O   . HOH B 2 .   ? -9.824  -12.646 4.318   1.00 25.90 ? 232 HOH A O   1 
HETATM 1423 O  O   . HOH B 2 .   ? -5.571  12.571  -14.523 1.00 22.22 ? 233 HOH A O   1 
HETATM 1424 O  O   . HOH B 2 .   ? 2.158   -3.176  12.145  1.00 23.18 ? 234 HOH A O   1 
HETATM 1425 O  O   . HOH B 2 .   ? -19.277 -8.452  6.475   1.00 25.87 ? 235 HOH A O   1 
HETATM 1426 O  O   . HOH B 2 .   ? 1.774   -9.940  0.228   1.00 20.05 ? 236 HOH A O   1 
HETATM 1427 O  O   . HOH B 2 .   ? 16.466  10.812  12.465  1.00 23.22 ? 237 HOH A O   1 
HETATM 1428 O  O   . HOH B 2 .   ? -6.347  -5.580  15.495  1.00 28.51 ? 238 HOH A O   1 
HETATM 1429 O  O   . HOH B 2 .   ? 2.027   8.015   8.497   1.00 16.19 ? 239 HOH A O   1 
HETATM 1430 O  O   . HOH B 2 .   ? -0.027  -9.768  6.888   1.00 21.89 ? 240 HOH A O   1 
HETATM 1431 O  O   . HOH B 2 .   ? -1.554  8.376   13.420  1.00 28.67 ? 241 HOH A O   1 
HETATM 1432 O  O   . HOH B 2 .   ? -14.725 6.167   6.223   1.00 20.66 ? 242 HOH A O   1 
HETATM 1433 O  O   . HOH B 2 .   ? -2.146  -0.071  -16.152 1.00 21.14 ? 243 HOH A O   1 
HETATM 1434 O  O   . HOH B 2 .   ? -7.476  16.730  -2.219  1.00 39.59 ? 244 HOH A O   1 
HETATM 1435 O  O   . HOH B 2 .   ? -11.470 -13.777 -2.680  1.00 26.10 ? 245 HOH A O   1 
HETATM 1436 O  O   . HOH B 2 .   ? 4.670   -7.380  -19.686 1.00 23.68 ? 246 HOH A O   1 
HETATM 1437 O  O   . HOH B 2 .   ? 6.062   -9.664  -19.263 1.00 24.69 ? 247 HOH A O   1 
HETATM 1438 O  O   . HOH B 2 .   ? -14.060 3.102   6.521   1.00 34.45 ? 248 HOH A O   1 
HETATM 1439 O  O   . HOH B 2 .   ? 10.441  -9.094  9.644   1.00 36.97 ? 249 HOH A O   1 
HETATM 1440 O  O   . HOH B 2 .   ? 8.970   1.927   -7.950  1.00 28.67 ? 250 HOH A O   1 
HETATM 1441 O  O   . HOH B 2 .   ? -17.865 13.036  -8.526  1.00 25.98 ? 251 HOH A O   1 
HETATM 1442 O  O   . HOH B 2 .   ? 14.031  2.632   19.309  1.00 27.02 ? 252 HOH A O   1 
HETATM 1443 O  O   . HOH B 2 .   ? 6.531   8.875   15.575  1.00 34.43 ? 253 HOH A O   1 
HETATM 1444 O  O   . HOH B 2 .   ? -13.126 10.058  5.422   1.00 26.15 ? 254 HOH A O   1 
HETATM 1445 O  O   . HOH B 2 .   ? 8.240   -5.507  -11.387 1.00 36.30 ? 255 HOH A O   1 
HETATM 1446 O  O   . HOH B 2 .   ? -7.558  11.490  14.972  1.00 29.34 ? 256 HOH A O   1 
HETATM 1447 O  O   . HOH B 2 .   ? -4.153  -12.405 -11.254 1.00 36.76 ? 257 HOH A O   1 
HETATM 1448 O  O   . HOH B 2 .   ? 7.529   -0.439  -11.120 1.00 25.00 ? 258 HOH A O   1 
HETATM 1449 O  O   . HOH B 2 .   ? 4.782   -4.906  -5.152  1.00 30.70 ? 259 HOH A O   1 
HETATM 1450 O  O   . HOH B 2 .   ? -8.131  13.830  -0.064  1.00 32.63 ? 260 HOH A O   1 
HETATM 1451 O  O   . HOH B 2 .   ? 4.817   0.765   -18.983 1.00 28.53 ? 261 HOH A O   1 
HETATM 1452 O  O   . HOH B 2 .   ? 5.862   -9.871  8.761   1.00 27.56 ? 262 HOH A O   1 
HETATM 1453 O  O   . HOH B 2 .   ? 5.268   -10.283 0.373   1.00 24.98 ? 263 HOH A O   1 
HETATM 1454 O  O   . HOH B 2 .   ? -8.158  -15.422 -5.575  1.00 26.39 ? 264 HOH A O   1 
HETATM 1455 O  O   . HOH B 2 .   ? 17.123  -1.727  1.058   1.00 38.76 ? 265 HOH A O   1 
HETATM 1456 O  O   . HOH B 2 .   ? 9.459   -12.836 -9.944  1.00 30.61 ? 266 HOH A O   1 
HETATM 1457 O  O   . HOH B 2 .   ? -7.386  -11.592 -11.175 1.00 31.45 ? 267 HOH A O   1 
HETATM 1458 O  O   . HOH B 2 .   ? 10.883  -10.259 6.905   1.00 36.51 ? 268 HOH A O   1 
HETATM 1459 O  O   . HOH B 2 .   ? 7.582   -10.591 1.552   1.00 30.99 ? 269 HOH A O   1 
HETATM 1460 O  O   . HOH B 2 .   ? 3.829   5.369   -14.091 1.00 26.53 ? 270 HOH A O   1 
HETATM 1461 O  O   . HOH B 2 .   ? -1.051  -0.371  20.231  1.00 29.57 ? 271 HOH A O   1 
HETATM 1462 O  O   . HOH B 2 .   ? 20.313  -1.964  8.734   1.00 32.00 ? 272 HOH A O   1 
HETATM 1463 O  O   . HOH B 2 .   ? 4.963   7.789   12.309  1.00 29.90 ? 273 HOH A O   1 
HETATM 1464 O  O   . HOH B 2 .   ? 6.999   -11.715 -3.272  1.00 38.38 ? 274 HOH A O   1 
HETATM 1465 O  O   . HOH B 2 .   ? 2.724   13.294  4.208   1.00 38.04 ? 275 HOH A O   1 
HETATM 1466 O  O   . HOH B 2 .   ? 3.045   -10.553 3.695   1.00 21.05 ? 276 HOH A O   1 
HETATM 1467 O  O   . HOH B 2 .   ? -0.580  -5.905  11.712  1.00 30.70 ? 277 HOH A O   1 
HETATM 1468 O  O   . HOH B 2 .   ? -8.393  -16.213 1.982   1.00 31.29 ? 278 HOH A O   1 
HETATM 1469 O  O   . HOH B 2 .   ? 14.590  -7.914  -1.382  1.00 33.17 ? 279 HOH A O   1 
HETATM 1470 O  O   . HOH B 2 .   ? -12.160 7.388   -19.044 1.00 34.39 ? 280 HOH A O   1 
HETATM 1471 O  O   . HOH B 2 .   ? -13.140 13.157  9.032   1.00 34.10 ? 281 HOH A O   1 
HETATM 1472 O  O   . HOH B 2 .   ? -9.781  -4.352  13.830  1.00 33.36 ? 282 HOH A O   1 
HETATM 1473 O  O   . HOH B 2 .   ? -13.749 2.081   -1.889  1.00 36.81 ? 283 HOH A O   1 
HETATM 1474 O  O   . HOH B 2 .   ? -1.551  -13.840 -12.048 1.00 41.48 ? 284 HOH A O   1 
HETATM 1475 O  O   . HOH B 2 .   ? -5.230  -17.292 0.300   1.00 32.68 ? 285 HOH A O   1 
HETATM 1476 O  O   . HOH B 2 .   ? -6.308  -8.821  12.198  1.00 39.55 ? 286 HOH A O   1 
HETATM 1477 O  O   . HOH B 2 .   ? 0.583   -13.208 -16.286 1.00 48.75 ? 287 HOH A O   1 
HETATM 1478 O  O   . HOH B 2 .   ? -10.506 13.512  -1.354  1.00 34.78 ? 288 HOH A O   1 
HETATM 1479 O  O   . HOH B 2 .   ? -2.522  -7.188  16.589  1.00 48.67 ? 289 HOH A O   1 
HETATM 1480 O  O   . HOH B 2 .   ? -8.311  -16.442 -1.388  1.00 34.80 ? 290 HOH A O   1 
HETATM 1481 O  O   . HOH B 2 .   ? 6.534   4.377   20.612  1.00 30.15 ? 291 HOH A O   1 
HETATM 1482 O  O   . HOH B 2 .   ? 1.573   -16.936 -8.178  1.00 44.59 ? 292 HOH A O   1 
HETATM 1483 O  O   . HOH B 2 .   ? -12.015 2.510   8.210   1.00 13.85 ? 293 HOH A O   1 
HETATM 1484 O  O   . HOH B 2 .   ? -2.071  4.891   -17.080 1.00 19.39 ? 294 HOH A O   1 
HETATM 1485 O  O   . HOH B 2 .   ? -2.190  2.208   -17.656 1.00 23.47 ? 295 HOH A O   1 
HETATM 1486 O  O   . HOH B 2 .   ? 7.167   9.354   13.038  1.00 29.81 ? 296 HOH A O   1 
HETATM 1487 O  O   . HOH B 2 .   ? 6.798   -3.073  -17.281 1.00 27.02 ? 297 HOH A O   1 
HETATM 1488 O  O   . HOH B 2 .   ? 7.448   0.195   -13.761 1.00 23.92 ? 298 HOH A O   1 
HETATM 1489 O  O   . HOH B 2 .   ? -14.196 18.488  -9.344  1.00 26.20 ? 299 HOH A O   1 
HETATM 1490 O  O   . HOH B 2 .   ? 11.270  -9.874  12.688  1.00 29.48 ? 300 HOH A O   1 
HETATM 1491 O  O   . HOH B 2 .   ? 13.269  -7.754  -4.000  1.00 31.45 ? 301 HOH A O   1 
HETATM 1492 O  O   . HOH B 2 .   ? 9.719   -14.422 -12.302 1.00 23.13 ? 302 HOH A O   1 
HETATM 1493 O  O   . HOH B 2 .   ? -9.642  -15.583 -3.396  1.00 28.19 ? 303 HOH A O   1 
HETATM 1494 O  O   . HOH B 2 .   ? 8.489   -11.397 -1.128  1.00 30.14 ? 304 HOH A O   1 
HETATM 1495 O  O   . HOH B 2 .   ? -6.598  12.327  8.655   1.00 36.36 ? 305 HOH A O   1 
HETATM 1496 O  O   . HOH B 2 .   ? 4.971   -2.904  20.391  1.00 30.45 ? 306 HOH A O   1 
HETATM 1497 O  O   . HOH B 2 .   ? -14.049 -14.170 -3.793  1.00 32.45 ? 307 HOH A O   1 
HETATM 1498 O  O   . HOH B 2 .   ? -13.719 1.290   0.804   1.00 36.41 ? 308 HOH A O   1 
HETATM 1499 O  O   . HOH B 2 .   ? -4.987  8.262   -19.644 1.00 28.92 ? 309 HOH A O   1 
HETATM 1500 O  O   . HOH B 2 .   ? 10.917  -3.287  -8.620  1.00 36.16 ? 310 HOH A O   1 
HETATM 1501 O  O   . HOH B 2 .   ? 4.528   0.833   21.707  1.00 31.16 ? 311 HOH A O   1 
HETATM 1502 O  O   . HOH B 2 .   ? 21.670  0.059   7.670   1.00 42.87 ? 312 HOH A O   1 
HETATM 1503 O  O   . HOH B 2 .   ? -15.272 10.576  3.590   1.00 42.77 ? 313 HOH A O   1 
HETATM 1504 O  O   . HOH B 2 .   ? 9.519   -8.277  12.102  1.00 35.79 ? 314 HOH A O   1 
HETATM 1505 O  O   . HOH B 2 .   ? 23.167  0.373   5.449   1.00 45.65 ? 315 HOH A O   1 
HETATM 1506 O  O   . HOH B 2 .   ? 12.917  0.004   20.154  1.00 37.23 ? 316 HOH A O   1 
HETATM 1507 O  O   . HOH B 2 .   ? 8.610   2.686   -14.256 1.00 38.62 ? 317 HOH A O   1 
HETATM 1508 O  O   . HOH B 2 .   ? 9.637   -5.252  -7.383  1.00 36.07 ? 318 HOH A O   1 
HETATM 1509 O  O   . HOH B 2 .   ? 0.689   2.656   25.199  1.00 41.67 ? 319 HOH A O   1 
HETATM 1510 O  O   . HOH B 2 .   ? -1.419  5.586   16.272  1.00 22.82 ? 320 HOH A O   1 
HETATM 1511 O  O   . HOH B 2 .   ? -0.988  -12.440 7.055   1.00 27.53 ? 321 HOH A O   1 
HETATM 1512 O  O   . HOH B 2 .   ? -7.371  14.384  -15.509 1.00 30.42 ? 322 HOH A O   1 
HETATM 1513 O  O   . HOH B 2 .   ? 15.298  8.422   1.371   1.00 34.25 ? 323 HOH A O   1 
HETATM 1514 O  O   . HOH B 2 .   ? 3.299   -6.981  12.873  1.00 39.36 ? 324 HOH A O   1 
HETATM 1515 O  O   . HOH B 2 .   ? 7.684   6.190   -12.336 1.00 35.21 ? 325 HOH A O   1 
HETATM 1516 O  O   . HOH B 2 .   ? -8.537  13.556  -17.642 1.00 39.07 ? 326 HOH A O   1 
HETATM 1517 O  O   . HOH B 2 .   ? -4.354  -7.693  13.695  1.00 36.20 ? 327 HOH A O   1 
HETATM 1518 O  O   . HOH B 2 .   ? -8.543  15.272  2.200   1.00 30.03 ? 328 HOH A O   1 
HETATM 1519 O  O   . HOH B 2 .   ? 20.168  -9.307  6.852   1.00 32.91 ? 329 HOH A O   1 
HETATM 1520 O  O   . HOH B 2 .   ? -4.875  10.435  15.623  1.00 42.93 ? 330 HOH A O   1 
HETATM 1521 O  O   . HOH B 2 .   ? -18.905 -8.197  -0.940  1.00 44.05 ? 331 HOH A O   1 
HETATM 1522 O  O   . HOH B 2 .   ? 8.553   10.921  14.457  1.00 48.75 ? 332 HOH A O   1 
HETATM 1523 O  O   . HOH B 2 .   ? 13.732  3.963   -4.483  1.00 45.39 ? 333 HOH A O   1 
HETATM 1524 O  O   . HOH B 2 .   ? -14.950 10.333  7.586   1.00 36.64 ? 334 HOH A O   1 
HETATM 1525 O  O   . HOH B 2 .   ? -3.455  -16.041 -10.957 1.00 42.54 ? 335 HOH A O   1 
HETATM 1526 O  O   . HOH B 2 .   ? -14.392 0.614   -8.017  1.00 41.04 ? 336 HOH A O   1 
HETATM 1527 O  O   . HOH B 2 .   ? -1.696  -18.945 -6.594  1.00 48.34 ? 337 HOH A O   1 
HETATM 1528 O  O   . HOH B 2 .   ? 5.585   -11.819 3.408   1.00 44.41 ? 338 HOH A O   1 
HETATM 1529 O  O   . HOH B 2 .   ? 8.439   -10.334 8.874   1.00 42.21 ? 339 HOH A O   1 
HETATM 1530 O  O   . HOH B 2 .   ? 10.436  4.782   -8.181  1.00 37.36 ? 340 HOH A O   1 
HETATM 1531 O  O   . HOH B 2 .   ? 6.868   -10.054 -5.154  1.00 35.04 ? 341 HOH A O   1 
HETATM 1532 O  O   . HOH B 2 .   ? -3.078  -13.534 5.961   1.00 33.51 ? 342 HOH A O   1 
HETATM 1533 O  O   . HOH B 2 .   ? -15.435 -3.718  -5.475  1.00 52.64 ? 343 HOH A O   1 
HETATM 1534 O  O   . HOH B 2 .   ? -7.821  15.883  -10.334 1.00 30.45 ? 344 HOH A O   1 
HETATM 1535 O  O   . HOH B 2 .   ? 8.347   11.329  -4.934  1.00 35.17 ? 345 HOH A O   1 
HETATM 1536 O  O   . HOH B 2 .   ? -10.217 14.290  14.506  1.00 39.16 ? 346 HOH A O   1 
HETATM 1537 O  O   . HOH B 2 .   ? -15.526 4.150   2.159   1.00 45.49 ? 347 HOH A O   1 
HETATM 1538 O  O   . HOH B 2 .   ? 7.485   -4.096  19.987  1.00 40.23 ? 348 HOH A O   1 
HETATM 1539 O  O   . HOH B 2 .   ? 10.542  13.365  3.669   1.00 43.70 ? 349 HOH A O   1 
HETATM 1540 O  O   . HOH B 2 .   ? 9.432   -1.747  24.208  1.00 46.38 ? 350 HOH A O   1 
# 
